data_4G6R
# 
_entry.id   4G6R 
# 
_audit_conform.dict_name       mmcif_pdbx.dic 
_audit_conform.dict_version    5.387 
_audit_conform.dict_location   http://mmcif.pdb.org/dictionaries/ascii/mmcif_pdbx.dic 
# 
loop_
_database_2.database_id 
_database_2.database_code 
_database_2.pdbx_database_accession 
_database_2.pdbx_DOI 
PDB   4G6R         pdb_00004g6r 10.2210/pdb4g6r/pdb 
NDB   NA1928       ?            ?                   
RCSB  RCSB073808   ?            ?                   
WWPDB D_1000073808 ?            ?                   
# 
loop_
_pdbx_audit_revision_history.ordinal 
_pdbx_audit_revision_history.data_content_type 
_pdbx_audit_revision_history.major_revision 
_pdbx_audit_revision_history.minor_revision 
_pdbx_audit_revision_history.revision_date 
1 'Structure model' 1 0 2012-08-15 
2 'Structure model' 1 1 2012-11-14 
3 'Structure model' 1 2 2024-02-28 
# 
_pdbx_audit_revision_details.ordinal             1 
_pdbx_audit_revision_details.revision_ordinal    1 
_pdbx_audit_revision_details.data_content_type   'Structure model' 
_pdbx_audit_revision_details.provider            repository 
_pdbx_audit_revision_details.type                'Initial release' 
_pdbx_audit_revision_details.description         ? 
_pdbx_audit_revision_details.details             ? 
# 
loop_
_pdbx_audit_revision_group.ordinal 
_pdbx_audit_revision_group.revision_ordinal 
_pdbx_audit_revision_group.data_content_type 
_pdbx_audit_revision_group.group 
1 2 'Structure model' 'Database references'  
2 3 'Structure model' 'Data collection'      
3 3 'Structure model' 'Database references'  
4 3 'Structure model' 'Derived calculations' 
# 
loop_
_pdbx_audit_revision_category.ordinal 
_pdbx_audit_revision_category.revision_ordinal 
_pdbx_audit_revision_category.data_content_type 
_pdbx_audit_revision_category.category 
1 3 'Structure model' chem_comp_atom               
2 3 'Structure model' chem_comp_bond               
3 3 'Structure model' database_2                   
4 3 'Structure model' pdbx_struct_conn_angle       
5 3 'Structure model' pdbx_struct_special_symmetry 
6 3 'Structure model' struct_conn                  
7 3 'Structure model' struct_site                  
# 
loop_
_pdbx_audit_revision_item.ordinal 
_pdbx_audit_revision_item.revision_ordinal 
_pdbx_audit_revision_item.data_content_type 
_pdbx_audit_revision_item.item 
1  3 'Structure model' '_database_2.pdbx_DOI'                        
2  3 'Structure model' '_database_2.pdbx_database_accession'         
3  3 'Structure model' '_pdbx_struct_conn_angle.ptnr1_auth_asym_id'  
4  3 'Structure model' '_pdbx_struct_conn_angle.ptnr1_auth_seq_id'   
5  3 'Structure model' '_pdbx_struct_conn_angle.ptnr1_label_asym_id' 
6  3 'Structure model' '_pdbx_struct_conn_angle.ptnr3_auth_asym_id'  
7  3 'Structure model' '_pdbx_struct_conn_angle.ptnr3_auth_seq_id'   
8  3 'Structure model' '_pdbx_struct_conn_angle.ptnr3_label_asym_id' 
9  3 'Structure model' '_pdbx_struct_conn_angle.value'               
10 3 'Structure model' '_struct_conn.conn_type_id'                   
11 3 'Structure model' '_struct_conn.id'                             
12 3 'Structure model' '_struct_conn.pdbx_dist_value'                
13 3 'Structure model' '_struct_conn.pdbx_leaving_atom_flag'         
14 3 'Structure model' '_struct_conn.ptnr1_auth_asym_id'             
15 3 'Structure model' '_struct_conn.ptnr1_auth_comp_id'             
16 3 'Structure model' '_struct_conn.ptnr1_auth_seq_id'              
17 3 'Structure model' '_struct_conn.ptnr1_label_asym_id'            
18 3 'Structure model' '_struct_conn.ptnr1_label_atom_id'            
19 3 'Structure model' '_struct_conn.ptnr1_label_comp_id'            
20 3 'Structure model' '_struct_conn.ptnr1_label_seq_id'             
21 3 'Structure model' '_struct_conn.ptnr2_auth_asym_id'             
22 3 'Structure model' '_struct_conn.ptnr2_auth_comp_id'             
23 3 'Structure model' '_struct_conn.ptnr2_auth_seq_id'              
24 3 'Structure model' '_struct_conn.ptnr2_label_asym_id'            
25 3 'Structure model' '_struct_conn.ptnr2_label_atom_id'            
26 3 'Structure model' '_struct_conn.ptnr2_label_comp_id'            
27 3 'Structure model' '_struct_conn.ptnr2_label_seq_id'             
28 3 'Structure model' '_struct_site.pdbx_auth_asym_id'              
29 3 'Structure model' '_struct_site.pdbx_auth_comp_id'              
30 3 'Structure model' '_struct_site.pdbx_auth_seq_id'               
# 
_pdbx_database_status.entry_id                        4G6R 
_pdbx_database_status.status_code                     REL 
_pdbx_database_status.deposit_site                    RCSB 
_pdbx_database_status.process_site                    RCSB 
_pdbx_database_status.recvd_initial_deposition_date   2012-07-19 
_pdbx_database_status.status_code_sf                  REL 
_pdbx_database_status.status_code_mr                  ? 
_pdbx_database_status.SG_entry                        ? 
_pdbx_database_status.status_code_cs                  ? 
_pdbx_database_status.methods_development_category    ? 
_pdbx_database_status.pdb_format_compatible           Y 
_pdbx_database_status.status_code_nmr_data            ? 
# 
loop_
_pdbx_database_related.db_name 
_pdbx_database_related.db_id 
_pdbx_database_related.details 
_pdbx_database_related.content_type 
PDB 4G6P . unspecified 
PDB 4G6S . unspecified 
# 
loop_
_audit_author.name 
_audit_author.pdbx_ordinal 
'Liberman, J.A.' 1 
'Jenkins, J.L.'  2 
'Krucinska, J.'  3 
'Wedekind, J.E.' 4 
# 
_citation.id                        primary 
_citation.title                     
'A Transition-State Interaction Shifts Nucleobase Ionization toward Neutrality To Facilitate Small Ribozyme Catalysis.' 
_citation.journal_abbrev            J.Am.Chem.Soc. 
_citation.journal_volume            134 
_citation.page_first                16933 
_citation.page_last                 16936 
_citation.year                      2012 
_citation.journal_id_ASTM           JACSAT 
_citation.country                   US 
_citation.journal_id_ISSN           0002-7863 
_citation.journal_id_CSD            0004 
_citation.book_publisher            ? 
_citation.pdbx_database_id_PubMed   22989273 
_citation.pdbx_database_id_DOI      10.1021/ja3070528 
# 
loop_
_citation_author.citation_id 
_citation_author.name 
_citation_author.ordinal 
_citation_author.identifier_ORCID 
primary 'Liberman, J.A.' 1 ? 
primary 'Guo, M.'        2 ? 
primary 'Jenkins, J.L.'  3 ? 
primary 'Krucinska, J.'  4 ? 
primary 'Chen, Y.'       5 ? 
primary 'Carey, P.R.'    6 ? 
primary 'Wedekind, J.E.' 7 ? 
# 
loop_
_entity.id 
_entity.type 
_entity.src_method 
_entity.pdbx_description 
_entity.formula_weight 
_entity.pdbx_number_of_molecules 
_entity.pdbx_ec 
_entity.pdbx_mutation 
_entity.pdbx_fragment 
_entity.details 
1 polymer     syn 'Loop A Substrate strand' 4036.471 1 ? ? ? ? 
2 polymer     syn 'Loop A Ribozyme strand'  3955.433 1 ? ? ? ? 
3 polymer     syn 'Loop B Ribozyme Strand'  5535.445 1 ? ? ? ? 
4 polymer     syn 'Loop B S-turn strand'    5991.568 1 ? ? ? ? 
5 non-polymer syn 'SULFATE ION'             96.063   1 ? ? ? ? 
6 non-polymer syn 'MAGNESIUM ION'           24.305   1 ? ? ? ? 
7 water       nat water                     18.015   6 ? ? ? ? 
# 
loop_
_entity_poly.entity_id 
_entity_poly.type 
_entity_poly.nstd_linkage 
_entity_poly.nstd_monomer 
_entity_poly.pdbx_seq_one_letter_code 
_entity_poly.pdbx_seq_one_letter_code_can 
_entity_poly.pdbx_strand_id 
_entity_poly.pdbx_target_identifier 
1 polyribonucleotide no yes 'UCCC(3DA)GUCCACCG' UCCCAGUCCACCG       A ? 
2 polyribonucleotide no no  CGGUGAIAAGGG        CGGUGAIAAGGG        B ? 
3 polyribonucleotide no no  GGCAGAGAAACACACGA   GGCAGAGAAACACACGA   C ? 
4 polyribonucleotide no no  UCGUGGUACAUUACCUGCC UCGUGGUACAUUACCUGCC D ? 
# 
loop_
_pdbx_entity_nonpoly.entity_id 
_pdbx_entity_nonpoly.name 
_pdbx_entity_nonpoly.comp_id 
5 'SULFATE ION'   SO4 
6 'MAGNESIUM ION' MG  
7 water           HOH 
# 
loop_
_entity_poly_seq.entity_id 
_entity_poly_seq.num 
_entity_poly_seq.mon_id 
_entity_poly_seq.hetero 
1 1  U   n 
1 2  C   n 
1 3  C   n 
1 4  C   n 
1 5  3DA n 
1 6  G   n 
1 7  U   n 
1 8  C   n 
1 9  C   n 
1 10 A   n 
1 11 C   n 
1 12 C   n 
1 13 G   n 
2 1  C   n 
2 2  G   n 
2 3  G   n 
2 4  U   n 
2 5  G   n 
2 6  A   n 
2 7  I   n 
2 8  A   n 
2 9  A   n 
2 10 G   n 
2 11 G   n 
2 12 G   n 
3 1  G   n 
3 2  G   n 
3 3  C   n 
3 4  A   n 
3 5  G   n 
3 6  A   n 
3 7  G   n 
3 8  A   n 
3 9  A   n 
3 10 A   n 
3 11 C   n 
3 12 A   n 
3 13 C   n 
3 14 A   n 
3 15 C   n 
3 16 G   n 
3 17 A   n 
4 1  U   n 
4 2  C   n 
4 3  G   n 
4 4  U   n 
4 5  G   n 
4 6  G   n 
4 7  U   n 
4 8  A   n 
4 9  C   n 
4 10 A   n 
4 11 U   n 
4 12 U   n 
4 13 A   n 
4 14 C   n 
4 15 C   n 
4 16 U   n 
4 17 G   n 
4 18 C   n 
4 19 C   n 
# 
loop_
_chem_comp.id 
_chem_comp.type 
_chem_comp.mon_nstd_flag 
_chem_comp.name 
_chem_comp.pdbx_synonyms 
_chem_comp.formula 
_chem_comp.formula_weight 
3DA 'RNA linking' n "3'-DEOXYADENOSINE-5'-MONOPHOSPHATE" ? 'C10 H14 N5 O6 P' 331.222 
A   'RNA linking' y "ADENOSINE-5'-MONOPHOSPHATE"         ? 'C10 H14 N5 O7 P' 347.221 
C   'RNA linking' y "CYTIDINE-5'-MONOPHOSPHATE"          ? 'C9 H14 N3 O8 P'  323.197 
G   'RNA linking' y "GUANOSINE-5'-MONOPHOSPHATE"         ? 'C10 H14 N5 O8 P' 363.221 
HOH non-polymer   . WATER                                ? 'H2 O'            18.015  
I   'RNA linking' y 'INOSINIC ACID'                      ? 'C10 H13 N4 O8 P' 348.206 
MG  non-polymer   . 'MAGNESIUM ION'                      ? 'Mg 2'            24.305  
SO4 non-polymer   . 'SULFATE ION'                        ? 'O4 S -2'         96.063  
U   'RNA linking' y "URIDINE-5'-MONOPHOSPHATE"           ? 'C9 H13 N2 O9 P'  324.181 
# 
loop_
_pdbx_poly_seq_scheme.asym_id 
_pdbx_poly_seq_scheme.entity_id 
_pdbx_poly_seq_scheme.seq_id 
_pdbx_poly_seq_scheme.mon_id 
_pdbx_poly_seq_scheme.ndb_seq_num 
_pdbx_poly_seq_scheme.pdb_seq_num 
_pdbx_poly_seq_scheme.auth_seq_num 
_pdbx_poly_seq_scheme.pdb_mon_id 
_pdbx_poly_seq_scheme.auth_mon_id 
_pdbx_poly_seq_scheme.pdb_strand_id 
_pdbx_poly_seq_scheme.pdb_ins_code 
_pdbx_poly_seq_scheme.hetero 
A 1 1  U   1  1  1  U   U   A . n 
A 1 2  C   2  2  2  C   C   A . n 
A 1 3  C   3  3  3  C   C   A . n 
A 1 4  C   4  4  4  C   C   A . n 
A 1 5  3DA 5  5  5  3DA 3DA A . n 
A 1 6  G   6  6  6  G   G   A . n 
A 1 7  U   7  7  7  U   U   A . n 
A 1 8  C   8  8  8  C   C   A . n 
A 1 9  C   9  9  9  C   C   A . n 
A 1 10 A   10 10 10 A   A   A . n 
A 1 11 C   11 11 11 C   C   A . n 
A 1 12 C   12 12 12 C   C   A . n 
A 1 13 G   13 13 13 G   G   A . n 
B 2 1  C   1  2  2  C   C   B . n 
B 2 2  G   2  3  3  G   G   B . n 
B 2 3  G   3  4  4  G   G   B . n 
B 2 4  U   4  5  5  U   U   B . n 
B 2 5  G   5  6  6  G   G   B . n 
B 2 6  A   6  7  7  A   A   B . n 
B 2 7  I   7  8  8  I   I   B . n 
B 2 8  A   8  9  9  A   A   B . n 
B 2 9  A   9  10 10 A   A   B . n 
B 2 10 G   10 11 11 G   G   B . n 
B 2 11 G   11 12 12 G   G   B . n 
B 2 12 G   12 13 13 G   G   B . n 
C 3 1  G   1  15 15 G   G   C . n 
C 3 2  G   2  16 16 G   G   C . n 
C 3 3  C   3  17 17 C   C   C . n 
C 3 4  A   4  18 18 A   A   C . n 
C 3 5  G   5  19 19 G   G   C . n 
C 3 6  A   6  20 20 A   A   C . n 
C 3 7  G   7  21 21 G   G   C . n 
C 3 8  A   8  22 22 A   A   C . n 
C 3 9  A   9  23 23 A   A   C . n 
C 3 10 A   10 24 24 A   A   C . n 
C 3 11 C   11 25 25 C   C   C . n 
C 3 12 A   12 26 26 A   A   C . n 
C 3 13 C   13 27 27 C   C   C . n 
C 3 14 A   14 28 28 A   A   C . n 
C 3 15 C   15 29 29 C   C   C . n 
C 3 16 G   16 30 30 G   G   C . n 
C 3 17 A   17 31 31 A   A   C . n 
D 4 1  U   1  31 31 U   U   D . n 
D 4 2  C   2  32 32 C   C   D . n 
D 4 3  G   3  33 33 G   G   D . n 
D 4 4  U   4  34 34 U   U   D . n 
D 4 5  G   5  35 35 G   G   D . n 
D 4 6  G   6  36 36 G   G   D . n 
D 4 7  U   7  37 37 U   U   D . n 
D 4 8  A   8  38 38 A   A   D . n 
D 4 9  C   9  39 39 C   C   D . n 
D 4 10 A   10 40 40 A   A   D . n 
D 4 11 U   11 41 41 U   U   D . n 
D 4 12 U   12 42 42 U   U   D . n 
D 4 13 A   13 43 43 A   A   D . n 
D 4 14 C   14 44 44 C   C   D . n 
D 4 15 C   15 45 45 C   C   D . n 
D 4 16 U   16 46 46 U   U   D . n 
D 4 17 G   17 47 47 G   G   D . n 
D 4 18 C   18 48 48 C   C   D . n 
D 4 19 C   19 49 49 C   C   D . n 
# 
loop_
_pdbx_nonpoly_scheme.asym_id 
_pdbx_nonpoly_scheme.entity_id 
_pdbx_nonpoly_scheme.mon_id 
_pdbx_nonpoly_scheme.ndb_seq_num 
_pdbx_nonpoly_scheme.pdb_seq_num 
_pdbx_nonpoly_scheme.auth_seq_num 
_pdbx_nonpoly_scheme.pdb_mon_id 
_pdbx_nonpoly_scheme.auth_mon_id 
_pdbx_nonpoly_scheme.pdb_strand_id 
_pdbx_nonpoly_scheme.pdb_ins_code 
E 5 SO4 1 101 101 SO4 SO4 A . 
F 6 MG  1 101 102 MG  MG  B . 
G 7 HOH 1 201 107 HOH HOH A . 
G 7 HOH 2 202 108 HOH HOH A . 
H 7 HOH 1 201 103 HOH HOH B . 
H 7 HOH 2 202 104 HOH HOH B . 
H 7 HOH 3 203 105 HOH HOH B . 
H 7 HOH 4 204 106 HOH HOH B . 
# 
loop_
_software.pdbx_ordinal 
_software.name 
_software.version 
_software.date 
_software.type 
_software.contact_author 
_software.contact_author_email 
_software.classification 
_software.location 
_software.language 
_software.citation_id 
1 SCALEPACK   .         ?                program 'Zbyszek Otwinowski' hkl@hkl-xray.com         'data scaling'    
http://www.hkl-xray.com/                  ?   ? 
2 PHENIX      1.6.2_432 ?                package 'Paul D. Adams'      PDAdams@lbl.gov          refinement        
http://www.phenix-online.org/             C++ ? 
3 PDB_EXTRACT 3.11      'April 22, 2011' package PDB                  deposit@deposit.rcsb.org 'data extraction' 
http://sw-tools.pdb.org/apps/PDB_EXTRACT/ C++ ? 
4 Blu-Ice     .         ?                ?       ?                    ?                        'data collection' ? ?   ? 
5 HKL-2000    .         ?                ?       ?                    ?                        'data reduction'  ? ?   ? 
6 PHENIX      .         ?                ?       ?                    ?                        phasing           ? ?   ? 
# 
_cell.length_a           93.127 
_cell.length_b           93.127 
_cell.length_c           128.867 
_cell.angle_alpha        90.000 
_cell.angle_beta         90.000 
_cell.angle_gamma        120.000 
_cell.entry_id           4G6R 
_cell.pdbx_unique_axis   ? 
_cell.Z_PDB              12 
_cell.length_a_esd       ? 
_cell.length_b_esd       ? 
_cell.length_c_esd       ? 
_cell.angle_alpha_esd    ? 
_cell.angle_beta_esd     ? 
_cell.angle_gamma_esd    ? 
# 
_symmetry.space_group_name_H-M             'P 61 2 2' 
_symmetry.entry_id                         4G6R 
_symmetry.Int_Tables_number                178 
_symmetry.pdbx_full_space_group_name_H-M   ? 
_symmetry.cell_setting                     ? 
_symmetry.space_group_name_Hall            ? 
# 
_exptl.crystals_number   1 
_exptl.entry_id          4G6R 
_exptl.method            'X-RAY DIFFRACTION' 
# 
_exptl_crystal.id                    1 
_exptl_crystal.density_Matthews      4.13 
_exptl_crystal.density_meas          ? 
_exptl_crystal.density_percent_sol   70.23 
_exptl_crystal.description           ? 
_exptl_crystal.F_000                 ? 
_exptl_crystal.preparation           ? 
# 
_exptl_crystal_grow.crystal_id      1 
_exptl_crystal_grow.method          'VAPOR DIFFUSION, HANGING DROP' 
_exptl_crystal_grow.pH              7.0 
_exptl_crystal_grow.temp            295 
_exptl_crystal_grow.pdbx_details    
;22% (w/v) PEG 2000 MME, 0.1M HEPES pH=7.0, 0.25 M Lithium Sulfate, 1mM Cobalt Hexamine, 2mM spermadine, vapor diffusion, Hanging Drop, temperature 295K
;
_exptl_crystal_grow.temp_details    ? 
_exptl_crystal_grow.pdbx_pH_range   ? 
# 
_diffrn.id                     1 
_diffrn.ambient_temp           100 
_diffrn.ambient_temp_details   ? 
_diffrn.crystal_id             1 
# 
_diffrn_detector.diffrn_id              1 
_diffrn_detector.detector               CCD 
_diffrn_detector.type                   'MARMOSAIC 325 mm CCD' 
_diffrn_detector.pdbx_collection_date   2010-02-05 
_diffrn_detector.details                'Rh coated flat mirror' 
# 
_diffrn_radiation.diffrn_id                        1 
_diffrn_radiation.pdbx_diffrn_protocol             'SINGLE WAVELENGTH' 
_diffrn_radiation.monochromator                    'Si(111)' 
_diffrn_radiation.wavelength_id                    1 
_diffrn_radiation.pdbx_monochromatic_or_laue_m_l   ? 
_diffrn_radiation.pdbx_scattering_type             x-ray 
# 
_diffrn_radiation_wavelength.id           1 
_diffrn_radiation_wavelength.wavelength   0.97885 
_diffrn_radiation_wavelength.wt           1.0 
# 
_diffrn_source.diffrn_id                   1 
_diffrn_source.source                      SYNCHROTRON 
_diffrn_source.type                        'SSRL BEAMLINE BL11-1' 
_diffrn_source.pdbx_wavelength_list        0.97885 
_diffrn_source.pdbx_wavelength             ? 
_diffrn_source.pdbx_synchrotron_site       SSRL 
_diffrn_source.pdbx_synchrotron_beamline   BL11-1 
# 
_reflns.entry_id                     4G6R 
_reflns.d_resolution_high            2.830 
_reflns.d_resolution_low             35.000 
_reflns.number_obs                   8172 
_reflns.pdbx_Rmerge_I_obs            0.059 
_reflns.pdbx_netI_over_sigmaI        18.200 
_reflns.pdbx_chi_squared             1.209 
_reflns.pdbx_redundancy              6.700 
_reflns.percent_possible_obs         97.600 
_reflns.observed_criterion_sigma_F   ? 
_reflns.observed_criterion_sigma_I   ? 
_reflns.number_all                   ? 
_reflns.B_iso_Wilson_estimate        ? 
_reflns.R_free_details               ? 
_reflns.limit_h_max                  ? 
_reflns.limit_h_min                  ? 
_reflns.limit_k_max                  ? 
_reflns.limit_k_min                  ? 
_reflns.limit_l_max                  ? 
_reflns.limit_l_min                  ? 
_reflns.observed_criterion_F_max     ? 
_reflns.observed_criterion_F_min     ? 
_reflns.pdbx_scaling_rejects         ? 
_reflns.pdbx_ordinal                 1 
_reflns.pdbx_diffrn_id               1 
_reflns.pdbx_Rsym_value              ? 
# 
loop_
_reflns_shell.d_res_high 
_reflns_shell.d_res_low 
_reflns_shell.number_measured_obs 
_reflns_shell.number_measured_all 
_reflns_shell.number_unique_obs 
_reflns_shell.Rmerge_I_obs 
_reflns_shell.meanI_over_sigI_obs 
_reflns_shell.pdbx_Rsym_value 
_reflns_shell.pdbx_chi_squared 
_reflns_shell.pdbx_redundancy 
_reflns_shell.percent_possible_obs 
_reflns_shell.number_unique_all 
_reflns_shell.percent_possible_all 
_reflns_shell.pdbx_ordinal 
_reflns_shell.pdbx_diffrn_id 
2.830 2.930  ? ? ? 0.656 ? ? 0.850 6.700 ? 771 95.100 1  1 
2.930 3.050  ? ? ? 0.325 ? ? 0.986 7.000 ? 790 98.000 2  1 
3.050 3.190  ? ? ? 0.147 ? ? 1.191 7.100 ? 797 98.600 3  1 
3.190 3.350  ? ? ? 0.098 ? ? 1.282 7.100 ? 803 98.500 4  1 
3.350 3.560  ? ? ? 0.090 ? ? 1.376 7.000 ? 809 98.500 5  1 
3.560 3.840  ? ? ? 0.074 ? ? 1.511 6.900 ? 818 98.800 6  1 
3.840 4.230  ? ? ? 0.061 ? ? 1.345 6.700 ? 822 98.300 7  1 
4.230 4.840  ? ? ? 0.058 ? ? 1.175 6.600 ? 821 98.200 8  1 
4.840 6.090  ? ? ? 0.049 ? ? 1.263 6.400 ? 853 98.500 9  1 
6.090 35.000 ? ? ? 0.041 ? ? 1.073 6.100 ? 888 93.800 10 1 
# 
_refine.entry_id                                 4G6R 
_refine.ls_d_res_high                            2.8320 
_refine.ls_d_res_low                             25.1700 
_refine.pdbx_ls_sigma_F                          0.000 
_refine.pdbx_data_cutoff_high_absF               ? 
_refine.pdbx_data_cutoff_low_absF                ? 
_refine.ls_percent_reflns_obs                    93.8900 
_refine.ls_number_reflns_obs                     7821 
_refine.ls_number_reflns_all                     ? 
_refine.pdbx_ls_cross_valid_method               ? 
_refine.pdbx_R_Free_selection_details            'Copied from PDB ID 2P7F' 
_refine.details                                  ? 
_refine.ls_R_factor_obs                          0.1788 
_refine.ls_R_factor_R_work                       0.1765 
_refine.ls_wR_factor_R_work                      ? 
_refine.ls_R_factor_R_free                       0.2202 
_refine.ls_wR_factor_R_free                      ? 
_refine.ls_percent_reflns_R_free                 5.1000 
_refine.ls_number_reflns_R_free                  399 
_refine.ls_R_factor_R_free_error                 ? 
_refine.B_iso_mean                               90.8369 
_refine.solvent_model_param_bsol                 53.0560 
_refine.solvent_model_param_ksol                 0.3080 
_refine.pdbx_isotropic_thermal_model             ? 
_refine.aniso_B[1][1]                            -20.7450 
_refine.aniso_B[2][2]                            -20.7450 
_refine.aniso_B[3][3]                            41.4901 
_refine.aniso_B[1][2]                            0.0000 
_refine.aniso_B[1][3]                            0.0000 
_refine.aniso_B[2][3]                            -0.0000 
_refine.correlation_coeff_Fo_to_Fc               ? 
_refine.correlation_coeff_Fo_to_Fc_free          ? 
_refine.overall_SU_R_Cruickshank_DPI             ? 
_refine.overall_SU_R_free                        ? 
_refine.pdbx_overall_ESU_R                       ? 
_refine.pdbx_overall_ESU_R_Free                  ? 
_refine.overall_SU_ML                            0.2900 
_refine.overall_SU_B                             ? 
_refine.solvent_model_details                    'FLAT BULK SOLVENT MODEL' 
_refine.pdbx_solvent_vdw_probe_radii             1.0000 
_refine.pdbx_solvent_ion_probe_radii             ? 
_refine.pdbx_solvent_shrinkage_radii             0.7200 
_refine.ls_number_parameters                     ? 
_refine.ls_number_restraints                     ? 
_refine.pdbx_starting_model                      ? 
_refine.pdbx_method_to_determine_struct          'FOURIER SYNTHESIS' 
_refine.pdbx_stereochemistry_target_values       ML 
_refine.pdbx_stereochem_target_val_spec_case     ? 
_refine.overall_FOM_work_R_set                   ? 
_refine.B_iso_max                                138.680 
_refine.B_iso_min                                64.380 
_refine.pdbx_overall_phase_error                 29.6400 
_refine.occupancy_max                            1.000 
_refine.occupancy_min                            0.450 
_refine.pdbx_ls_sigma_I                          ? 
_refine.ls_redundancy_reflns_obs                 ? 
_refine.ls_R_factor_R_free_error_details         ? 
_refine.pdbx_data_cutoff_high_rms_absF           ? 
_refine.overall_FOM_free_R_set                   ? 
_refine.pdbx_diffrn_id                           1 
_refine.pdbx_refine_id                           'X-RAY DIFFRACTION' 
_refine.ls_R_factor_all                          ? 
_refine.pdbx_TLS_residual_ADP_flag               ? 
_refine.pdbx_overall_SU_R_free_Cruickshank_DPI   ? 
_refine.pdbx_overall_SU_R_Blow_DPI               ? 
_refine.pdbx_overall_SU_R_free_Blow_DPI          ? 
# 
_refine_hist.pdbx_refine_id                   'X-RAY DIFFRACTION' 
_refine_hist.cycle_id                         LAST 
_refine_hist.pdbx_number_atoms_protein        0 
_refine_hist.pdbx_number_atoms_nucleic_acid   1292 
_refine_hist.pdbx_number_atoms_ligand         6 
_refine_hist.number_atoms_solvent             6 
_refine_hist.number_atoms_total               1304 
_refine_hist.d_res_high                       2.8320 
_refine_hist.d_res_low                        25.1700 
# 
loop_
_refine_ls_restr.type 
_refine_ls_restr.number 
_refine_ls_restr.dev_ideal 
_refine_ls_restr.dev_ideal_target 
_refine_ls_restr.weight 
_refine_ls_restr.pdbx_restraint_function 
_refine_ls_restr.pdbx_refine_id 
f_bond_d           1477 0.008  ? ? ? 'X-RAY DIFFRACTION' 
f_angle_d          2292 0.881  ? ? ? 'X-RAY DIFFRACTION' 
f_chiral_restr     303  0.056  ? ? ? 'X-RAY DIFFRACTION' 
f_plane_restr      62   0.010  ? ? ? 'X-RAY DIFFRACTION' 
f_dihedral_angle_d 747  16.994 ? ? ? 'X-RAY DIFFRACTION' 
# 
loop_
_refine_ls_shell.d_res_high 
_refine_ls_shell.d_res_low 
_refine_ls_shell.pdbx_total_number_of_bins_used 
_refine_ls_shell.percent_reflns_obs 
_refine_ls_shell.number_reflns_R_work 
_refine_ls_shell.R_factor_all 
_refine_ls_shell.R_factor_R_work 
_refine_ls_shell.R_factor_R_free 
_refine_ls_shell.percent_reflns_R_free 
_refine_ls_shell.number_reflns_R_free 
_refine_ls_shell.R_factor_R_free_error 
_refine_ls_shell.number_reflns_all 
_refine_ls_shell.number_reflns_obs 
_refine_ls_shell.redundancy_reflns_obs 
_refine_ls_shell.pdbx_refine_id 
2.832  3.2413 3 87.0000 2208 . 0.3187 0.4218 . 126 . 2334 . . 'X-RAY DIFFRACTION' 
3.2413 4.0808 3 97.0000 2522 . 0.1953 0.2304 . 122 . 2644 . . 'X-RAY DIFFRACTION' 
4.0808 25.17  3 98.0000 2692 . 0.1425 0.1767 . 151 . 2843 . . 'X-RAY DIFFRACTION' 
# 
_struct.entry_id                  4G6R 
_struct.title                     'Minimal Hairpin Ribozyme in the Transition State with G8I Variation' 
_struct.pdbx_model_details        ? 
_struct.pdbx_CASP_flag            ? 
_struct.pdbx_model_type_details   ? 
# 
_struct_keywords.entry_id        4G6R 
_struct_keywords.text            'RNA, Structure-activity relationship, Nucleic Acid Conformation' 
_struct_keywords.pdbx_keywords   RNA 
# 
loop_
_struct_asym.id 
_struct_asym.pdbx_blank_PDB_chainid_flag 
_struct_asym.pdbx_modified 
_struct_asym.entity_id 
_struct_asym.details 
A N N 1 ? 
B N N 2 ? 
C N N 3 ? 
D N N 4 ? 
E N N 5 ? 
F N N 6 ? 
G N N 7 ? 
H N N 7 ? 
# 
loop_
_struct_ref.id 
_struct_ref.db_name 
_struct_ref.db_code 
_struct_ref.pdbx_db_accession 
_struct_ref.entity_id 
_struct_ref.pdbx_seq_one_letter_code 
_struct_ref.pdbx_align_begin 
_struct_ref.pdbx_db_isoform 
1 PDB 4G6R 4G6R 1 UCCCAGUCCACCG       ? ? 
2 PDB 4G6R 4G6R 2 CGGUGAIAAGGG        ? ? 
3 PDB 4G6R 4G6R 3 GGCAGAGAAACACACGA   ? ? 
4 PDB 4G6R 4G6R 4 UCGUGGUACAUUACCUGCC ? ? 
# 
loop_
_struct_ref_seq.align_id 
_struct_ref_seq.ref_id 
_struct_ref_seq.pdbx_PDB_id_code 
_struct_ref_seq.pdbx_strand_id 
_struct_ref_seq.seq_align_beg 
_struct_ref_seq.pdbx_seq_align_beg_ins_code 
_struct_ref_seq.seq_align_end 
_struct_ref_seq.pdbx_seq_align_end_ins_code 
_struct_ref_seq.pdbx_db_accession 
_struct_ref_seq.db_align_beg 
_struct_ref_seq.pdbx_db_align_beg_ins_code 
_struct_ref_seq.db_align_end 
_struct_ref_seq.pdbx_db_align_end_ins_code 
_struct_ref_seq.pdbx_auth_seq_align_beg 
_struct_ref_seq.pdbx_auth_seq_align_end 
1 1 4G6R A 1 ? 13 ? 4G6R 1  ? 13 ? 1  13 
2 2 4G6R B 1 ? 12 ? 4G6R 2  ? 13 ? 2  13 
3 3 4G6R C 1 ? 17 ? 4G6R 15 ? 31 ? 15 31 
4 4 4G6R D 1 ? 19 ? 4G6R 31 ? 49 ? 31 49 
# 
_pdbx_struct_assembly.id                   1 
_pdbx_struct_assembly.details              author_and_software_defined_assembly 
_pdbx_struct_assembly.method_details       PISA 
_pdbx_struct_assembly.oligomeric_details   tetrameric 
_pdbx_struct_assembly.oligomeric_count     4 
# 
loop_
_pdbx_struct_assembly_prop.biol_id 
_pdbx_struct_assembly_prop.type 
_pdbx_struct_assembly_prop.value 
_pdbx_struct_assembly_prop.details 
1 'ABSA (A^2)' 5560 ? 
1 MORE         -23  ? 
1 'SSA (A^2)'  9220 ? 
# 
_pdbx_struct_assembly_gen.assembly_id       1 
_pdbx_struct_assembly_gen.oper_expression   1 
_pdbx_struct_assembly_gen.asym_id_list      A,B,C,D,E,F,G,H 
# 
_pdbx_struct_oper_list.id                   1 
_pdbx_struct_oper_list.type                 'identity operation' 
_pdbx_struct_oper_list.name                 1_555 
_pdbx_struct_oper_list.symmetry_operation   x,y,z 
_pdbx_struct_oper_list.matrix[1][1]         1.0000000000 
_pdbx_struct_oper_list.matrix[1][2]         0.0000000000 
_pdbx_struct_oper_list.matrix[1][3]         0.0000000000 
_pdbx_struct_oper_list.vector[1]            0.0000000000 
_pdbx_struct_oper_list.matrix[2][1]         0.0000000000 
_pdbx_struct_oper_list.matrix[2][2]         1.0000000000 
_pdbx_struct_oper_list.matrix[2][3]         0.0000000000 
_pdbx_struct_oper_list.vector[2]            0.0000000000 
_pdbx_struct_oper_list.matrix[3][1]         0.0000000000 
_pdbx_struct_oper_list.matrix[3][2]         0.0000000000 
_pdbx_struct_oper_list.matrix[3][3]         1.0000000000 
_pdbx_struct_oper_list.vector[3]            0.0000000000 
# 
_struct_biol.id        1 
_struct_biol.details   ? 
# 
loop_
_struct_conn.id 
_struct_conn.conn_type_id 
_struct_conn.pdbx_leaving_atom_flag 
_struct_conn.pdbx_PDB_id 
_struct_conn.ptnr1_label_asym_id 
_struct_conn.ptnr1_label_comp_id 
_struct_conn.ptnr1_label_seq_id 
_struct_conn.ptnr1_label_atom_id 
_struct_conn.pdbx_ptnr1_label_alt_id 
_struct_conn.pdbx_ptnr1_PDB_ins_code 
_struct_conn.pdbx_ptnr1_standard_comp_id 
_struct_conn.ptnr1_symmetry 
_struct_conn.ptnr2_label_asym_id 
_struct_conn.ptnr2_label_comp_id 
_struct_conn.ptnr2_label_seq_id 
_struct_conn.ptnr2_label_atom_id 
_struct_conn.pdbx_ptnr2_label_alt_id 
_struct_conn.pdbx_ptnr2_PDB_ins_code 
_struct_conn.ptnr1_auth_asym_id 
_struct_conn.ptnr1_auth_comp_id 
_struct_conn.ptnr1_auth_seq_id 
_struct_conn.ptnr2_auth_asym_id 
_struct_conn.ptnr2_auth_comp_id 
_struct_conn.ptnr2_auth_seq_id 
_struct_conn.ptnr2_symmetry 
_struct_conn.pdbx_ptnr3_label_atom_id 
_struct_conn.pdbx_ptnr3_label_seq_id 
_struct_conn.pdbx_ptnr3_label_comp_id 
_struct_conn.pdbx_ptnr3_label_asym_id 
_struct_conn.pdbx_ptnr3_label_alt_id 
_struct_conn.pdbx_ptnr3_PDB_ins_code 
_struct_conn.details 
_struct_conn.pdbx_dist_value 
_struct_conn.pdbx_value_order 
_struct_conn.pdbx_role 
covale1  covale both ? A C   4  "O3'" ? ? ? 1_555 A 3DA 5  P  ? ? A C   4   A 3DA 5   1_555 ? ? ? ? ? ? ?                    1.602 
? ? 
covale2  covale one  ? A 3DA 5  "O2'" ? ? ? 1_555 A G   6  P  ? ? A 3DA 5   A G   6   1_555 ? ? ? ? ? ? ?                    1.616 
? ? 
metalc1  metalc ?    ? G HOH .  O     ? ? ? 1_555 F MG  .  MG ? ? A HOH 201 B MG  101 1_555 ? ? ? ? ? ? ?                    2.141 
? ? 
metalc2  metalc ?    ? G HOH .  O     ? ? ? 1_555 F MG  .  MG ? ? A HOH 202 B MG  101 1_555 ? ? ? ? ? ? ?                    2.096 
? ? 
metalc3  metalc ?    ? F MG  .  MG    ? ? ? 1_555 H HOH .  O  ? ? B MG  101 B HOH 201 1_555 ? ? ? ? ? ? ?                    2.132 
? ? 
metalc4  metalc ?    ? F MG  .  MG    ? ? ? 1_555 H HOH .  O  ? ? B MG  101 B HOH 202 1_555 ? ? ? ? ? ? ?                    2.179 
? ? 
metalc5  metalc ?    ? F MG  .  MG    ? ? ? 1_555 H HOH .  O  ? ? B MG  101 B HOH 203 1_555 ? ? ? ? ? ? ?                    2.018 
? ? 
metalc6  metalc ?    ? F MG  .  MG    ? ? ? 1_555 H HOH .  O  ? ? B MG  101 B HOH 204 1_555 ? ? ? ? ? ? ?                    2.188 
? ? 
hydrog1  hydrog ?    ? A C   2  N3    ? ? ? 1_555 B G   12 N1 ? ? A C   2   B G   13  1_555 ? ? ? ? ? ? WATSON-CRICK         ?     
? ? 
hydrog2  hydrog ?    ? A C   2  N4    ? ? ? 1_555 B G   12 O6 ? ? A C   2   B G   13  1_555 ? ? ? ? ? ? WATSON-CRICK         ?     
? ? 
hydrog3  hydrog ?    ? A C   2  O2    ? ? ? 1_555 B G   12 N2 ? ? A C   2   B G   13  1_555 ? ? ? ? ? ? WATSON-CRICK         ?     
? ? 
hydrog4  hydrog ?    ? A C   3  N3    ? ? ? 1_555 B G   11 N1 ? ? A C   3   B G   12  1_555 ? ? ? ? ? ? WATSON-CRICK         ?     
? ? 
hydrog5  hydrog ?    ? A C   3  N4    ? ? ? 1_555 B G   11 O6 ? ? A C   3   B G   12  1_555 ? ? ? ? ? ? WATSON-CRICK         ?     
? ? 
hydrog6  hydrog ?    ? A C   3  O2    ? ? ? 1_555 B G   11 N2 ? ? A C   3   B G   12  1_555 ? ? ? ? ? ? WATSON-CRICK         ?     
? ? 
hydrog7  hydrog ?    ? A C   4  N3    ? ? ? 1_555 B G   10 N1 ? ? A C   4   B G   11  1_555 ? ? ? ? ? ? WATSON-CRICK         ?     
? ? 
hydrog8  hydrog ?    ? A C   4  N4    ? ? ? 1_555 B G   10 O6 ? ? A C   4   B G   11  1_555 ? ? ? ? ? ? WATSON-CRICK         ?     
? ? 
hydrog9  hydrog ?    ? A C   4  O2    ? ? ? 1_555 B G   10 N2 ? ? A C   4   B G   11  1_555 ? ? ? ? ? ? WATSON-CRICK         ?     
? ? 
hydrog10 hydrog ?    ? A 3DA 5  N3    ? ? ? 1_555 B A   8  N6 ? ? A 3DA 5   B A   9   1_555 ? ? ? ? ? ? '3DA-A MISPAIR'      ?     
? ? 
hydrog11 hydrog ?    ? A 3DA 5  N3    ? ? ? 1_555 B A   9  N6 ? ? A 3DA 5   B A   10  1_555 ? ? ? ? ? ? '3DA-A MISPAIR'      ?     
? ? 
hydrog12 hydrog ?    ? A G   6  N1    ? ? ? 1_555 C C   11 N3 ? ? A G   6   C C   25  1_555 ? ? ? ? ? ? WATSON-CRICK         ?     
? ? 
hydrog13 hydrog ?    ? A G   6  N2    ? ? ? 1_555 C C   11 O2 ? ? A G   6   C C   25  1_555 ? ? ? ? ? ? WATSON-CRICK         ?     
? ? 
hydrog14 hydrog ?    ? A G   6  O6    ? ? ? 1_555 C C   11 N4 ? ? A G   6   C C   25  1_555 ? ? ? ? ? ? WATSON-CRICK         ?     
? ? 
hydrog15 hydrog ?    ? A C   8  N4    ? ? ? 1_555 B A   6  N1 ? ? A C   8   B A   7   1_555 ? ? ? ? ? ? 'C-A MISPAIR'        ?     
? ? 
hydrog16 hydrog ?    ? A C   9  N3    ? ? ? 1_555 B G   5  N1 ? ? A C   9   B G   6   1_555 ? ? ? ? ? ? WATSON-CRICK         ?     
? ? 
hydrog17 hydrog ?    ? A C   9  N4    ? ? ? 1_555 B G   5  O6 ? ? A C   9   B G   6   1_555 ? ? ? ? ? ? WATSON-CRICK         ?     
? ? 
hydrog18 hydrog ?    ? A C   9  O2    ? ? ? 1_555 B G   5  N2 ? ? A C   9   B G   6   1_555 ? ? ? ? ? ? WATSON-CRICK         ?     
? ? 
hydrog19 hydrog ?    ? A A   10 N1    ? ? ? 1_555 B U   4  N3 ? ? A A   10  B U   5   1_555 ? ? ? ? ? ? WATSON-CRICK         ?     
? ? 
hydrog20 hydrog ?    ? A A   10 N6    ? ? ? 1_555 B U   4  O4 ? ? A A   10  B U   5   1_555 ? ? ? ? ? ? WATSON-CRICK         ?     
? ? 
hydrog21 hydrog ?    ? A C   11 N3    ? ? ? 1_555 B G   3  N1 ? ? A C   11  B G   4   1_555 ? ? ? ? ? ? WATSON-CRICK         ?     
? ? 
hydrog22 hydrog ?    ? A C   11 N4    ? ? ? 1_555 B G   3  O6 ? ? A C   11  B G   4   1_555 ? ? ? ? ? ? WATSON-CRICK         ?     
? ? 
hydrog23 hydrog ?    ? A C   11 O2    ? ? ? 1_555 B G   3  N2 ? ? A C   11  B G   4   1_555 ? ? ? ? ? ? WATSON-CRICK         ?     
? ? 
hydrog24 hydrog ?    ? A C   12 N3    ? ? ? 1_555 B G   2  N1 ? ? A C   12  B G   3   1_555 ? ? ? ? ? ? WATSON-CRICK         ?     
? ? 
hydrog25 hydrog ?    ? A C   12 N4    ? ? ? 1_555 B G   2  O6 ? ? A C   12  B G   3   1_555 ? ? ? ? ? ? WATSON-CRICK         ?     
? ? 
hydrog26 hydrog ?    ? A C   12 O2    ? ? ? 1_555 B G   2  N2 ? ? A C   12  B G   3   1_555 ? ? ? ? ? ? WATSON-CRICK         ?     
? ? 
hydrog27 hydrog ?    ? A G   13 N1    ? ? ? 1_555 B C   1  N3 ? ? A G   13  B C   2   1_555 ? ? ? ? ? ? WATSON-CRICK         ?     
? ? 
hydrog28 hydrog ?    ? A G   13 N2    ? ? ? 1_555 B C   1  O2 ? ? A G   13  B C   2   1_555 ? ? ? ? ? ? WATSON-CRICK         ?     
? ? 
hydrog29 hydrog ?    ? A G   13 O6    ? ? ? 1_555 B C   1  N4 ? ? A G   13  B C   2   1_555 ? ? ? ? ? ? WATSON-CRICK         ?     
? ? 
hydrog30 hydrog ?    ? C G   1  N1    ? ? ? 1_555 D C   19 N3 ? ? C G   15  D C   49  1_555 ? ? ? ? ? ? WATSON-CRICK         ?     
? ? 
hydrog31 hydrog ?    ? C G   1  N2    ? ? ? 1_555 D C   19 O2 ? ? C G   15  D C   49  1_555 ? ? ? ? ? ? WATSON-CRICK         ?     
? ? 
hydrog32 hydrog ?    ? C G   1  O6    ? ? ? 1_555 D C   19 N4 ? ? C G   15  D C   49  1_555 ? ? ? ? ? ? WATSON-CRICK         ?     
? ? 
hydrog33 hydrog ?    ? C G   2  N1    ? ? ? 1_555 D C   18 N3 ? ? C G   16  D C   48  1_555 ? ? ? ? ? ? 'G-C PAIR'           ?     
? ? 
hydrog34 hydrog ?    ? C C   3  N3    ? ? ? 1_555 D G   17 N1 ? ? C C   17  D G   47  1_555 ? ? ? ? ? ? WATSON-CRICK         ?     
? ? 
hydrog35 hydrog ?    ? C C   3  N4    ? ? ? 1_555 D G   17 O6 ? ? C C   17  D G   47  1_555 ? ? ? ? ? ? WATSON-CRICK         ?     
? ? 
hydrog36 hydrog ?    ? C C   3  O2    ? ? ? 1_555 D G   17 N2 ? ? C C   17  D G   47  1_555 ? ? ? ? ? ? WATSON-CRICK         ?     
? ? 
hydrog37 hydrog ?    ? C A   4  N1    ? ? ? 1_555 D U   16 N3 ? ? C A   18  D U   46  1_555 ? ? ? ? ? ? WATSON-CRICK         ?     
? ? 
hydrog38 hydrog ?    ? C A   4  N6    ? ? ? 1_555 D U   16 O4 ? ? C A   18  D U   46  1_555 ? ? ? ? ? ? WATSON-CRICK         ?     
? ? 
hydrog39 hydrog ?    ? C G   5  N1    ? ? ? 1_555 D C   15 N3 ? ? C G   19  D C   45  1_555 ? ? ? ? ? ? WATSON-CRICK         ?     
? ? 
hydrog40 hydrog ?    ? C G   5  N2    ? ? ? 1_555 D C   15 O2 ? ? C G   19  D C   45  1_555 ? ? ? ? ? ? WATSON-CRICK         ?     
? ? 
hydrog41 hydrog ?    ? C G   5  O6    ? ? ? 1_555 D C   15 N4 ? ? C G   19  D C   45  1_555 ? ? ? ? ? ? WATSON-CRICK         ?     
? ? 
hydrog42 hydrog ?    ? C A   6  N1    ? ? ? 1_555 D C   14 N4 ? ? C A   20  D C   44  1_555 ? ? ? ? ? ? 'A-C MISPAIR'        ?     
? ? 
hydrog43 hydrog ?    ? C G   7  N2    ? ? ? 1_555 D A   13 N7 ? ? C G   21  D A   43  1_555 ? ? ? ? ? ? 'G-A MISPAIR'        ?     
? ? 
hydrog44 hydrog ?    ? C A   8  N6    ? ? ? 1_555 D U   11 O2 ? ? C A   22  D U   41  1_555 ? ? ? ? ? ? 'REVERSED HOOGSTEEN' ?     
? ? 
hydrog45 hydrog ?    ? C A   8  N7    ? ? ? 1_555 D U   11 N3 ? ? C A   22  D U   41  1_555 ? ? ? ? ? ? 'REVERSED HOOGSTEEN' ?     
? ? 
hydrog46 hydrog ?    ? C A   9  N6    ? ? ? 1_555 D A   10 N1 ? ? C A   23  D A   40  1_555 ? ? ? ? ? ? 'A-A MISPAIR'        ?     
? ? 
hydrog47 hydrog ?    ? C A   10 N6    ? ? ? 1_555 D A   8  N7 ? ? C A   24  D A   38  1_555 ? ? ? ? ? ? 'A-A MISPAIR'        ?     
? ? 
hydrog48 hydrog ?    ? C A   12 N1    ? ? ? 1_555 D G   6  N1 ? ? C A   26  D G   36  1_555 ? ? ? ? ? ? TYPE_8_PAIR          ?     
? ? 
hydrog49 hydrog ?    ? C A   12 N6    ? ? ? 1_555 D G   6  O6 ? ? C A   26  D G   36  1_555 ? ? ? ? ? ? TYPE_8_PAIR          ?     
? ? 
hydrog50 hydrog ?    ? C C   13 N3    ? ? ? 1_555 D G   5  N1 ? ? C C   27  D G   35  1_555 ? ? ? ? ? ? WATSON-CRICK         ?     
? ? 
hydrog51 hydrog ?    ? C C   13 N4    ? ? ? 1_555 D G   5  O6 ? ? C C   27  D G   35  1_555 ? ? ? ? ? ? WATSON-CRICK         ?     
? ? 
hydrog52 hydrog ?    ? C C   13 O2    ? ? ? 1_555 D G   5  N2 ? ? C C   27  D G   35  1_555 ? ? ? ? ? ? WATSON-CRICK         ?     
? ? 
hydrog53 hydrog ?    ? C A   14 N1    ? ? ? 1_555 D U   4  N3 ? ? C A   28  D U   34  1_555 ? ? ? ? ? ? WATSON-CRICK         ?     
? ? 
hydrog54 hydrog ?    ? C A   14 N6    ? ? ? 1_555 D U   4  O4 ? ? C A   28  D U   34  1_555 ? ? ? ? ? ? WATSON-CRICK         ?     
? ? 
hydrog55 hydrog ?    ? C C   15 N3    ? ? ? 1_555 D G   3  N1 ? ? C C   29  D G   33  1_555 ? ? ? ? ? ? WATSON-CRICK         ?     
? ? 
hydrog56 hydrog ?    ? C C   15 N4    ? ? ? 1_555 D G   3  O6 ? ? C C   29  D G   33  1_555 ? ? ? ? ? ? WATSON-CRICK         ?     
? ? 
hydrog57 hydrog ?    ? C C   15 O2    ? ? ? 1_555 D G   3  N2 ? ? C C   29  D G   33  1_555 ? ? ? ? ? ? WATSON-CRICK         ?     
? ? 
hydrog58 hydrog ?    ? C G   16 N1    ? ? ? 1_555 D C   2  N3 ? ? C G   30  D C   32  1_555 ? ? ? ? ? ? WATSON-CRICK         ?     
? ? 
hydrog59 hydrog ?    ? C G   16 N2    ? ? ? 1_555 D C   2  O2 ? ? C G   30  D C   32  1_555 ? ? ? ? ? ? WATSON-CRICK         ?     
? ? 
hydrog60 hydrog ?    ? C G   16 O6    ? ? ? 1_555 D C   2  N4 ? ? C G   30  D C   32  1_555 ? ? ? ? ? ? WATSON-CRICK         ?     
? ? 
hydrog61 hydrog ?    ? C A   17 N1    ? ? ? 1_555 D U   1  N3 ? ? C A   31  D U   31  1_555 ? ? ? ? ? ? WATSON-CRICK         ?     
? ? 
hydrog62 hydrog ?    ? C A   17 N6    ? ? ? 1_555 D U   1  O4 ? ? C A   31  D U   31  1_555 ? ? ? ? ? ? WATSON-CRICK         ?     
? ? 
# 
loop_
_struct_conn_type.id 
_struct_conn_type.criteria 
_struct_conn_type.reference 
covale ? ? 
metalc ? ? 
hydrog ? ? 
# 
loop_
_pdbx_struct_conn_angle.id 
_pdbx_struct_conn_angle.ptnr1_label_atom_id 
_pdbx_struct_conn_angle.ptnr1_label_alt_id 
_pdbx_struct_conn_angle.ptnr1_label_asym_id 
_pdbx_struct_conn_angle.ptnr1_label_comp_id 
_pdbx_struct_conn_angle.ptnr1_label_seq_id 
_pdbx_struct_conn_angle.ptnr1_auth_atom_id 
_pdbx_struct_conn_angle.ptnr1_auth_asym_id 
_pdbx_struct_conn_angle.ptnr1_auth_comp_id 
_pdbx_struct_conn_angle.ptnr1_auth_seq_id 
_pdbx_struct_conn_angle.ptnr1_PDB_ins_code 
_pdbx_struct_conn_angle.ptnr1_symmetry 
_pdbx_struct_conn_angle.ptnr2_label_atom_id 
_pdbx_struct_conn_angle.ptnr2_label_alt_id 
_pdbx_struct_conn_angle.ptnr2_label_asym_id 
_pdbx_struct_conn_angle.ptnr2_label_comp_id 
_pdbx_struct_conn_angle.ptnr2_label_seq_id 
_pdbx_struct_conn_angle.ptnr2_auth_atom_id 
_pdbx_struct_conn_angle.ptnr2_auth_asym_id 
_pdbx_struct_conn_angle.ptnr2_auth_comp_id 
_pdbx_struct_conn_angle.ptnr2_auth_seq_id 
_pdbx_struct_conn_angle.ptnr2_PDB_ins_code 
_pdbx_struct_conn_angle.ptnr2_symmetry 
_pdbx_struct_conn_angle.ptnr3_label_atom_id 
_pdbx_struct_conn_angle.ptnr3_label_alt_id 
_pdbx_struct_conn_angle.ptnr3_label_asym_id 
_pdbx_struct_conn_angle.ptnr3_label_comp_id 
_pdbx_struct_conn_angle.ptnr3_label_seq_id 
_pdbx_struct_conn_angle.ptnr3_auth_atom_id 
_pdbx_struct_conn_angle.ptnr3_auth_asym_id 
_pdbx_struct_conn_angle.ptnr3_auth_comp_id 
_pdbx_struct_conn_angle.ptnr3_auth_seq_id 
_pdbx_struct_conn_angle.ptnr3_PDB_ins_code 
_pdbx_struct_conn_angle.ptnr3_symmetry 
_pdbx_struct_conn_angle.value 
_pdbx_struct_conn_angle.value_esd 
1  O ? G HOH . ? A HOH 201 ? 1_555 MG ? F MG . ? B MG 101 ? 1_555 O ? G HOH . ? A HOH 202 ? 1_555 88.8  ? 
2  O ? G HOH . ? A HOH 201 ? 1_555 MG ? F MG . ? B MG 101 ? 1_555 O ? H HOH . ? B HOH 201 ? 1_555 90.9  ? 
3  O ? G HOH . ? A HOH 202 ? 1_555 MG ? F MG . ? B MG 101 ? 1_555 O ? H HOH . ? B HOH 201 ? 1_555 89.2  ? 
4  O ? G HOH . ? A HOH 201 ? 1_555 MG ? F MG . ? B MG 101 ? 1_555 O ? H HOH . ? B HOH 202 ? 1_555 91.1  ? 
5  O ? G HOH . ? A HOH 202 ? 1_555 MG ? F MG . ? B MG 101 ? 1_555 O ? H HOH . ? B HOH 202 ? 1_555 179.7 ? 
6  O ? H HOH . ? B HOH 201 ? 1_555 MG ? F MG . ? B MG 101 ? 1_555 O ? H HOH . ? B HOH 202 ? 1_555 90.5  ? 
7  O ? G HOH . ? A HOH 201 ? 1_555 MG ? F MG . ? B MG 101 ? 1_555 O ? H HOH . ? B HOH 203 ? 1_555 179.6 ? 
8  O ? G HOH . ? A HOH 202 ? 1_555 MG ? F MG . ? B MG 101 ? 1_555 O ? H HOH . ? B HOH 203 ? 1_555 91.3  ? 
9  O ? H HOH . ? B HOH 201 ? 1_555 MG ? F MG . ? B MG 101 ? 1_555 O ? H HOH . ? B HOH 203 ? 1_555 88.7  ? 
10 O ? H HOH . ? B HOH 202 ? 1_555 MG ? F MG . ? B MG 101 ? 1_555 O ? H HOH . ? B HOH 203 ? 1_555 88.9  ? 
11 O ? G HOH . ? A HOH 201 ? 1_555 MG ? F MG . ? B MG 101 ? 1_555 O ? H HOH . ? B HOH 204 ? 1_555 90.8  ? 
12 O ? G HOH . ? A HOH 202 ? 1_555 MG ? F MG . ? B MG 101 ? 1_555 O ? H HOH . ? B HOH 204 ? 1_555 89.8  ? 
13 O ? H HOH . ? B HOH 201 ? 1_555 MG ? F MG . ? B MG 101 ? 1_555 O ? H HOH . ? B HOH 204 ? 1_555 178.0 ? 
14 O ? H HOH . ? B HOH 202 ? 1_555 MG ? F MG . ? B MG 101 ? 1_555 O ? H HOH . ? B HOH 204 ? 1_555 90.5  ? 
15 O ? H HOH . ? B HOH 203 ? 1_555 MG ? F MG . ? B MG 101 ? 1_555 O ? H HOH . ? B HOH 204 ? 1_555 89.6  ? 
# 
loop_
_struct_site.id 
_struct_site.pdbx_evidence_code 
_struct_site.pdbx_auth_asym_id 
_struct_site.pdbx_auth_comp_id 
_struct_site.pdbx_auth_seq_id 
_struct_site.pdbx_auth_ins_code 
_struct_site.pdbx_num_residues 
_struct_site.details 
AC1 Software A SO4 101 ? 3 'BINDING SITE FOR RESIDUE SO4 A 101' 
AC2 Software B MG  101 ? 6 'BINDING SITE FOR RESIDUE MG B 101'  
# 
loop_
_struct_site_gen.id 
_struct_site_gen.site_id 
_struct_site_gen.pdbx_num_res 
_struct_site_gen.label_comp_id 
_struct_site_gen.label_asym_id 
_struct_site_gen.label_seq_id 
_struct_site_gen.pdbx_auth_ins_code 
_struct_site_gen.auth_comp_id 
_struct_site_gen.auth_asym_id 
_struct_site_gen.auth_seq_id 
_struct_site_gen.label_atom_id 
_struct_site_gen.label_alt_id 
_struct_site_gen.symmetry 
_struct_site_gen.details 
1 AC1 3 C   A 2 ? C   A 2   . ? 1_555 ? 
2 AC1 3 C   A 3 ? C   A 3   . ? 1_555 ? 
3 AC1 3 HOH G . ? HOH A 202 . ? 1_555 ? 
4 AC2 6 HOH G . ? HOH A 201 . ? 1_555 ? 
5 AC2 6 HOH G . ? HOH A 202 . ? 1_555 ? 
6 AC2 6 HOH H . ? HOH B 201 . ? 1_555 ? 
7 AC2 6 HOH H . ? HOH B 202 . ? 1_555 ? 
8 AC2 6 HOH H . ? HOH B 203 . ? 1_555 ? 
9 AC2 6 HOH H . ? HOH B 204 . ? 1_555 ? 
# 
_pdbx_validate_rmsd_bond.id                        1 
_pdbx_validate_rmsd_bond.PDB_model_num             1 
_pdbx_validate_rmsd_bond.auth_atom_id_1            P 
_pdbx_validate_rmsd_bond.auth_asym_id_1            B 
_pdbx_validate_rmsd_bond.auth_comp_id_1            I 
_pdbx_validate_rmsd_bond.auth_seq_id_1             8 
_pdbx_validate_rmsd_bond.PDB_ins_code_1            ? 
_pdbx_validate_rmsd_bond.label_alt_id_1            ? 
_pdbx_validate_rmsd_bond.auth_atom_id_2            OP1 
_pdbx_validate_rmsd_bond.auth_asym_id_2            B 
_pdbx_validate_rmsd_bond.auth_comp_id_2            I 
_pdbx_validate_rmsd_bond.auth_seq_id_2             8 
_pdbx_validate_rmsd_bond.PDB_ins_code_2            ? 
_pdbx_validate_rmsd_bond.label_alt_id_2            ? 
_pdbx_validate_rmsd_bond.bond_value                1.609 
_pdbx_validate_rmsd_bond.bond_target_value         1.480 
_pdbx_validate_rmsd_bond.bond_deviation            0.129 
_pdbx_validate_rmsd_bond.bond_standard_deviation   0.020 
_pdbx_validate_rmsd_bond.linker_flag               N 
# 
_pdbx_validate_planes.id              1 
_pdbx_validate_planes.PDB_model_num   1 
_pdbx_validate_planes.auth_comp_id    I 
_pdbx_validate_planes.auth_asym_id    B 
_pdbx_validate_planes.auth_seq_id     8 
_pdbx_validate_planes.PDB_ins_code    ? 
_pdbx_validate_planes.label_alt_id    ? 
_pdbx_validate_planes.rmsd            0.051 
_pdbx_validate_planes.type            'SIDE CHAIN' 
# 
_pdbx_struct_mod_residue.id               1 
_pdbx_struct_mod_residue.label_asym_id    A 
_pdbx_struct_mod_residue.label_comp_id    3DA 
_pdbx_struct_mod_residue.label_seq_id     5 
_pdbx_struct_mod_residue.auth_asym_id     A 
_pdbx_struct_mod_residue.auth_comp_id     3DA 
_pdbx_struct_mod_residue.auth_seq_id      5 
_pdbx_struct_mod_residue.PDB_ins_code     ? 
_pdbx_struct_mod_residue.parent_comp_id   DA 
_pdbx_struct_mod_residue.details          "3'-DEOXYADENOSINE-5'-MONOPHOSPHATE" 
# 
_pdbx_struct_special_symmetry.id              1 
_pdbx_struct_special_symmetry.PDB_model_num   1 
_pdbx_struct_special_symmetry.auth_asym_id    A 
_pdbx_struct_special_symmetry.auth_comp_id    U 
_pdbx_struct_special_symmetry.auth_seq_id     1 
_pdbx_struct_special_symmetry.PDB_ins_code    ? 
_pdbx_struct_special_symmetry.label_asym_id   A 
_pdbx_struct_special_symmetry.label_comp_id   U 
_pdbx_struct_special_symmetry.label_seq_id    1 
# 
loop_
_chem_comp_atom.comp_id 
_chem_comp_atom.atom_id 
_chem_comp_atom.type_symbol 
_chem_comp_atom.pdbx_aromatic_flag 
_chem_comp_atom.pdbx_stereo_config 
_chem_comp_atom.pdbx_ordinal 
3DA P      P  N N 1   
3DA O1P    O  N N 2   
3DA O2P    O  N N 3   
3DA "O5'"  O  N N 4   
3DA "C5'"  C  N N 5   
3DA "C4'"  C  N S 6   
3DA "O4'"  O  N N 7   
3DA "C1'"  C  N R 8   
3DA N9     N  Y N 9   
3DA C4     C  Y N 10  
3DA N3     N  Y N 11  
3DA C2     C  Y N 12  
3DA N1     N  Y N 13  
3DA C6     C  Y N 14  
3DA N6     N  N N 15  
3DA C5     C  Y N 16  
3DA N7     N  Y N 17  
3DA C8     C  Y N 18  
3DA "C2'"  C  N R 19  
3DA "O2'"  O  N N 20  
3DA "C3'"  C  N N 21  
3DA O3P    O  N N 22  
3DA HOP2   H  N N 23  
3DA "H5'1" H  N N 24  
3DA "H5'2" H  N N 25  
3DA "H4'"  H  N N 26  
3DA "H1'"  H  N N 27  
3DA H2     H  N N 28  
3DA HN61   H  N N 29  
3DA HN62   H  N N 30  
3DA H8     H  N N 31  
3DA "H2'1" H  N N 32  
3DA "HO'2" H  N N 33  
3DA "H3'1" H  N N 34  
3DA "H3'2" H  N N 35  
3DA HOP3   H  N N 36  
A   OP3    O  N N 37  
A   P      P  N N 38  
A   OP1    O  N N 39  
A   OP2    O  N N 40  
A   "O5'"  O  N N 41  
A   "C5'"  C  N N 42  
A   "C4'"  C  N R 43  
A   "O4'"  O  N N 44  
A   "C3'"  C  N S 45  
A   "O3'"  O  N N 46  
A   "C2'"  C  N R 47  
A   "O2'"  O  N N 48  
A   "C1'"  C  N R 49  
A   N9     N  Y N 50  
A   C8     C  Y N 51  
A   N7     N  Y N 52  
A   C5     C  Y N 53  
A   C6     C  Y N 54  
A   N6     N  N N 55  
A   N1     N  Y N 56  
A   C2     C  Y N 57  
A   N3     N  Y N 58  
A   C4     C  Y N 59  
A   HOP3   H  N N 60  
A   HOP2   H  N N 61  
A   "H5'"  H  N N 62  
A   "H5''" H  N N 63  
A   "H4'"  H  N N 64  
A   "H3'"  H  N N 65  
A   "HO3'" H  N N 66  
A   "H2'"  H  N N 67  
A   "HO2'" H  N N 68  
A   "H1'"  H  N N 69  
A   H8     H  N N 70  
A   H61    H  N N 71  
A   H62    H  N N 72  
A   H2     H  N N 73  
C   OP3    O  N N 74  
C   P      P  N N 75  
C   OP1    O  N N 76  
C   OP2    O  N N 77  
C   "O5'"  O  N N 78  
C   "C5'"  C  N N 79  
C   "C4'"  C  N R 80  
C   "O4'"  O  N N 81  
C   "C3'"  C  N S 82  
C   "O3'"  O  N N 83  
C   "C2'"  C  N R 84  
C   "O2'"  O  N N 85  
C   "C1'"  C  N R 86  
C   N1     N  N N 87  
C   C2     C  N N 88  
C   O2     O  N N 89  
C   N3     N  N N 90  
C   C4     C  N N 91  
C   N4     N  N N 92  
C   C5     C  N N 93  
C   C6     C  N N 94  
C   HOP3   H  N N 95  
C   HOP2   H  N N 96  
C   "H5'"  H  N N 97  
C   "H5''" H  N N 98  
C   "H4'"  H  N N 99  
C   "H3'"  H  N N 100 
C   "HO3'" H  N N 101 
C   "H2'"  H  N N 102 
C   "HO2'" H  N N 103 
C   "H1'"  H  N N 104 
C   H41    H  N N 105 
C   H42    H  N N 106 
C   H5     H  N N 107 
C   H6     H  N N 108 
G   OP3    O  N N 109 
G   P      P  N N 110 
G   OP1    O  N N 111 
G   OP2    O  N N 112 
G   "O5'"  O  N N 113 
G   "C5'"  C  N N 114 
G   "C4'"  C  N R 115 
G   "O4'"  O  N N 116 
G   "C3'"  C  N S 117 
G   "O3'"  O  N N 118 
G   "C2'"  C  N R 119 
G   "O2'"  O  N N 120 
G   "C1'"  C  N R 121 
G   N9     N  Y N 122 
G   C8     C  Y N 123 
G   N7     N  Y N 124 
G   C5     C  Y N 125 
G   C6     C  N N 126 
G   O6     O  N N 127 
G   N1     N  N N 128 
G   C2     C  N N 129 
G   N2     N  N N 130 
G   N3     N  N N 131 
G   C4     C  Y N 132 
G   HOP3   H  N N 133 
G   HOP2   H  N N 134 
G   "H5'"  H  N N 135 
G   "H5''" H  N N 136 
G   "H4'"  H  N N 137 
G   "H3'"  H  N N 138 
G   "HO3'" H  N N 139 
G   "H2'"  H  N N 140 
G   "HO2'" H  N N 141 
G   "H1'"  H  N N 142 
G   H8     H  N N 143 
G   H1     H  N N 144 
G   H21    H  N N 145 
G   H22    H  N N 146 
HOH O      O  N N 147 
HOH H1     H  N N 148 
HOH H2     H  N N 149 
I   OP3    O  N N 150 
I   P      P  N N 151 
I   OP1    O  N N 152 
I   OP2    O  N N 153 
I   "O5'"  O  N N 154 
I   "C5'"  C  N N 155 
I   "C4'"  C  N R 156 
I   "O4'"  O  N N 157 
I   "C3'"  C  N S 158 
I   "O3'"  O  N N 159 
I   "C2'"  C  N R 160 
I   "O2'"  O  N N 161 
I   "C1'"  C  N R 162 
I   N9     N  Y N 163 
I   C8     C  Y N 164 
I   N7     N  Y N 165 
I   C5     C  Y N 166 
I   C6     C  N N 167 
I   O6     O  N N 168 
I   N1     N  N N 169 
I   C2     C  N N 170 
I   N3     N  N N 171 
I   C4     C  Y N 172 
I   HOP3   H  N N 173 
I   HOP2   H  N N 174 
I   "H5'"  H  N N 175 
I   "H5''" H  N N 176 
I   "H4'"  H  N N 177 
I   "H3'"  H  N N 178 
I   "HO3'" H  N N 179 
I   "H2'"  H  N N 180 
I   "HO2'" H  N N 181 
I   "H1'"  H  N N 182 
I   H8     H  N N 183 
I   H1     H  N N 184 
I   H2     H  N N 185 
MG  MG     MG N N 186 
SO4 S      S  N N 187 
SO4 O1     O  N N 188 
SO4 O2     O  N N 189 
SO4 O3     O  N N 190 
SO4 O4     O  N N 191 
U   OP3    O  N N 192 
U   P      P  N N 193 
U   OP1    O  N N 194 
U   OP2    O  N N 195 
U   "O5'"  O  N N 196 
U   "C5'"  C  N N 197 
U   "C4'"  C  N R 198 
U   "O4'"  O  N N 199 
U   "C3'"  C  N S 200 
U   "O3'"  O  N N 201 
U   "C2'"  C  N R 202 
U   "O2'"  O  N N 203 
U   "C1'"  C  N R 204 
U   N1     N  N N 205 
U   C2     C  N N 206 
U   O2     O  N N 207 
U   N3     N  N N 208 
U   C4     C  N N 209 
U   O4     O  N N 210 
U   C5     C  N N 211 
U   C6     C  N N 212 
U   HOP3   H  N N 213 
U   HOP2   H  N N 214 
U   "H5'"  H  N N 215 
U   "H5''" H  N N 216 
U   "H4'"  H  N N 217 
U   "H3'"  H  N N 218 
U   "HO3'" H  N N 219 
U   "H2'"  H  N N 220 
U   "HO2'" H  N N 221 
U   "H1'"  H  N N 222 
U   H3     H  N N 223 
U   H5     H  N N 224 
U   H6     H  N N 225 
# 
loop_
_chem_comp_bond.comp_id 
_chem_comp_bond.atom_id_1 
_chem_comp_bond.atom_id_2 
_chem_comp_bond.value_order 
_chem_comp_bond.pdbx_aromatic_flag 
_chem_comp_bond.pdbx_stereo_config 
_chem_comp_bond.pdbx_ordinal 
3DA P     O1P    doub N N 1   
3DA P     O2P    sing N N 2   
3DA P     "O5'"  sing N N 3   
3DA P     O3P    sing N N 4   
3DA O2P   HOP2   sing N N 5   
3DA "O5'" "C5'"  sing N N 6   
3DA "C5'" "C4'"  sing N N 7   
3DA "C5'" "H5'1" sing N N 8   
3DA "C5'" "H5'2" sing N N 9   
3DA "C4'" "O4'"  sing N N 10  
3DA "C4'" "C3'"  sing N N 11  
3DA "C4'" "H4'"  sing N N 12  
3DA "O4'" "C1'"  sing N N 13  
3DA "C1'" N9     sing N N 14  
3DA "C1'" "C2'"  sing N N 15  
3DA "C1'" "H1'"  sing N N 16  
3DA N9    C4     sing Y N 17  
3DA N9    C8     sing Y N 18  
3DA C4    N3     sing Y N 19  
3DA C4    C5     doub Y N 20  
3DA N3    C2     doub Y N 21  
3DA C2    N1     sing Y N 22  
3DA C2    H2     sing N N 23  
3DA N1    C6     doub Y N 24  
3DA C6    N6     sing N N 25  
3DA C6    C5     sing Y N 26  
3DA N6    HN61   sing N N 27  
3DA N6    HN62   sing N N 28  
3DA C5    N7     sing Y N 29  
3DA N7    C8     doub Y N 30  
3DA C8    H8     sing N N 31  
3DA "C2'" "O2'"  sing N N 32  
3DA "C2'" "C3'"  sing N N 33  
3DA "C2'" "H2'1" sing N N 34  
3DA "O2'" "HO'2" sing N N 35  
3DA "C3'" "H3'1" sing N N 36  
3DA "C3'" "H3'2" sing N N 37  
3DA O3P   HOP3   sing N N 38  
A   OP3   P      sing N N 39  
A   OP3   HOP3   sing N N 40  
A   P     OP1    doub N N 41  
A   P     OP2    sing N N 42  
A   P     "O5'"  sing N N 43  
A   OP2   HOP2   sing N N 44  
A   "O5'" "C5'"  sing N N 45  
A   "C5'" "C4'"  sing N N 46  
A   "C5'" "H5'"  sing N N 47  
A   "C5'" "H5''" sing N N 48  
A   "C4'" "O4'"  sing N N 49  
A   "C4'" "C3'"  sing N N 50  
A   "C4'" "H4'"  sing N N 51  
A   "O4'" "C1'"  sing N N 52  
A   "C3'" "O3'"  sing N N 53  
A   "C3'" "C2'"  sing N N 54  
A   "C3'" "H3'"  sing N N 55  
A   "O3'" "HO3'" sing N N 56  
A   "C2'" "O2'"  sing N N 57  
A   "C2'" "C1'"  sing N N 58  
A   "C2'" "H2'"  sing N N 59  
A   "O2'" "HO2'" sing N N 60  
A   "C1'" N9     sing N N 61  
A   "C1'" "H1'"  sing N N 62  
A   N9    C8     sing Y N 63  
A   N9    C4     sing Y N 64  
A   C8    N7     doub Y N 65  
A   C8    H8     sing N N 66  
A   N7    C5     sing Y N 67  
A   C5    C6     sing Y N 68  
A   C5    C4     doub Y N 69  
A   C6    N6     sing N N 70  
A   C6    N1     doub Y N 71  
A   N6    H61    sing N N 72  
A   N6    H62    sing N N 73  
A   N1    C2     sing Y N 74  
A   C2    N3     doub Y N 75  
A   C2    H2     sing N N 76  
A   N3    C4     sing Y N 77  
C   OP3   P      sing N N 78  
C   OP3   HOP3   sing N N 79  
C   P     OP1    doub N N 80  
C   P     OP2    sing N N 81  
C   P     "O5'"  sing N N 82  
C   OP2   HOP2   sing N N 83  
C   "O5'" "C5'"  sing N N 84  
C   "C5'" "C4'"  sing N N 85  
C   "C5'" "H5'"  sing N N 86  
C   "C5'" "H5''" sing N N 87  
C   "C4'" "O4'"  sing N N 88  
C   "C4'" "C3'"  sing N N 89  
C   "C4'" "H4'"  sing N N 90  
C   "O4'" "C1'"  sing N N 91  
C   "C3'" "O3'"  sing N N 92  
C   "C3'" "C2'"  sing N N 93  
C   "C3'" "H3'"  sing N N 94  
C   "O3'" "HO3'" sing N N 95  
C   "C2'" "O2'"  sing N N 96  
C   "C2'" "C1'"  sing N N 97  
C   "C2'" "H2'"  sing N N 98  
C   "O2'" "HO2'" sing N N 99  
C   "C1'" N1     sing N N 100 
C   "C1'" "H1'"  sing N N 101 
C   N1    C2     sing N N 102 
C   N1    C6     sing N N 103 
C   C2    O2     doub N N 104 
C   C2    N3     sing N N 105 
C   N3    C4     doub N N 106 
C   C4    N4     sing N N 107 
C   C4    C5     sing N N 108 
C   N4    H41    sing N N 109 
C   N4    H42    sing N N 110 
C   C5    C6     doub N N 111 
C   C5    H5     sing N N 112 
C   C6    H6     sing N N 113 
G   OP3   P      sing N N 114 
G   OP3   HOP3   sing N N 115 
G   P     OP1    doub N N 116 
G   P     OP2    sing N N 117 
G   P     "O5'"  sing N N 118 
G   OP2   HOP2   sing N N 119 
G   "O5'" "C5'"  sing N N 120 
G   "C5'" "C4'"  sing N N 121 
G   "C5'" "H5'"  sing N N 122 
G   "C5'" "H5''" sing N N 123 
G   "C4'" "O4'"  sing N N 124 
G   "C4'" "C3'"  sing N N 125 
G   "C4'" "H4'"  sing N N 126 
G   "O4'" "C1'"  sing N N 127 
G   "C3'" "O3'"  sing N N 128 
G   "C3'" "C2'"  sing N N 129 
G   "C3'" "H3'"  sing N N 130 
G   "O3'" "HO3'" sing N N 131 
G   "C2'" "O2'"  sing N N 132 
G   "C2'" "C1'"  sing N N 133 
G   "C2'" "H2'"  sing N N 134 
G   "O2'" "HO2'" sing N N 135 
G   "C1'" N9     sing N N 136 
G   "C1'" "H1'"  sing N N 137 
G   N9    C8     sing Y N 138 
G   N9    C4     sing Y N 139 
G   C8    N7     doub Y N 140 
G   C8    H8     sing N N 141 
G   N7    C5     sing Y N 142 
G   C5    C6     sing N N 143 
G   C5    C4     doub Y N 144 
G   C6    O6     doub N N 145 
G   C6    N1     sing N N 146 
G   N1    C2     sing N N 147 
G   N1    H1     sing N N 148 
G   C2    N2     sing N N 149 
G   C2    N3     doub N N 150 
G   N2    H21    sing N N 151 
G   N2    H22    sing N N 152 
G   N3    C4     sing N N 153 
HOH O     H1     sing N N 154 
HOH O     H2     sing N N 155 
I   OP3   P      sing N N 156 
I   OP3   HOP3   sing N N 157 
I   P     OP1    doub N N 158 
I   P     OP2    sing N N 159 
I   P     "O5'"  sing N N 160 
I   OP2   HOP2   sing N N 161 
I   "O5'" "C5'"  sing N N 162 
I   "C5'" "C4'"  sing N N 163 
I   "C5'" "H5'"  sing N N 164 
I   "C5'" "H5''" sing N N 165 
I   "C4'" "O4'"  sing N N 166 
I   "C4'" "C3'"  sing N N 167 
I   "C4'" "H4'"  sing N N 168 
I   "O4'" "C1'"  sing N N 169 
I   "C3'" "O3'"  sing N N 170 
I   "C3'" "C2'"  sing N N 171 
I   "C3'" "H3'"  sing N N 172 
I   "O3'" "HO3'" sing N N 173 
I   "C2'" "O2'"  sing N N 174 
I   "C2'" "C1'"  sing N N 175 
I   "C2'" "H2'"  sing N N 176 
I   "O2'" "HO2'" sing N N 177 
I   "C1'" N9     sing N N 178 
I   "C1'" "H1'"  sing N N 179 
I   N9    C8     sing Y N 180 
I   N9    C4     sing Y N 181 
I   C8    N7     doub Y N 182 
I   C8    H8     sing N N 183 
I   N7    C5     sing Y N 184 
I   C5    C6     sing N N 185 
I   C5    C4     doub Y N 186 
I   C6    O6     doub N N 187 
I   C6    N1     sing N N 188 
I   N1    C2     sing N N 189 
I   N1    H1     sing N N 190 
I   C2    N3     doub N N 191 
I   C2    H2     sing N N 192 
I   N3    C4     sing N N 193 
SO4 S     O1     doub N N 194 
SO4 S     O2     doub N N 195 
SO4 S     O3     sing N N 196 
SO4 S     O4     sing N N 197 
U   OP3   P      sing N N 198 
U   OP3   HOP3   sing N N 199 
U   P     OP1    doub N N 200 
U   P     OP2    sing N N 201 
U   P     "O5'"  sing N N 202 
U   OP2   HOP2   sing N N 203 
U   "O5'" "C5'"  sing N N 204 
U   "C5'" "C4'"  sing N N 205 
U   "C5'" "H5'"  sing N N 206 
U   "C5'" "H5''" sing N N 207 
U   "C4'" "O4'"  sing N N 208 
U   "C4'" "C3'"  sing N N 209 
U   "C4'" "H4'"  sing N N 210 
U   "O4'" "C1'"  sing N N 211 
U   "C3'" "O3'"  sing N N 212 
U   "C3'" "C2'"  sing N N 213 
U   "C3'" "H3'"  sing N N 214 
U   "O3'" "HO3'" sing N N 215 
U   "C2'" "O2'"  sing N N 216 
U   "C2'" "C1'"  sing N N 217 
U   "C2'" "H2'"  sing N N 218 
U   "O2'" "HO2'" sing N N 219 
U   "C1'" N1     sing N N 220 
U   "C1'" "H1'"  sing N N 221 
U   N1    C2     sing N N 222 
U   N1    C6     sing N N 223 
U   C2    O2     doub N N 224 
U   C2    N3     sing N N 225 
U   N3    C4     sing N N 226 
U   N3    H3     sing N N 227 
U   C4    O4     doub N N 228 
U   C4    C5     sing N N 229 
U   C5    C6     doub N N 230 
U   C5    H5     sing N N 231 
U   C6    H6     sing N N 232 
# 
loop_
_ndb_struct_conf_na.entry_id 
_ndb_struct_conf_na.feature 
4G6R 'double helix'         
4G6R 'a-form double helix'  
4G6R 'bulge loop'           
4G6R 'mismatched base pair' 
4G6R 'internal loop'        
# 
loop_
_ndb_struct_na_base_pair.model_number 
_ndb_struct_na_base_pair.i_label_asym_id 
_ndb_struct_na_base_pair.i_label_comp_id 
_ndb_struct_na_base_pair.i_label_seq_id 
_ndb_struct_na_base_pair.i_symmetry 
_ndb_struct_na_base_pair.j_label_asym_id 
_ndb_struct_na_base_pair.j_label_comp_id 
_ndb_struct_na_base_pair.j_label_seq_id 
_ndb_struct_na_base_pair.j_symmetry 
_ndb_struct_na_base_pair.shear 
_ndb_struct_na_base_pair.stretch 
_ndb_struct_na_base_pair.stagger 
_ndb_struct_na_base_pair.buckle 
_ndb_struct_na_base_pair.propeller 
_ndb_struct_na_base_pair.opening 
_ndb_struct_na_base_pair.pair_number 
_ndb_struct_na_base_pair.pair_name 
_ndb_struct_na_base_pair.i_auth_asym_id 
_ndb_struct_na_base_pair.i_auth_seq_id 
_ndb_struct_na_base_pair.i_PDB_ins_code 
_ndb_struct_na_base_pair.j_auth_asym_id 
_ndb_struct_na_base_pair.j_auth_seq_id 
_ndb_struct_na_base_pair.j_PDB_ins_code 
_ndb_struct_na_base_pair.hbond_type_28 
_ndb_struct_na_base_pair.hbond_type_12 
1 A C   2  1_555 B G 12 1_555 0.635  -0.194 -0.149 3.293  -17.247 2.499    1  A_C2:G13_B  A 2  ? B 13 ? 19 1  
1 A C   3  1_555 B G 11 1_555 0.555  -0.142 0.010  -1.906 -5.670  1.759    2  A_C3:G12_B  A 3  ? B 12 ? 19 1  
1 A C   4  1_555 B G 10 1_555 0.321  0.014  0.041  4.184  0.464   6.786    3  A_C4:G11_B  A 4  ? B 11 ? 19 1  
1 A 3DA 5  1_555 B A 8  1_555 6.725  -3.859 -0.442 9.406  -4.104  -22.439  4  A_3DA5:A9_B A 5  ? B 9  ? ?  ?  
1 A C   8  1_555 B A 6  1_555 -2.897 0.601  -0.967 25.688 -14.519 3.835    5  A_C8:A7_B   A 8  ? B 7  ? ?  ?  
1 A C   9  1_555 B G 5  1_555 0.063  0.111  0.250  1.710  -10.300 2.680    6  A_C9:G6_B   A 9  ? B 6  ? 19 1  
1 A A   10 1_555 B U 4  1_555 -0.416 -0.183 0.611  4.435  -11.357 6.631    7  A_A10:U5_B  A 10 ? B 5  ? 20 1  
1 A C   11 1_555 B G 3  1_555 0.419  0.068  0.262  3.763  -10.524 6.307    8  A_C11:G4_B  A 11 ? B 4  ? 19 1  
1 A C   12 1_555 B G 2  1_555 0.519  -0.097 0.437  1.375  -8.933  5.505    9  A_C12:G3_B  A 12 ? B 3  ? 19 1  
1 A G   13 1_555 B C 1  1_555 -0.318 0.090  0.137  -4.402 -8.229  6.190    10 A_G13:C2_B  A 13 ? B 2  ? 19 1  
1 C G   1  1_555 D C 19 1_555 -0.242 -0.016 1.318  16.374 -2.573  2.908    11 C_G15:C49_D C 15 ? D 49 ? 19 1  
1 C G   2  1_555 D C 18 1_555 -0.516 0.144  0.574  14.551 -15.993 8.150    12 C_G16:C48_D C 16 ? D 48 ? ?  1  
1 C C   3  1_555 D G 17 1_555 -0.297 0.103  0.438  2.744  -12.374 6.699    13 C_C17:G47_D C 17 ? D 47 ? 19 1  
1 C A   4  1_555 D U 16 1_555 -0.281 -0.085 0.156  0.305  -7.861  6.213    14 C_A18:U46_D C 18 ? D 46 ? 20 1  
1 C G   5  1_555 D C 15 1_555 -0.031 -0.177 -0.195 -4.531 -8.686  2.069    15 C_G19:C45_D C 19 ? D 45 ? 19 1  
1 C A   6  1_555 D C 14 1_555 2.124  0.619  -0.254 -8.776 -5.835  20.224   16 C_A20:C44_D C 20 ? D 44 ? ?  ?  
1 C G   7  1_555 D A 13 1_555 7.173  -4.523 -0.193 -9.652 -1.111  -6.623   17 C_G21:A43_D C 21 ? D 43 ? ?  10 
1 C A   8  1_555 D U 11 1_555 -4.048 -1.761 -0.169 -3.475 -4.344  -99.419  18 C_A22:U41_D C 22 ? D 41 ? 24 4  
1 C A   9  1_555 D A 10 1_555 -4.457 0.852  -0.104 2.847  -12.730 -93.422  19 C_A23:A40_D C 23 ? D 40 ? ?  ?  
1 C A   10 1_555 D A 8  1_555 5.394  3.015  -0.408 -2.663 -10.945 -153.066 20 C_A24:A38_D C 24 ? D 38 ? ?  ?  
1 C C   11 1_555 A G 6  1_555 0.289  -0.022 0.323  12.744 -11.237 2.699    21 C_C25:G6_A  C 25 ? A 6  ? 19 1  
1 C A   12 1_555 D G 6  1_555 -0.036 1.346  -0.334 -9.147 -15.934 -16.366  22 C_A26:G36_D C 26 ? D 36 ? 8  1  
1 C C   13 1_555 D G 5  1_555 0.018  -0.145 0.388  7.513  -18.633 4.904    23 C_C27:G35_D C 27 ? D 35 ? 19 1  
1 C A   14 1_555 D U 4  1_555 0.172  -0.132 0.657  9.895  -15.603 -0.567   24 C_A28:U34_D C 28 ? D 34 ? 20 1  
1 C C   15 1_555 D G 3  1_555 0.029  0.184  0.103  7.818  -12.828 5.706    25 C_C29:G33_D C 29 ? D 33 ? 19 1  
1 C G   16 1_555 D C 2  1_555 -0.398 -0.004 0.454  -4.612 -14.585 -0.062   26 C_G30:C32_D C 30 ? D 32 ? 19 1  
1 C A   17 1_555 D U 1  1_555 0.519  -0.008 0.585  2.802  -5.349  5.161    27 C_A31:U31_D C 31 ? D 31 ? 20 1  
# 
loop_
_ndb_struct_na_base_pair_step.model_number 
_ndb_struct_na_base_pair_step.i_label_asym_id_1 
_ndb_struct_na_base_pair_step.i_label_comp_id_1 
_ndb_struct_na_base_pair_step.i_label_seq_id_1 
_ndb_struct_na_base_pair_step.i_symmetry_1 
_ndb_struct_na_base_pair_step.j_label_asym_id_1 
_ndb_struct_na_base_pair_step.j_label_comp_id_1 
_ndb_struct_na_base_pair_step.j_label_seq_id_1 
_ndb_struct_na_base_pair_step.j_symmetry_1 
_ndb_struct_na_base_pair_step.i_label_asym_id_2 
_ndb_struct_na_base_pair_step.i_label_comp_id_2 
_ndb_struct_na_base_pair_step.i_label_seq_id_2 
_ndb_struct_na_base_pair_step.i_symmetry_2 
_ndb_struct_na_base_pair_step.j_label_asym_id_2 
_ndb_struct_na_base_pair_step.j_label_comp_id_2 
_ndb_struct_na_base_pair_step.j_label_seq_id_2 
_ndb_struct_na_base_pair_step.j_symmetry_2 
_ndb_struct_na_base_pair_step.shift 
_ndb_struct_na_base_pair_step.slide 
_ndb_struct_na_base_pair_step.rise 
_ndb_struct_na_base_pair_step.tilt 
_ndb_struct_na_base_pair_step.roll 
_ndb_struct_na_base_pair_step.twist 
_ndb_struct_na_base_pair_step.x_displacement 
_ndb_struct_na_base_pair_step.y_displacement 
_ndb_struct_na_base_pair_step.helical_rise 
_ndb_struct_na_base_pair_step.inclination 
_ndb_struct_na_base_pair_step.tip 
_ndb_struct_na_base_pair_step.helical_twist 
_ndb_struct_na_base_pair_step.step_number 
_ndb_struct_na_base_pair_step.step_name 
_ndb_struct_na_base_pair_step.i_auth_asym_id_1 
_ndb_struct_na_base_pair_step.i_auth_seq_id_1 
_ndb_struct_na_base_pair_step.i_PDB_ins_code_1 
_ndb_struct_na_base_pair_step.j_auth_asym_id_1 
_ndb_struct_na_base_pair_step.j_auth_seq_id_1 
_ndb_struct_na_base_pair_step.j_PDB_ins_code_1 
_ndb_struct_na_base_pair_step.i_auth_asym_id_2 
_ndb_struct_na_base_pair_step.i_auth_seq_id_2 
_ndb_struct_na_base_pair_step.i_PDB_ins_code_2 
_ndb_struct_na_base_pair_step.j_auth_asym_id_2 
_ndb_struct_na_base_pair_step.j_auth_seq_id_2 
_ndb_struct_na_base_pair_step.j_PDB_ins_code_2 
1 A C   2  1_555 B G 12 1_555 A C   3  1_555 B G 11 1_555 -0.462 -1.767 3.443 0.208   7.577  30.890  -4.599 0.882  2.934 13.964  
-0.383  31.785  1  AA_C2C3:G12G13_BB   A 2  ? B 13 ? A 3  ? B 12 ? 
1 A C   3  1_555 B G 11 1_555 A C   4  1_555 B G 10 1_555 0.955  -1.668 3.164 3.385   9.902  24.224  -6.016 -1.289 2.416 22.310  
-7.626  26.356  2  AA_C3C4:G11G12_BB   A 3  ? B 12 ? A 4  ? B 11 ? 
1 A C   4  1_555 B G 10 1_555 A 3DA 5  1_555 B A 8  1_555 0.216  -0.670 5.294 -0.711  26.301 77.448  -1.606 -0.195 4.909 20.479  
0.554   81.126  3  AA_C43DA5:A9G11_BB  A 4  ? B 11 ? A 5  ? B 9  ? 
1 A 3DA 5  1_555 B A 8  1_555 A C   8  1_555 B A 6  1_555 -1.100 -0.639 6.112 7.111   9.238  56.591  -1.576 1.843  5.788 9.631   
-7.413  57.682  4  AA_3DA5C8:A7A9_BB   A 5  ? B 9  ? A 8  ? B 7  ? 
1 A C   8  1_555 B A 6  1_555 A C   9  1_555 B G 5  1_555 -0.140 -1.504 3.991 -11.745 12.115 41.722  -3.258 -1.065 3.371 16.236  
15.739  44.864  5  AA_C8C9:G6A7_BB     A 8  ? B 7  ? A 9  ? B 6  ? 
1 A C   9  1_555 B G 5  1_555 A A   10 1_555 B U 4  1_555 -0.243 -1.938 2.943 -4.780  8.489  30.990  -4.704 -0.261 2.355 15.417  
8.682   32.449  6  AA_C9A10:U5G6_BB    A 9  ? B 6  ? A 10 ? B 5  ? 
1 A A   10 1_555 B U 4  1_555 A C   11 1_555 B G 3  1_555 -0.630 -1.378 3.286 1.088   1.063  32.275  -2.664 1.323  3.218 1.910   
-1.955  32.310  7  AA_A10C11:G4U5_BB   A 10 ? B 5  ? A 11 ? B 4  ? 
1 A C   11 1_555 B G 3  1_555 A C   12 1_555 B G 2  1_555 0.031  -1.910 3.102 -0.736  6.102  31.027  -4.515 -0.178 2.686 11.268  
1.359   31.615  8  AA_C11C12:G3G4_BB   A 11 ? B 4  ? A 12 ? B 3  ? 
1 A C   12 1_555 B G 2  1_555 A G   13 1_555 B C 1  1_555 0.021  -2.088 3.146 4.343   10.220 27.752  -5.869 0.731  2.232 20.308  
-8.630  29.851  9  AA_C12G13:C2G3_BB   A 12 ? B 3  ? A 13 ? B 2  ? 
1 C G   1  1_555 D C 19 1_555 C G   2  1_555 D C 18 1_555 -0.517 -1.114 3.130 3.294   7.654  32.425  -3.088 1.394  2.739 13.431  
-5.780  33.451  10 CC_G15G16:C48C49_DD C 15 ? D 49 ? C 16 ? D 48 ? 
1 C G   2  1_555 D C 18 1_555 C C   3  1_555 D G 17 1_555 0.222  -1.394 3.402 -1.481  9.879  35.153  -3.570 -0.556 2.906 15.963  
2.393   36.502  11 CC_G16C17:G47C48_DD C 16 ? D 48 ? C 17 ? D 47 ? 
1 C C   3  1_555 D G 17 1_555 C A   4  1_555 D U 16 1_555 -0.015 -1.740 3.063 -1.212  8.967  29.761  -4.728 -0.171 2.446 16.971  
2.294   31.077  12 CC_C17A18:U46G47_DD C 17 ? D 47 ? C 18 ? D 46 ? 
1 C A   4  1_555 D U 16 1_555 C G   5  1_555 D C 15 1_555 0.180  -1.968 3.460 1.379   3.824  31.585  -4.301 -0.071 3.210 6.989   
-2.520  31.839  13 CC_A18G19:C45U46_DD C 18 ? D 46 ? C 19 ? D 45 ? 
1 C G   5  1_555 D C 15 1_555 C A   6  1_555 D C 14 1_555 1.091  -1.420 3.390 2.273   6.049  38.060  -2.907 -1.367 3.193 9.195   
-3.454  38.585  14 CC_G19A20:C44C45_DD C 19 ? D 45 ? C 20 ? D 44 ? 
1 C A   6  1_555 D C 14 1_555 C G   7  1_555 D A 13 1_555 -0.539 -0.948 3.337 8.175   5.581  58.970  -1.230 0.950  3.151 5.626   
-8.241  59.721  15 CC_A20G21:A43C44_DD C 20 ? D 44 ? C 21 ? D 43 ? 
1 C G   7  1_555 D A 13 1_555 C A   8  1_555 D U 11 1_555 -2.402 -0.617 3.296 4.570   2.404  13.474  -4.342 13.148 2.220 9.787   
-18.610 14.425  16 CC_G21A22:U41A43_DD C 21 ? D 43 ? C 22 ? D 41 ? 
1 C A   8  1_555 D U 11 1_555 C A   9  1_555 D A 10 1_555 0.112  -2.192 3.375 -9.966  3.877  43.184  -3.258 -1.072 3.079 5.173   
13.298  44.426  17 CC_A22A23:A40U41_DD C 22 ? D 41 ? C 23 ? D 40 ? 
1 C A   9  1_555 D A 10 1_555 C A   10 1_555 D A 8  1_555 -3.299 -3.129 3.632 -3.628  0.749  76.811  -2.541 2.535  3.735 0.602   
2.918   76.886  18 CC_A23A24:A38A40_DD C 23 ? D 40 ? C 24 ? D 38 ? 
1 C A   10 1_555 D A 8  1_555 C C   11 1_555 A G 6  1_555 2.352  0.033  3.083 -1.225  6.102  -33.532 -0.982 3.826  3.111 -10.464 
-2.100  -34.088 19 CC_A24C25:G6A38_AD  C 24 ? D 38 ? C 25 ? A 6  ? 
1 C C   11 1_555 A G 6  1_555 C A   12 1_555 D G 6  1_555 0.140  -2.114 3.584 5.850   3.649  45.926  -3.014 0.354  3.408 4.645   
-7.447  46.413  20 CC_C25A26:G36G6_DA  C 25 ? A 6  ? C 26 ? D 36 ? 
1 C A   12 1_555 D G 6  1_555 C C   13 1_555 D G 5  1_555 1.319  -0.624 2.887 -6.433  4.125  29.913  -1.838 -3.518 2.451 7.831   
12.213  30.852  21 CC_A26C27:G35G36_DD C 26 ? D 36 ? C 27 ? D 35 ? 
1 C C   13 1_555 D G 5  1_555 C A   14 1_555 D U 4  1_555 -0.190 -1.144 3.035 -1.502  3.173  35.891  -2.259 0.113  2.931 5.133   
2.430   36.056  22 CC_C27A28:U34G35_DD C 27 ? D 35 ? C 28 ? D 34 ? 
1 C A   14 1_555 D U 4  1_555 C C   15 1_555 D G 3  1_555 0.730  -1.299 3.221 6.790   2.991  31.356  -2.871 -0.117 3.171 5.440   
-12.348 32.200  23 CC_A28C29:G33U34_DD C 28 ? D 34 ? C 29 ? D 33 ? 
1 C C   15 1_555 D G 3  1_555 C G   16 1_555 D C 2  1_555 0.408  -1.700 3.339 1.128   8.036  33.278  -4.110 -0.522 2.874 13.779  
-1.933  34.226  24 CC_C29G30:C32G33_DD C 29 ? D 33 ? C 30 ? D 32 ? 
1 C G   16 1_555 D C 2  1_555 C A   17 1_555 D U 1  1_555 0.918  -1.535 2.876 4.458   2.118  34.805  -2.821 -0.932 2.873 3.519   
-7.406  35.143  25 CC_G30A31:U31C32_DD C 30 ? D 32 ? C 31 ? D 31 ? 
# 
_atom_sites.entry_id                    4G6R 
_atom_sites.fract_transf_matrix[1][1]   0.00843842 
_atom_sites.fract_transf_matrix[1][2]   -0.00036995 
_atom_sites.fract_transf_matrix[1][3]   0.00907749 
_atom_sites.fract_transf_matrix[2][1]   0.01152259 
_atom_sites.fract_transf_matrix[2][2]   0.00408088 
_atom_sites.fract_transf_matrix[2][3]   -0.00207644 
_atom_sites.fract_transf_matrix[3][1]   -0.00211432 
_atom_sites.fract_transf_matrix[3][2]   0.00711757 
_atom_sites.fract_transf_matrix[3][3]   0.00225555 
_atom_sites.fract_transf_vector[1]      0.434777 
_atom_sites.fract_transf_vector[2]      0.208956 
_atom_sites.fract_transf_vector[3]      0.385328 
# 
loop_
_atom_type.symbol 
C  
MG 
N  
O  
P  
S  
# 
loop_
_atom_site.group_PDB 
_atom_site.id 
_atom_site.type_symbol 
_atom_site.label_atom_id 
_atom_site.label_alt_id 
_atom_site.label_comp_id 
_atom_site.label_asym_id 
_atom_site.label_entity_id 
_atom_site.label_seq_id 
_atom_site.pdbx_PDB_ins_code 
_atom_site.Cartn_x 
_atom_site.Cartn_y 
_atom_site.Cartn_z 
_atom_site.occupancy 
_atom_site.B_iso_or_equiv 
_atom_site.pdbx_formal_charge 
_atom_site.auth_seq_id 
_atom_site.auth_comp_id 
_atom_site.auth_asym_id 
_atom_site.auth_atom_id 
_atom_site.pdbx_PDB_model_num 
ATOM   1    O  "O5'" A U   A 1 1  ? 13.139  12.705  9.582   0.45 80.89  ? 1   U   A "O5'" 1 
ATOM   2    O  "O5'" B U   A 1 1  ? 11.579  12.417  8.581   0.55 79.24  ? 1   U   A "O5'" 1 
ATOM   3    C  "C5'" A U   A 1 1  ? 13.122  13.982  8.960   0.45 76.94  ? 1   U   A "C5'" 1 
ATOM   4    C  "C5'" B U   A 1 1  ? 12.866  12.029  8.125   0.55 76.29  ? 1   U   A "C5'" 1 
ATOM   5    C  "C4'" A U   A 1 1  ? 13.601  13.907  7.534   0.45 75.72  ? 1   U   A "C4'" 1 
ATOM   6    C  "C4'" B U   A 1 1  ? 13.482  13.081  7.236   0.55 75.59  ? 1   U   A "C4'" 1 
ATOM   7    O  "O4'" A U   A 1 1  ? 14.727  12.997  7.443   0.45 79.51  ? 1   U   A "O4'" 1 
ATOM   8    O  "O4'" B U   A 1 1  ? 14.795  12.641  6.805   0.55 78.46  ? 1   U   A "O4'" 1 
ATOM   9    C  "C3'" A U   A 1 1  ? 12.613  13.351  6.529   0.45 79.10  ? 1   U   A "C3'" 1 
ATOM   10   C  "C3'" B U   A 1 1  ? 12.739  13.372  5.943   0.55 80.13  ? 1   U   A "C3'" 1 
ATOM   11   O  "O3'" A U   A 1 1  ? 11.668  14.309  6.107   0.45 87.49  ? 1   U   A "O3'" 1 
ATOM   12   O  "O3'" B U   A 1 1  ? 11.679  14.297  6.110   0.55 87.49  ? 1   U   A "O3'" 1 
ATOM   13   C  "C2'" A U   A 1 1  ? 13.523  12.860  5.414   0.45 78.32  ? 1   U   A "C2'" 1 
ATOM   14   C  "C2'" B U   A 1 1  ? 13.844  13.866  5.013   0.55 77.97  ? 1   U   A "C2'" 1 
ATOM   15   O  "O2'" A U   A 1 1  ? 14.027  13.955  4.656   0.45 77.41  ? 1   U   A "O2'" 1 
ATOM   16   O  "O2'" B U   A 1 1  ? 14.160  15.225  5.283   0.55 75.84  ? 1   U   A "O2'" 1 
ATOM   17   C  "C1'" A U   A 1 1  ? 14.670  12.280  6.225   0.45 76.86  ? 1   U   A "C1'" 1 
ATOM   18   C  "C1'" B U   A 1 1  ? 15.017  12.997  5.459   0.55 75.98  ? 1   U   A "C1'" 1 
ATOM   19   N  N1    A U   A 1 1  ? 14.457  10.856  6.539   0.45 73.77  ? 1   U   A N1    1 
ATOM   20   N  N1    B U   A 1 1  ? 15.120  11.754  4.673   0.55 73.48  ? 1   U   A N1    1 
ATOM   21   C  C2    A U   A 1 1  ? 14.705  9.925   5.554   0.45 73.14  ? 1   U   A C2    1 
ATOM   22   C  C2    B U   A 1 1  ? 15.557  11.804  3.361   0.55 72.18  ? 1   U   A C2    1 
ATOM   23   O  O2    A U   A 1 1  ? 15.075  10.244  4.443   0.45 74.18  ? 1   U   A O2    1 
ATOM   24   O  O2    B U   A 1 1  ? 15.848  12.837  2.784   0.55 70.59  ? 1   U   A O2    1 
ATOM   25   N  N3    A U   A 1 1  ? 14.501  8.620   5.921   0.45 72.18  ? 1   U   A N3    1 
ATOM   26   N  N3    B U   A 1 1  ? 15.622  10.581  2.741   0.55 72.17  ? 1   U   A N3    1 
ATOM   27   C  C4    A U   A 1 1  ? 14.084  8.183   7.167   0.45 77.32  ? 1   U   A C4    1 
ATOM   28   C  C4    B U   A 1 1  ? 15.300  9.354   3.302   0.55 75.44  ? 1   U   A C4    1 
ATOM   29   O  O4    A U   A 1 1  ? 13.932  6.978   7.384   0.45 78.83  ? 1   U   A O4    1 
ATOM   30   O  O4    B U   A 1 1  ? 15.408  8.337   2.616   0.55 76.79  ? 1   U   A O4    1 
ATOM   31   C  C5    A U   A 1 1  ? 13.853  9.213   8.135   0.45 76.86  ? 1   U   A C5    1 
ATOM   32   C  C5    B U   A 1 1  ? 14.861  9.384   4.667   0.55 73.29  ? 1   U   A C5    1 
ATOM   33   C  C6    A U   A 1 1  ? 14.046  10.485  7.794   0.45 75.36  ? 1   U   A C6    1 
ATOM   34   C  C6    B U   A 1 1  ? 14.793  10.561  5.288   0.55 73.53  ? 1   U   A C6    1 
ATOM   35   P  P     . C   A 1 2  ? 10.162  13.866  5.768   1.00 97.49  ? 2   C   A P     1 
ATOM   36   O  OP1   . C   A 1 2  ? 9.403   15.113  5.504   1.00 80.15  ? 2   C   A OP1   1 
ATOM   37   O  OP2   . C   A 1 2  ? 9.687   12.953  6.872   1.00 77.87  ? 2   C   A OP2   1 
ATOM   38   O  "O5'" . C   A 1 2  ? 10.326  13.037  4.415   1.00 75.61  ? 2   C   A "O5'" 1 
ATOM   39   C  "C5'" . C   A 1 2  ? 10.706  13.683  3.223   1.00 71.51  ? 2   C   A "C5'" 1 
ATOM   40   C  "C4'" . C   A 1 2  ? 11.090  12.695  2.163   1.00 76.47  ? 2   C   A "C4'" 1 
ATOM   41   O  "O4'" . C   A 1 2  ? 12.119  11.812  2.663   1.00 77.86  ? 2   C   A "O4'" 1 
ATOM   42   C  "C3'" . C   A 1 2  ? 10.009  11.737  1.710   1.00 75.32  ? 2   C   A "C3'" 1 
ATOM   43   O  "O3'" . C   A 1 2  ? 9.065   12.335  0.847   1.00 80.36  ? 2   C   A "O3'" 1 
ATOM   44   C  "C2'" . C   A 1 2  ? 10.834  10.637  1.057   1.00 76.01  ? 2   C   A "C2'" 1 
ATOM   45   O  "O2'" . C   A 1 2  ? 11.338  11.059  -0.203  1.00 69.63  ? 2   C   A "O2'" 1 
ATOM   46   C  "C1'" . C   A 1 2  ? 12.006  10.553  2.033   1.00 73.98  ? 2   C   A "C1'" 1 
ATOM   47   N  N1    . C   A 1 2  ? 11.780  9.548   3.064   1.00 70.83  ? 2   C   A N1    1 
ATOM   48   C  C2    . C   A 1 2  ? 11.960  8.203   2.731   1.00 72.29  ? 2   C   A C2    1 
ATOM   49   O  O2    . C   A 1 2  ? 12.306  7.910   1.579   1.00 71.14  ? 2   C   A O2    1 
ATOM   50   N  N3    . C   A 1 2  ? 11.754  7.257   3.666   1.00 72.04  ? 2   C   A N3    1 
ATOM   51   C  C4    . C   A 1 2  ? 11.382  7.645   4.884   1.00 76.93  ? 2   C   A C4    1 
ATOM   52   N  N4    . C   A 1 2  ? 11.177  6.692   5.793   1.00 75.97  ? 2   C   A N4    1 
ATOM   53   C  C5    . C   A 1 2  ? 11.193  9.019   5.239   1.00 80.08  ? 2   C   A C5    1 
ATOM   54   C  C6    . C   A 1 2  ? 11.401  9.947   4.302   1.00 71.62  ? 2   C   A C6    1 
ATOM   55   P  P     . C   A 1 3  ? 7.522   11.896  0.913   1.00 79.15  ? 3   C   A P     1 
ATOM   56   O  OP1   . C   A 1 3  ? 6.738   12.944  0.226   1.00 75.05  ? 3   C   A OP1   1 
ATOM   57   O  OP2   . C   A 1 3  ? 7.205   11.594  2.319   1.00 70.22  ? 3   C   A OP2   1 
ATOM   58   O  "O5'" . C   A 1 3  ? 7.515   10.560  0.055   1.00 72.52  ? 3   C   A "O5'" 1 
ATOM   59   C  "C5'" . C   A 1 3  ? 7.966   10.566  -1.281  1.00 66.47  ? 3   C   A "C5'" 1 
ATOM   60   C  "C4'" . C   A 1 3  ? 7.946   9.188   -1.863  1.00 68.79  ? 3   C   A "C4'" 1 
ATOM   61   O  "O4'" . C   A 1 3  ? 8.958   8.386   -1.222  1.00 72.08  ? 3   C   A "O4'" 1 
ATOM   62   C  "C3'" . C   A 1 3  ? 6.664   8.401   -1.651  1.00 72.99  ? 3   C   A "C3'" 1 
ATOM   63   O  "O3'" . C   A 1 3  ? 5.655   8.736   -2.589  1.00 75.22  ? 3   C   A "O3'" 1 
ATOM   64   C  "C2'" . C   A 1 3  ? 7.144   6.962   -1.756  1.00 75.05  ? 3   C   A "C2'" 1 
ATOM   65   O  "O2'" . C   A 1 3  ? 7.336   6.593   -3.109  1.00 73.56  ? 3   C   A "O2'" 1 
ATOM   66   C  "C1'" . C   A 1 3  ? 8.512   7.056   -1.094  1.00 71.55  ? 3   C   A "C1'" 1 
ATOM   67   N  N1    . C   A 1 3  ? 8.456   6.725   0.335   1.00 74.37  ? 3   C   A N1    1 
ATOM   68   C  C2    . C   A 1 3  ? 8.499   5.381   0.734   1.00 76.71  ? 3   C   A C2    1 
ATOM   69   O  O2    . C   A 1 3  ? 8.573   4.495   -0.134  1.00 78.48  ? 3   C   A O2    1 
ATOM   70   N  N3    . C   A 1 3  ? 8.452   5.079   2.051   1.00 73.02  ? 3   C   A N3    1 
ATOM   71   C  C4    . C   A 1 3  ? 8.367   6.063   2.955   1.00 75.23  ? 3   C   A C4    1 
ATOM   72   N  N4    . C   A 1 3  ? 8.316   5.735   4.255   1.00 78.98  ? 3   C   A N4    1 
ATOM   73   C  C5    . C   A 1 3  ? 8.326   7.437   2.567   1.00 73.80  ? 3   C   A C5    1 
ATOM   74   C  C6    . C   A 1 3  ? 8.373   7.726   1.258   1.00 74.59  ? 3   C   A C6    1 
ATOM   75   P  P     . C   A 1 4  ? 4.112   8.856   -2.139  1.00 82.00  ? 4   C   A P     1 
ATOM   76   O  OP1   . C   A 1 4  ? 3.359   9.376   -3.310  1.00 79.76  ? 4   C   A OP1   1 
ATOM   77   O  OP2   . C   A 1 4  ? 4.066   9.618   -0.862  1.00 73.40  ? 4   C   A OP2   1 
ATOM   78   O  "O5'" . C   A 1 4  ? 3.721   7.344   -1.882  1.00 79.46  ? 4   C   A "O5'" 1 
ATOM   79   C  "C5'" . C   A 1 4  ? 4.020   6.359   -2.852  1.00 76.63  ? 4   C   A "C5'" 1 
ATOM   80   C  "C4'" . C   A 1 4  ? 3.784   4.986   -2.311  1.00 77.97  ? 4   C   A "C4'" 1 
ATOM   81   O  "O4'" . C   A 1 4  ? 4.794   4.674   -1.329  1.00 81.70  ? 4   C   A "O4'" 1 
ATOM   82   C  "C3'" . C   A 1 4  ? 2.477   4.783   -1.565  1.00 78.26  ? 4   C   A "C3'" 1 
ATOM   83   O  "O3'" . C   A 1 4  ? 1.383   4.577   -2.443  1.00 78.16  ? 4   C   A "O3'" 1 
ATOM   84   C  "C2'" . C   A 1 4  ? 2.781   3.574   -0.684  1.00 80.31  ? 4   C   A "C2'" 1 
ATOM   85   O  "O2'" . C   A 1 4  ? 2.593   2.369   -1.411  1.00 81.69  ? 4   C   A "O2'" 1 
ATOM   86   C  "C1'" . C   A 1 4  ? 4.283   3.740   -0.409  1.00 76.92  ? 4   C   A "C1'" 1 
ATOM   87   N  N1    . C   A 1 4  ? 4.573   4.199   0.970   1.00 75.24  ? 4   C   A N1    1 
ATOM   88   C  C2    . C   A 1 4  ? 4.792   3.206   1.925   1.00 79.52  ? 4   C   A C2    1 
ATOM   89   O  O2    . C   A 1 4  ? 4.716   2.033   1.536   1.00 83.47  ? 4   C   A O2    1 
ATOM   90   N  N3    . C   A 1 4  ? 5.066   3.521   3.220   1.00 80.26  ? 4   C   A N3    1 
ATOM   91   C  C4    . C   A 1 4  ? 5.134   4.798   3.588   1.00 77.31  ? 4   C   A C4    1 
ATOM   92   N  N4    . C   A 1 4  ? 5.414   5.081   4.871   1.00 72.20  ? 4   C   A N4    1 
ATOM   93   C  C5    . C   A 1 4  ? 4.919   5.833   2.623   1.00 78.75  ? 4   C   A C5    1 
ATOM   94   C  C6    . C   A 1 4  ? 4.651   5.507   1.345   1.00 78.44  ? 4   C   A C6    1 
HETATM 95   P  P     . 3DA A 1 5  ? -0.052  5.280   -2.317  1.00 85.31  ? 5   3DA A P     1 
HETATM 96   O  O1P   . 3DA A 1 5  ? -0.710  5.016   -3.649  1.00 80.63  ? 5   3DA A O1P   1 
HETATM 97   O  O2P   . 3DA A 1 5  ? 0.040   6.658   -1.748  1.00 75.32  ? 5   3DA A O2P   1 
HETATM 98   O  "O5'" . 3DA A 1 5  ? -0.715  4.490   -1.113  1.00 75.97  ? 5   3DA A "O5'" 1 
HETATM 99   C  "C5'" . 3DA A 1 5  ? -0.685  3.076   -0.999  1.00 79.26  ? 5   3DA A "C5'" 1 
HETATM 100  C  "C4'" . 3DA A 1 5  ? -1.277  2.793   0.349   1.00 80.83  ? 5   3DA A "C4'" 1 
HETATM 101  O  "O4'" . 3DA A 1 5  ? -0.231  2.787   1.342   1.00 89.51  ? 5   3DA A "O4'" 1 
HETATM 102  C  "C1'" . 3DA A 1 5  ? -0.694  3.332   2.569   1.00 85.09  ? 5   3DA A "C1'" 1 
HETATM 103  N  N9    . 3DA A 1 5  ? 0.110   4.516   2.836   1.00 84.59  ? 5   3DA A N9    1 
HETATM 104  C  C4    . 3DA A 1 5  ? 0.709   4.957   3.993   1.00 86.04  ? 5   3DA A C4    1 
HETATM 105  N  N3    . 3DA A 1 5  ? 0.763   4.374   5.214   1.00 90.73  ? 5   3DA A N3    1 
HETATM 106  C  C2    . 3DA A 1 5  ? 1.446   5.118   6.091   1.00 85.88  ? 5   3DA A C2    1 
HETATM 107  N  N1    . 3DA A 1 5  ? 2.042   6.303   5.903   1.00 83.56  ? 5   3DA A N1    1 
HETATM 108  C  C6    . 3DA A 1 5  ? 1.978   6.857   4.677   1.00 84.23  ? 5   3DA A C6    1 
HETATM 109  N  N6    . 3DA A 1 5  ? 2.551   8.048   4.496   1.00 85.52  ? 5   3DA A N6    1 
HETATM 110  C  C5    . 3DA A 1 5  ? 1.290   6.176   3.661   1.00 85.39  ? 5   3DA A C5    1 
HETATM 111  N  N7    . 3DA A 1 5  ? 1.055   6.490   2.329   1.00 92.87  ? 5   3DA A N7    1 
HETATM 112  C  C8    . 3DA A 1 5  ? 0.352   5.477   1.882   1.00 89.89  ? 5   3DA A C8    1 
HETATM 113  C  "C2'" . 3DA A 1 5  ? -2.152  3.738   2.358   1.00 85.49  ? 5   3DA A "C2'" 1 
HETATM 114  O  "O2'" . 3DA A 1 5  ? -3.023  2.673   2.708   1.00 88.55  ? 5   3DA A "O2'" 1 
HETATM 115  C  "C3'" . 3DA A 1 5  ? -2.210  3.884   0.837   1.00 82.06  ? 5   3DA A "C3'" 1 
ATOM   116  P  P     . G   A 1 6  ? -3.819  2.291   4.063   1.00 88.70  ? 6   G   A P     1 
ATOM   117  O  OP1   . G   A 1 6  ? -3.122  1.101   4.643   1.00 97.21  ? 6   G   A OP1   1 
ATOM   118  O  OP2   . G   A 1 6  ? -3.920  3.538   4.873   1.00 87.01  ? 6   G   A OP2   1 
ATOM   119  O  "O5'" . G   A 1 6  ? -5.243  1.868   3.562   1.00 87.01  ? 6   G   A "O5'" 1 
ATOM   120  C  "C5'" . G   A 1 6  ? -5.381  0.935   2.510   1.00 89.22  ? 6   G   A "C5'" 1 
ATOM   121  C  "C4'" . G   A 1 6  ? -6.601  0.085   2.704   1.00 90.91  ? 6   G   A "C4'" 1 
ATOM   122  O  "O4'" . G   A 1 6  ? -6.478  -1.106  1.881   1.00 87.51  ? 6   G   A "O4'" 1 
ATOM   123  C  "C3'" . G   A 1 6  ? -6.819  -0.401  4.137   1.00 83.84  ? 6   G   A "C3'" 1 
ATOM   124  O  "O3'" . G   A 1 6  ? -8.216  -0.515  4.393   1.00 85.62  ? 6   G   A "O3'" 1 
ATOM   125  C  "C2'" . G   A 1 6  ? -6.201  -1.787  4.105   1.00 82.63  ? 6   G   A "C2'" 1 
ATOM   126  O  "O2'" . G   A 1 6  ? -6.684  -2.668  5.101   1.00 83.76  ? 6   G   A "O2'" 1 
ATOM   127  C  "C1'" . G   A 1 6  ? -6.588  -2.245  2.702   1.00 83.51  ? 6   G   A "C1'" 1 
ATOM   128  N  N9    . G   A 1 6  ? -5.738  -3.303  2.156   1.00 82.48  ? 6   G   A N9    1 
ATOM   129  C  C8    . G   A 1 6  ? -6.060  -4.121  1.098   1.00 81.63  ? 6   G   A C8    1 
ATOM   130  N  N7    . G   A 1 6  ? -5.142  -5.007  0.839   1.00 78.28  ? 6   G   A N7    1 
ATOM   131  C  C5    . G   A 1 6  ? -4.157  -4.757  1.783   1.00 73.71  ? 6   G   A C5    1 
ATOM   132  C  C6    . G   A 1 6  ? -2.932  -5.422  1.991   1.00 70.89  ? 6   G   A C6    1 
ATOM   133  O  O6    . G   A 1 6  ? -2.486  -6.382  1.343   1.00 68.69  ? 6   G   A O6    1 
ATOM   134  N  N1    . G   A 1 6  ? -2.237  -4.859  3.067   1.00 71.23  ? 6   G   A N1    1 
ATOM   135  C  C2    . G   A 1 6  ? -2.683  -3.791  3.825   1.00 72.37  ? 6   G   A C2    1 
ATOM   136  N  N2    . G   A 1 6  ? -1.904  -3.351  4.826   1.00 64.42  ? 6   G   A N2    1 
ATOM   137  N  N3    . G   A 1 6  ? -3.831  -3.176  3.628   1.00 74.98  ? 6   G   A N3    1 
ATOM   138  C  C4    . G   A 1 6  ? -4.510  -3.712  2.604   1.00 74.81  ? 6   G   A C4    1 
ATOM   139  P  P     . U   A 1 7  ? -8.986  0.611   5.245   1.00 91.05  ? 7   U   A P     1 
ATOM   140  O  OP1   . U   A 1 7  ? -10.420 0.509   4.886   1.00 85.36  ? 7   U   A OP1   1 
ATOM   141  O  OP2   . U   A 1 7  ? -8.286  1.898   5.027   1.00 80.41  ? 7   U   A OP2   1 
ATOM   142  O  "O5'" . U   A 1 7  ? -8.767  0.131   6.738   1.00 81.40  ? 7   U   A "O5'" 1 
ATOM   143  C  "C5'" . U   A 1 7  ? -9.387  -1.046  7.207   1.00 82.42  ? 7   U   A "C5'" 1 
ATOM   144  C  "C4'" . U   A 1 7  ? -8.961  -1.363  8.607   1.00 84.33  ? 7   U   A "C4'" 1 
ATOM   145  O  "O4'" . U   A 1 7  ? -7.531  -1.570  8.643   1.00 89.31  ? 7   U   A "O4'" 1 
ATOM   146  C  "C3'" . U   A 1 7  ? -9.193  -0.268  9.630   1.00 87.30  ? 7   U   A "C3'" 1 
ATOM   147  O  "O3'" . U   A 1 7  ? -10.525 -0.211  10.085  1.00 88.01  ? 7   U   A "O3'" 1 
ATOM   148  C  "C2'" . U   A 1 7  ? -8.200  -0.620  10.718  1.00 88.90  ? 7   U   A "C2'" 1 
ATOM   149  O  "O2'" . U   A 1 7  ? -8.697  -1.674  11.525  1.00 87.01  ? 7   U   A "O2'" 1 
ATOM   150  C  "C1'" . U   A 1 7  ? -7.023  -1.143  9.888   1.00 90.55  ? 7   U   A "C1'" 1 
ATOM   151  N  N1    . U   A 1 7  ? -6.031  -0.090  9.647   1.00 91.85  ? 7   U   A N1    1 
ATOM   152  C  C2    . U   A 1 7  ? -5.332  0.309   10.762  1.00 95.40  ? 7   U   A C2    1 
ATOM   153  O  O2    . U   A 1 7  ? -5.523  -0.203  11.855  1.00 95.63  ? 7   U   A O2    1 
ATOM   154  N  N3    . U   A 1 7  ? -4.410  1.308   10.550  1.00 96.05  ? 7   U   A N3    1 
ATOM   155  C  C4    . U   A 1 7  ? -4.130  1.933   9.354   1.00 95.33  ? 7   U   A C4    1 
ATOM   156  O  O4    . U   A 1 7  ? -3.268  2.821   9.328   1.00 98.89  ? 7   U   A O4    1 
ATOM   157  C  C5    . U   A 1 7  ? -4.908  1.456   8.242   1.00 94.29  ? 7   U   A C5    1 
ATOM   158  C  C6    . U   A 1 7  ? -5.819  0.481   8.416   1.00 93.14  ? 7   U   A C6    1 
ATOM   159  P  P     . C   A 1 8  ? -11.185 1.204   10.434  1.00 94.41  ? 8   C   A P     1 
ATOM   160  O  OP1   . C   A 1 8  ? -12.509 0.922   11.031  1.00 95.10  ? 8   C   A OP1   1 
ATOM   161  O  OP2   . C   A 1 8  ? -11.120 2.033   9.206   1.00 79.98  ? 8   C   A OP2   1 
ATOM   162  O  "O5'" . C   A 1 8  ? -10.199 1.784   11.539  1.00 86.94  ? 8   C   A "O5'" 1 
ATOM   163  C  "C5'" . C   A 1 8  ? -10.000 1.095   12.759  1.00 84.74  ? 8   C   A "C5'" 1 
ATOM   164  C  "C4'" . C   A 1 8  ? -9.245  1.935   13.752  1.00 94.68  ? 8   C   A "C4'" 1 
ATOM   165  O  "O4'" . C   A 1 8  ? -7.829  1.899   13.441  1.00 97.95  ? 8   C   A "O4'" 1 
ATOM   166  C  "C3'" . C   A 1 8  ? -9.579  3.420   13.764  1.00 98.76  ? 8   C   A "C3'" 1 
ATOM   167  O  "O3'" . C   A 1 8  ? -10.739 3.730   14.509  1.00 101.03 ? 8   C   A "O3'" 1 
ATOM   168  C  "C2'" . C   A 1 8  ? -8.314  4.031   14.333  1.00 96.39  ? 8   C   A "C2'" 1 
ATOM   169  O  "O2'" . C   A 1 8  ? -8.239  3.806   15.728  1.00 93.90  ? 8   C   A "O2'" 1 
ATOM   170  C  "C1'" . C   A 1 8  ? -7.258  3.173   13.648  1.00 95.65  ? 8   C   A "C1'" 1 
ATOM   171  N  N1    . C   A 1 8  ? -6.892  3.725   12.331  1.00 99.30  ? 8   C   A N1    1 
ATOM   172  C  C2    . C   A 1 8  ? -5.805  4.609   12.248  1.00 101.72 ? 8   C   A C2    1 
ATOM   173  O  O2    . C   A 1 8  ? -5.177  4.904   13.283  1.00 101.75 ? 8   C   A O2    1 
ATOM   174  N  N3    . C   A 1 8  ? -5.474  5.120   11.039  1.00 99.26  ? 8   C   A N3    1 
ATOM   175  C  C4    . C   A 1 8  ? -6.184  4.780   9.958   1.00 97.69  ? 8   C   A C4    1 
ATOM   176  N  N4    . C   A 1 8  ? -5.808  5.312   8.793   1.00 96.10  ? 8   C   A N4    1 
ATOM   177  C  C5    . C   A 1 8  ? -7.295  3.881   10.023  1.00 89.18  ? 8   C   A C5    1 
ATOM   178  C  C6    . C   A 1 8  ? -7.614  3.379   11.218  1.00 89.81  ? 8   C   A C6    1 
ATOM   179  P  P     . C   A 1 9  ? -11.560 5.075   14.189  1.00 112.15 ? 9   C   A P     1 
ATOM   180  O  OP1   . C   A 1 9  ? -12.596 5.210   15.241  1.00 109.18 ? 9   C   A OP1   1 
ATOM   181  O  OP2   . C   A 1 9  ? -11.990 5.002   12.762  1.00 85.56  ? 9   C   A OP2   1 
ATOM   182  O  "O5'" . C   A 1 9  ? -10.456 6.214   14.365  1.00 109.78 ? 9   C   A "O5'" 1 
ATOM   183  C  "C5'" . C   A 1 9  ? -9.914  6.530   15.643  1.00 99.75  ? 9   C   A "C5'" 1 
ATOM   184  C  "C4'" . C   A 1 9  ? -9.140  7.828   15.604  1.00 105.79 ? 9   C   A "C4'" 1 
ATOM   185  O  "O4'" . C   A 1 9  ? -7.925  7.650   14.819  1.00 108.34 ? 9   C   A "O4'" 1 
ATOM   186  C  "C3'" . C   A 1 9  ? -9.839  8.999   14.920  1.00 117.79 ? 9   C   A "C3'" 1 
ATOM   187  O  "O3'" . C   A 1 9  ? -10.773 9.670   15.742  1.00 117.46 ? 9   C   A "O3'" 1 
ATOM   188  C  "C2'" . C   A 1 9  ? -8.676  9.870   14.476  1.00 115.83 ? 9   C   A "C2'" 1 
ATOM   189  O  "O2'" . C   A 1 9  ? -8.125  10.578  15.575  1.00 113.24 ? 9   C   A "O2'" 1 
ATOM   190  C  "C1'" . C   A 1 9  ? -7.683  8.806   14.034  1.00 110.45 ? 9   C   A "C1'" 1 
ATOM   191  N  N1    . C   A 1 9  ? -7.879  8.457   12.610  1.00 108.35 ? 9   C   A N1    1 
ATOM   192  C  C2    . C   A 1 9  ? -7.471  9.387   11.655  1.00 109.08 ? 9   C   A C2    1 
ATOM   193  O  O2    . C   A 1 9  ? -6.950  10.443  12.045  1.00 114.58 ? 9   C   A O2    1 
ATOM   194  N  N3    . C   A 1 9  ? -7.643  9.116   10.342  1.00 106.73 ? 9   C   A N3    1 
ATOM   195  C  C4    . C   A 1 9  ? -8.208  7.969   9.971   1.00 101.91 ? 9   C   A C4    1 
ATOM   196  N  N4    . C   A 1 9  ? -8.356  7.746   8.663   1.00 95.11  ? 9   C   A N4    1 
ATOM   197  C  C5    . C   A 1 9  ? -8.646  7.005   10.923  1.00 101.69 ? 9   C   A C5    1 
ATOM   198  C  C6    . C   A 1 9  ? -8.474  7.291   12.219  1.00 104.98 ? 9   C   A C6    1 
ATOM   199  P  P     . A   A 1 10 ? -11.957 10.520  15.064  1.00 122.68 ? 10  A   A P     1 
ATOM   200  O  OP1   . A   A 1 10 ? -12.809 11.024  16.164  1.00 119.51 ? 10  A   A OP1   1 
ATOM   201  O  OP2   . A   A 1 10 ? -12.569 9.660   14.017  1.00 108.18 ? 10  A   A OP2   1 
ATOM   202  O  "O5'" . A   A 1 10 ? -11.183 11.730  14.375  1.00 120.13 ? 10  A   A "O5'" 1 
ATOM   203  C  "C5'" . A   A 1 10 ? -10.477 12.690  15.150  1.00 118.70 ? 10  A   A "C5'" 1 
ATOM   204  C  "C4'" . A   A 1 10 ? -10.116 13.894  14.321  1.00 121.26 ? 10  A   A "C4'" 1 
ATOM   205  O  "O4'" . A   A 1 10 ? -9.104  13.526  13.348  1.00 122.81 ? 10  A   A "O4'" 1 
ATOM   206  C  "C3'" . A   A 1 10 ? -11.250 14.472  13.487  1.00 124.82 ? 10  A   A "C3'" 1 
ATOM   207  O  "O3'" . A   A 1 10 ? -12.069 15.365  14.210  1.00 123.51 ? 10  A   A "O3'" 1 
ATOM   208  C  "C2'" . A   A 1 10 ? -10.530 15.116  12.307  1.00 121.70 ? 10  A   A "C2'" 1 
ATOM   209  O  "O2'" . A   A 1 10 ? -10.013 16.393  12.661  1.00 117.82 ? 10  A   A "O2'" 1 
ATOM   210  C  "C1'" . A   A 1 10 ? -9.363  14.155  12.108  1.00 119.16 ? 10  A   A "C1'" 1 
ATOM   211  N  N9    . A   A 1 10 ? -9.682  13.109  11.124  1.00 114.74 ? 10  A   A N9    1 
ATOM   212  C  C8    . A   A 1 10 ? -10.097 11.828  11.386  1.00 114.24 ? 10  A   A C8    1 
ATOM   213  N  N7    . A   A 1 10 ? -10.293 11.119  10.302  1.00 112.56 ? 10  A   A N7    1 
ATOM   214  C  C5    . A   A 1 10 ? -9.985  11.989  9.266   1.00 107.32 ? 10  A   A C5    1 
ATOM   215  C  C6    . A   A 1 10 ? -9.993  11.839  7.867   1.00 111.69 ? 10  A   A C6    1 
ATOM   216  N  N6    . A   A 1 10 ? -10.340 10.705  7.255   1.00 110.22 ? 10  A   A N6    1 
ATOM   217  N  N1    . A   A 1 10 ? -9.632  12.906  7.106   1.00 112.95 ? 10  A   A N1    1 
ATOM   218  C  C2    . A   A 1 10 ? -9.287  14.044  7.733   1.00 114.93 ? 10  A   A C2    1 
ATOM   219  N  N3    . A   A 1 10 ? -9.242  14.302  9.046   1.00 116.90 ? 10  A   A N3    1 
ATOM   220  C  C4    . A   A 1 10 ? -9.605  13.221  9.761   1.00 111.42 ? 10  A   A C4    1 
ATOM   221  P  P     . C   A 1 11 ? -13.561 15.653  13.709  1.00 133.37 ? 11  C   A P     1 
ATOM   222  O  OP1   . C   A 1 11 ? -14.202 16.514  14.732  1.00 130.23 ? 11  C   A OP1   1 
ATOM   223  O  OP2   . C   A 1 11 ? -14.171 14.338  13.396  1.00 127.35 ? 11  C   A OP2   1 
ATOM   224  O  "O5'" . C   A 1 11 ? -13.334 16.480  12.361  1.00 119.89 ? 11  C   A "O5'" 1 
ATOM   225  C  "C5'" . C   A 1 11 ? -12.908 17.833  12.404  1.00 120.00 ? 11  C   A "C5'" 1 
ATOM   226  C  "C4'" . C   A 1 11 ? -12.709 18.391  11.019  1.00 121.85 ? 11  C   A "C4'" 1 
ATOM   227  O  "O4'" . C   A 1 11 ? -11.679 17.633  10.331  1.00 122.22 ? 11  C   A "O4'" 1 
ATOM   228  C  "C3'" . C   A 1 11 ? -13.904 18.299  10.085  1.00 122.61 ? 11  C   A "C3'" 1 
ATOM   229  O  "O3'" . C   A 1 11 ? -14.867 19.306  10.297  1.00 124.79 ? 11  C   A "O3'" 1 
ATOM   230  C  "C2'" . C   A 1 11 ? -13.251 18.355  8.714   1.00 123.07 ? 11  C   A "C2'" 1 
ATOM   231  O  "O2'" . C   A 1 11 ? -12.825 19.674  8.403   1.00 119.86 ? 11  C   A "O2'" 1 
ATOM   232  C  "C1'" . C   A 1 11 ? -12.021 17.489  8.964   1.00 122.11 ? 11  C   A "C1'" 1 
ATOM   233  N  N1    . C   A 1 11 ? -12.327 16.073  8.715   1.00 121.41 ? 11  C   A N1    1 
ATOM   234  C  C2    . C   A 1 11 ? -12.333 15.645  7.381   1.00 118.04 ? 11  C   A C2    1 
ATOM   235  O  O2    . C   A 1 11 ? -12.040 16.461  6.484   1.00 113.87 ? 11  C   A O2    1 
ATOM   236  N  N3    . C   A 1 11 ? -12.642 14.349  7.120   1.00 114.70 ? 11  C   A N3    1 
ATOM   237  C  C4    . C   A 1 11 ? -12.948 13.523  8.134   1.00 116.67 ? 11  C   A C4    1 
ATOM   238  N  N4    . C   A 1 11 ? -13.246 12.257  7.824   1.00 112.94 ? 11  C   A N4    1 
ATOM   239  C  C5    . C   A 1 11 ? -12.962 13.948  9.503   1.00 116.27 ? 11  C   A C5    1 
ATOM   240  C  C6    . C   A 1 11 ? -12.657 15.229  9.748   1.00 116.88 ? 11  C   A C6    1 
ATOM   241  P  P     . C   A 1 12 ? -16.385 19.056  9.845   1.00 136.64 ? 12  C   A P     1 
ATOM   242  O  OP1   . C   A 1 12 ? -17.162 20.247  10.265  1.00 133.92 ? 12  C   A OP1   1 
ATOM   243  O  OP2   . C   A 1 12 ? -16.783 17.723  10.362  1.00 123.46 ? 12  C   A OP2   1 
ATOM   244  O  "O5'" . C   A 1 12 ? -16.281 19.009  8.257   1.00 117.81 ? 12  C   A "O5'" 1 
ATOM   245  C  "C5'" . C   A 1 12 ? -16.028 20.185  7.514   1.00 114.23 ? 12  C   A "C5'" 1 
ATOM   246  C  "C4'" . C   A 1 12 ? -15.952 19.890  6.045   1.00 121.57 ? 12  C   A "C4'" 1 
ATOM   247  O  "O4'" . C   A 1 12 ? -14.929 18.888  5.806   1.00 122.29 ? 12  C   A "O4'" 1 
ATOM   248  C  "C3'" . C   A 1 12 ? -17.194 19.271  5.424   1.00 126.06 ? 12  C   A "C3'" 1 
ATOM   249  O  "O3'" . C   A 1 12 ? -18.227 20.199  5.162   1.00 131.86 ? 12  C   A "O3'" 1 
ATOM   250  C  "C2'" . C   A 1 12 ? -16.633 18.596  4.181   1.00 121.47 ? 12  C   A "C2'" 1 
ATOM   251  O  "O2'" . C   A 1 12 ? -16.311 19.552  3.176   1.00 113.49 ? 12  C   A "O2'" 1 
ATOM   252  C  "C1'" . C   A 1 12 ? -15.334 18.036  4.744   1.00 122.02 ? 12  C   A "C1'" 1 
ATOM   253  N  N1    . C   A 1 12 ? -15.528 16.674  5.282   1.00 116.25 ? 12  C   A N1    1 
ATOM   254  C  C2    . C   A 1 12 ? -15.672 15.636  4.349   1.00 109.72 ? 12  C   A C2    1 
ATOM   255  O  O2    . C   A 1 12 ? -15.620 15.914  3.131   1.00 101.37 ? 12  C   A O2    1 
ATOM   256  N  N3    . C   A 1 12 ? -15.861 14.370  4.809   1.00 107.44 ? 12  C   A N3    1 
ATOM   257  C  C4    . C   A 1 12 ? -15.915 14.134  6.131   1.00 111.29 ? 12  C   A C4    1 
ATOM   258  N  N4    . C   A 1 12 ? -16.100 12.872  6.539   1.00 103.72 ? 12  C   A N4    1 
ATOM   259  C  C5    . C   A 1 12 ? -15.779 15.185  7.095   1.00 115.87 ? 12  C   A C5    1 
ATOM   260  C  C6    . C   A 1 12 ? -15.593 16.433  6.633   1.00 116.28 ? 12  C   A C6    1 
ATOM   261  P  P     . G   A 1 13 ? -19.757 19.705  5.160   1.00 138.54 ? 13  G   A P     1 
ATOM   262  O  OP1   . G   A 1 13 ? -20.605 20.918  5.074   1.00 138.68 ? 13  G   A OP1   1 
ATOM   263  O  OP2   . G   A 1 13 ? -19.926 18.789  6.326   1.00 118.14 ? 13  G   A OP2   1 
ATOM   264  O  "O5'" . G   A 1 13 ? -19.859 18.879  3.803   1.00 122.57 ? 13  G   A "O5'" 1 
ATOM   265  C  "C5'" . G   A 1 13 ? -19.697 19.512  2.542   1.00 112.09 ? 13  G   A "C5'" 1 
ATOM   266  C  "C4'" . G   A 1 13 ? -19.895 18.528  1.422   1.00 119.37 ? 13  G   A "C4'" 1 
ATOM   267  O  "O4'" . G   A 1 13 ? -18.889 17.488  1.516   1.00 119.62 ? 13  G   A "O4'" 1 
ATOM   268  C  "C3'" . G   A 1 13 ? -21.218 17.770  1.439   1.00 126.91 ? 13  G   A "C3'" 1 
ATOM   269  O  "O3'" . G   A 1 13 ? -22.278 18.495  0.842   1.00 127.43 ? 13  G   A "O3'" 1 
ATOM   270  C  "C2'" . G   A 1 13 ? -20.887 16.464  0.722   1.00 123.53 ? 13  G   A "C2'" 1 
ATOM   271  O  "O2'" . G   A 1 13 ? -20.911 16.635  -0.688  1.00 117.07 ? 13  G   A "O2'" 1 
ATOM   272  C  "C1'" . G   A 1 13 ? -19.441 16.237  1.156   1.00 118.50 ? 13  G   A "C1'" 1 
ATOM   273  N  N9    . G   A 1 13 ? -19.338 15.315  2.312   1.00 115.28 ? 13  G   A N9    1 
ATOM   274  C  C8    . G   A 1 13 ? -19.163 15.594  3.656   1.00 110.79 ? 13  G   A C8    1 
ATOM   275  N  N7    . G   A 1 13 ? -19.092 14.517  4.404   1.00 103.26 ? 13  G   A N7    1 
ATOM   276  C  C5    . G   A 1 13 ? -19.220 13.462  3.501   1.00 105.97 ? 13  G   A C5    1 
ATOM   277  C  C6    . G   A 1 13 ? -19.220 12.048  3.698   1.00 104.88 ? 13  G   A C6    1 
ATOM   278  O  O6    . G   A 1 13 ? -19.098 11.426  4.765   1.00 106.95 ? 13  G   A O6    1 
ATOM   279  N  N1    . G   A 1 13 ? -19.387 11.349  2.494   1.00 100.12 ? 13  G   A N1    1 
ATOM   280  C  C2    . G   A 1 13 ? -19.536 11.934  1.247   1.00 109.29 ? 13  G   A C2    1 
ATOM   281  N  N2    . G   A 1 13 ? -19.687 11.121  0.182   1.00 104.45 ? 13  G   A N2    1 
ATOM   282  N  N3    . G   A 1 13 ? -19.531 13.247  1.050   1.00 113.46 ? 13  G   A N3    1 
ATOM   283  C  C4    . G   A 1 13 ? -19.371 13.940  2.210   1.00 112.72 ? 13  G   A C4    1 
ATOM   284  O  "O5'" . C   B 2 1  ? -18.592 2.443   1.428   1.00 110.61 ? 2   C   B "O5'" 1 
ATOM   285  C  "C5'" . C   B 2 1  ? -18.752 2.248   0.033   1.00 115.44 ? 2   C   B "C5'" 1 
ATOM   286  C  "C4'" . C   B 2 1  ? -18.943 3.557   -0.697  1.00 121.14 ? 2   C   B "C4'" 1 
ATOM   287  O  "O4'" . C   B 2 1  ? -19.944 4.367   -0.018  1.00 117.87 ? 2   C   B "O4'" 1 
ATOM   288  C  "C3'" . C   B 2 1  ? -17.737 4.485   -0.761  1.00 126.38 ? 2   C   B "C3'" 1 
ATOM   289  O  "O3'" . C   B 2 1  ? -16.759 4.096   -1.710  1.00 131.73 ? 2   C   B "O3'" 1 
ATOM   290  C  "C2'" . C   B 2 1  ? -18.394 5.828   -1.069  1.00 124.78 ? 2   C   B "C2'" 1 
ATOM   291  O  "O2'" . C   B 2 1  ? -18.823 5.887   -2.424  1.00 124.31 ? 2   C   B "O2'" 1 
ATOM   292  C  "C1'" . C   B 2 1  ? -19.628 5.746   -0.175  1.00 116.05 ? 2   C   B "C1'" 1 
ATOM   293  N  N1    . C   B 2 1  ? -19.363 6.342   1.165   1.00 113.60 ? 2   C   B N1    1 
ATOM   294  C  C2    . C   B 2 1  ? -19.435 7.747   1.298   1.00 109.84 ? 2   C   B C2    1 
ATOM   295  O  O2    . C   B 2 1  ? -19.745 8.431   0.299   1.00 106.01 ? 2   C   B O2    1 
ATOM   296  N  N3    . C   B 2 1  ? -19.170 8.321   2.510   1.00 105.88 ? 2   C   B N3    1 
ATOM   297  C  C4    . C   B 2 1  ? -18.834 7.553   3.567   1.00 112.16 ? 2   C   B C4    1 
ATOM   298  N  N4    . C   B 2 1  ? -18.582 8.141   4.752   1.00 106.01 ? 2   C   B N4    1 
ATOM   299  C  C5    . C   B 2 1  ? -18.745 6.127   3.449   1.00 112.51 ? 2   C   B C5    1 
ATOM   300  C  C6    . C   B 2 1  ? -19.005 5.573   2.246   1.00 111.72 ? 2   C   B C6    1 
ATOM   301  P  P     . G   B 2 2  ? -15.263 4.689   -1.610  1.00 135.15 ? 3   G   B P     1 
ATOM   302  O  OP1   . G   B 2 2  ? -14.481 4.069   -2.710  1.00 134.26 ? 3   G   B OP1   1 
ATOM   303  O  OP2   . G   B 2 2  ? -14.807 4.488   -0.205  1.00 113.31 ? 3   G   B OP2   1 
ATOM   304  O  "O5'" . G   B 2 2  ? -15.475 6.253   -1.902  1.00 122.22 ? 3   G   B "O5'" 1 
ATOM   305  C  "C5'" . G   B 2 2  ? -15.918 6.705   -3.179  1.00 116.41 ? 3   G   B "C5'" 1 
ATOM   306  C  "C4'" . G   B 2 2  ? -15.995 8.218   -3.258  1.00 118.60 ? 3   G   B "C4'" 1 
ATOM   307  O  "O4'" . G   B 2 2  ? -16.982 8.721   -2.322  1.00 117.29 ? 3   G   B "O4'" 1 
ATOM   308  C  "C3'" . G   B 2 2  ? -14.735 8.986   -2.886  1.00 128.38 ? 3   G   B "C3'" 1 
ATOM   309  O  "O3'" . G   B 2 2  ? -13.748 8.992   -3.904  1.00 131.66 ? 3   G   B "O3'" 1 
ATOM   310  C  "C2'" . G   B 2 2  ? -15.289 10.369  -2.551  1.00 121.32 ? 3   G   B "C2'" 1 
ATOM   311  O  "O2'" . G   B 2 2  ? -15.634 11.087  -3.732  1.00 108.52 ? 3   G   B "O2'" 1 
ATOM   312  C  "C1'" . G   B 2 2  ? -16.576 9.989   -1.832  1.00 113.10 ? 3   G   B "C1'" 1 
ATOM   313  N  N9    . G   B 2 2  ? -16.377 9.887   -0.378  1.00 106.10 ? 3   G   B N9    1 
ATOM   314  C  C8    . G   B 2 2  ? -16.361 8.735   0.371   1.00 107.93 ? 3   G   B C8    1 
ATOM   315  N  N7    . G   B 2 2  ? -16.186 8.958   1.648   1.00 104.46 ? 3   G   B N7    1 
ATOM   316  C  C5    . G   B 2 2  ? -16.079 10.341  1.748   1.00 104.51 ? 3   G   B C5    1 
ATOM   317  C  C6    . G   B 2 2  ? -15.877 11.160  2.896   1.00 104.95 ? 3   G   B C6    1 
ATOM   318  O  O6    . G   B 2 2  ? -15.747 10.796  4.085   1.00 102.11 ? 3   G   B O6    1 
ATOM   319  N  N1    . G   B 2 2  ? -15.822 12.514  2.533   1.00 102.33 ? 3   G   B N1    1 
ATOM   320  C  C2    . G   B 2 2  ? -15.945 13.006  1.240   1.00 108.43 ? 3   G   B C2    1 
ATOM   321  N  N2    . G   B 2 2  ? -15.863 14.344  1.090   1.00 106.23 ? 3   G   B N2    1 
ATOM   322  N  N3    . G   B 2 2  ? -16.139 12.243  0.165   1.00 106.63 ? 3   G   B N3    1 
ATOM   323  C  C4    . G   B 2 2  ? -16.193 10.930  0.496   1.00 105.11 ? 3   G   B C4    1 
ATOM   324  P  P     . G   B 2 3  ? -12.191 9.069   -3.506  1.00 124.46 ? 4   G   B P     1 
ATOM   325  O  OP1   . G   B 2 3  ? -11.423 8.898   -4.761  1.00 122.76 ? 4   G   B OP1   1 
ATOM   326  O  OP2   . G   B 2 3  ? -11.971 8.107   -2.388  1.00 108.48 ? 4   G   B OP2   1 
ATOM   327  O  "O5'" . G   B 2 3  ? -12.038 10.557  -2.974  1.00 113.97 ? 4   G   B "O5'" 1 
ATOM   328  C  "C5'" . G   B 2 3  ? -12.523 11.646  -3.736  1.00 118.01 ? 4   G   B "C5'" 1 
ATOM   329  C  "C4'" . G   B 2 3  ? -12.281 12.951  -3.034  1.00 121.31 ? 4   G   B "C4'" 1 
ATOM   330  O  "O4'" . G   B 2 3  ? -13.284 13.161  -2.005  1.00 118.79 ? 4   G   B "O4'" 1 
ATOM   331  C  "C3'" . G   B 2 3  ? -10.978 13.058  -2.272  1.00 121.38 ? 4   G   B "C3'" 1 
ATOM   332  O  "O3'" . G   B 2 3  ? -9.856  13.273  -3.103  1.00 131.70 ? 4   G   B "O3'" 1 
ATOM   333  C  "C2'" . G   B 2 3  ? -11.271 14.198  -1.309  1.00 117.16 ? 4   G   B "C2'" 1 
ATOM   334  O  "O2'" . G   B 2 3  ? -11.279 15.448  -1.988  1.00 114.44 ? 4   G   B "O2'" 1 
ATOM   335  C  "C1'" . G   B 2 3  ? -12.703 13.860  -0.918  1.00 114.38 ? 4   G   B "C1'" 1 
ATOM   336  N  N9    . G   B 2 3  ? -12.744 12.992  0.264   1.00 112.06 ? 4   G   B N9    1 
ATOM   337  C  C8    . G   B 2 3  ? -12.890 11.624  0.294   1.00 109.89 ? 4   G   B C8    1 
ATOM   338  N  N7    . G   B 2 3  ? -12.887 11.160  1.520   1.00 108.24 ? 4   G   B N7    1 
ATOM   339  C  C5    . G   B 2 3  ? -12.728 12.281  2.339   1.00 106.62 ? 4   G   B C5    1 
ATOM   340  C  C6    . G   B 2 3  ? -12.654 12.404  3.761   1.00 106.96 ? 4   G   B C6    1 
ATOM   341  O  O6    . G   B 2 3  ? -12.720 11.509  4.621   1.00 105.61 ? 4   G   B O6    1 
ATOM   342  N  N1    . G   B 2 3  ? -12.484 13.737  4.151   1.00 106.46 ? 4   G   B N1    1 
ATOM   343  C  C2    . G   B 2 3  ? -12.399 14.814  3.287   1.00 110.55 ? 4   G   B C2    1 
ATOM   344  N  N2    . G   B 2 3  ? -12.234 16.026  3.848   1.00 109.28 ? 4   G   B N2    1 
ATOM   345  N  N3    . G   B 2 3  ? -12.469 14.710  1.962   1.00 109.21 ? 4   G   B N3    1 
ATOM   346  C  C4    . G   B 2 3  ? -12.634 13.425  1.567   1.00 110.07 ? 4   G   B C4    1 
ATOM   347  P  P     . U   B 2 4  ? -8.375  13.081  -2.511  1.00 135.32 ? 5   U   B P     1 
ATOM   348  O  OP1   . U   B 2 4  ? -7.490  12.735  -3.659  1.00 119.85 ? 5   U   B OP1   1 
ATOM   349  O  OP2   . U   B 2 4  ? -8.469  12.131  -1.363  1.00 109.00 ? 5   U   B OP2   1 
ATOM   350  O  "O5'" . U   B 2 4  ? -8.033  14.538  -1.973  1.00 116.74 ? 5   U   B "O5'" 1 
ATOM   351  C  "C5'" . U   B 2 4  ? -7.050  14.722  -0.979  1.00 111.88 ? 5   U   B "C5'" 1 
ATOM   352  C  "C4'" . U   B 2 4  ? -7.534  15.629  0.116   1.00 111.91 ? 5   U   B "C4'" 1 
ATOM   353  O  "O4'" . U   B 2 4  ? -8.875  15.253  0.524   1.00 112.36 ? 5   U   B "O4'" 1 
ATOM   354  C  "C3'" . U   B 2 4  ? -6.743  15.555  1.404   1.00 118.65 ? 5   U   B "C3'" 1 
ATOM   355  O  "O3'" . U   B 2 4  ? -5.531  16.253  1.345   1.00 118.78 ? 5   U   B "O3'" 1 
ATOM   356  C  "C2'" . U   B 2 4  ? -7.728  16.074  2.430   1.00 112.76 ? 5   U   B "C2'" 1 
ATOM   357  O  "O2'" . U   B 2 4  ? -7.892  17.479  2.306   1.00 111.12 ? 5   U   B "O2'" 1 
ATOM   358  C  "C1'" . U   B 2 4  ? -8.997  15.387  1.935   1.00 115.47 ? 5   U   B "C1'" 1 
ATOM   359  N  N1    . U   B 2 4  ? -9.137  14.027  2.521   1.00 111.96 ? 5   U   B N1    1 
ATOM   360  C  C2    . U   B 2 4  ? -9.121  13.890  3.910   1.00 113.54 ? 5   U   B C2    1 
ATOM   361  O  O2    . U   B 2 4  ? -9.012  14.835  4.686   1.00 112.64 ? 5   U   B O2    1 
ATOM   362  N  N3    . U   B 2 4  ? -9.249  12.591  4.369   1.00 110.66 ? 5   U   B N3    1 
ATOM   363  C  C4    . U   B 2 4  ? -9.377  11.439  3.602   1.00 110.94 ? 5   U   B C4    1 
ATOM   364  O  O4    . U   B 2 4  ? -9.479  10.341  4.163   1.00 108.36 ? 5   U   B O4    1 
ATOM   365  C  C5    . U   B 2 4  ? -9.376  11.665  2.182   1.00 108.81 ? 5   U   B C5    1 
ATOM   366  C  C6    . U   B 2 4  ? -9.258  12.915  1.705   1.00 111.48 ? 5   U   B C6    1 
ATOM   367  P  P     . G   B 2 5  ? -4.181  15.431  1.124   1.00 122.98 ? 6   G   B P     1 
ATOM   368  O  OP1   . G   B 2 5  ? -3.468  16.064  -0.019  1.00 115.44 ? 6   G   B OP1   1 
ATOM   369  O  OP2   . G   B 2 5  ? -4.549  13.993  1.033   1.00 113.14 ? 6   G   B OP2   1 
ATOM   370  O  "O5'" . G   B 2 5  ? -3.409  15.705  2.481   1.00 109.82 ? 6   G   B "O5'" 1 
ATOM   371  C  "C5'" . G   B 2 5  ? -3.593  16.931  3.159   1.00 109.91 ? 6   G   B "C5'" 1 
ATOM   372  C  "C4'" . G   B 2 5  ? -3.875  16.718  4.616   1.00 107.72 ? 6   G   B "C4'" 1 
ATOM   373  O  "O4'" . G   B 2 5  ? -5.181  16.125  4.796   1.00 110.42 ? 6   G   B "O4'" 1 
ATOM   374  C  "C3'" . G   B 2 5  ? -2.971  15.746  5.330   1.00 111.19 ? 6   G   B "C3'" 1 
ATOM   375  O  "O3'" . G   B 2 5  ? -1.686  16.256  5.578   1.00 115.86 ? 6   G   B "O3'" 1 
ATOM   376  C  "C2'" . G   B 2 5  ? -3.770  15.437  6.584   1.00 110.43 ? 6   G   B "C2'" 1 
ATOM   377  O  "O2'" . G   B 2 5  ? -3.711  16.516  7.506   1.00 107.62 ? 6   G   B "O2'" 1 
ATOM   378  C  "C1'" . G   B 2 5  ? -5.181  15.376  6.002   1.00 111.68 ? 6   G   B "C1'" 1 
ATOM   379  N  N9    . G   B 2 5  ? -5.588  13.989  5.713   1.00 109.69 ? 6   G   B N9    1 
ATOM   380  C  C8    . G   B 2 5  ? -5.704  13.314  4.518   1.00 108.25 ? 6   G   B C8    1 
ATOM   381  N  N7    . G   B 2 5  ? -6.093  12.073  4.691   1.00 104.08 ? 6   G   B N7    1 
ATOM   382  C  C5    . G   B 2 5  ? -6.237  11.930  6.074   1.00 105.92 ? 6   G   B C5    1 
ATOM   383  C  C6    . G   B 2 5  ? -6.632  10.819  6.882   1.00 106.96 ? 6   G   B C6    1 
ATOM   384  O  O6    . G   B 2 5  ? -6.959  9.678   6.522   1.00 105.07 ? 6   G   B O6    1 
ATOM   385  N  N1    . G   B 2 5  ? -6.626  11.134  8.245   1.00 103.58 ? 6   G   B N1    1 
ATOM   386  C  C2    . G   B 2 5  ? -6.286  12.359  8.774   1.00 104.96 ? 6   G   B C2    1 
ATOM   387  N  N2    . G   B 2 5  ? -6.344  12.474  10.108  1.00 103.45 ? 6   G   B N2    1 
ATOM   388  N  N3    . G   B 2 5  ? -5.918  13.397  8.037   1.00 104.19 ? 6   G   B N3    1 
ATOM   389  C  C4    . G   B 2 5  ? -5.921  13.109  6.713   1.00 106.05 ? 6   G   B C4    1 
ATOM   390  P  P     . A   B 2 6  ? -0.417  15.312  5.347   1.00 120.79 ? 7   A   B P     1 
ATOM   391  O  OP1   . A   B 2 6  ? 0.760   16.197  5.178   1.00 123.33 ? 7   A   B OP1   1 
ATOM   392  O  OP2   . A   B 2 6  ? -0.772  14.365  4.243   1.00 104.35 ? 7   A   B OP2   1 
ATOM   393  O  "O5'" . A   B 2 6  ? -0.319  14.537  6.736   1.00 104.86 ? 7   A   B "O5'" 1 
ATOM   394  C  "C5'" . A   B 2 6  ? -0.511  15.232  7.960   1.00 102.15 ? 7   A   B "C5'" 1 
ATOM   395  C  "C4'" . A   B 2 6  ? -0.941  14.303  9.068   1.00 108.26 ? 7   A   B "C4'" 1 
ATOM   396  O  "O4'" . A   B 2 6  ? -2.309  13.865  8.849   1.00 109.35 ? 7   A   B "O4'" 1 
ATOM   397  C  "C3'" . A   B 2 6  ? -0.163  13.007  9.189   1.00 106.51 ? 7   A   B "C3'" 1 
ATOM   398  O  "O3'" . A   B 2 6  ? 1.078   13.161  9.838   1.00 108.23 ? 7   A   B "O3'" 1 
ATOM   399  C  "C2'" . A   B 2 6  ? -1.137  12.111  9.938   1.00 103.27 ? 7   A   B "C2'" 1 
ATOM   400  O  "O2'" . A   B 2 6  ? -1.166  12.447  11.319  1.00 100.75 ? 7   A   B "O2'" 1 
ATOM   401  C  "C1'" . A   B 2 6  ? -2.461  12.532  9.303   1.00 104.01 ? 7   A   B "C1'" 1 
ATOM   402  N  N9    . A   B 2 6  ? -2.809  11.678  8.148   1.00 105.19 ? 7   A   B N9    1 
ATOM   403  C  C8    . A   B 2 6  ? -2.663  11.915  6.790   1.00 103.14 ? 7   A   B C8    1 
ATOM   404  N  N7    . A   B 2 6  ? -3.076  10.928  6.022   1.00 96.05  ? 7   A   B N7    1 
ATOM   405  C  C5    . A   B 2 6  ? -3.525  9.982   6.945   1.00 99.89  ? 7   A   B C5    1 
ATOM   406  C  C6    . A   B 2 6  ? -4.088  8.700   6.801   1.00 95.85  ? 7   A   B C6    1 
ATOM   407  N  N6    . A   B 2 6  ? -4.314  8.120   5.620   1.00 93.42  ? 7   A   B N6    1 
ATOM   408  N  N1    . A   B 2 6  ? -4.414  8.024   7.930   1.00 94.81  ? 7   A   B N1    1 
ATOM   409  C  C2    . A   B 2 6  ? -4.196  8.594   9.124   1.00 97.39  ? 7   A   B C2    1 
ATOM   410  N  N3    . A   B 2 6  ? -3.676  9.788   9.397   1.00 99.53  ? 7   A   B N3    1 
ATOM   411  C  C4    . A   B 2 6  ? -3.364  10.430  8.252   1.00 102.94 ? 7   A   B C4    1 
ATOM   412  P  P     . I   B 2 7  ? 2.301   12.209  9.436   1.00 108.96 ? 8   I   B P     1 
ATOM   413  O  OP1   . I   B 2 7  ? 3.633   12.536  10.277  1.00 103.62 ? 8   I   B OP1   1 
ATOM   414  O  OP2   . I   B 2 7  ? 2.502   12.190  7.960   1.00 88.65  ? 8   I   B OP2   1 
ATOM   415  O  "O5'" . I   B 2 7  ? 1.794   10.766  9.850   1.00 102.98 ? 8   I   B "O5'" 1 
ATOM   416  C  "C5'" . I   B 2 7  ? 1.464   10.453  11.196  1.00 96.85  ? 8   I   B "C5'" 1 
ATOM   417  C  "C4'" . I   B 2 7  ? 1.187   8.986   11.333  1.00 96.32  ? 8   I   B "C4'" 1 
ATOM   418  O  "O4'" . I   B 2 7  ? 0.067   8.652   10.462  1.00 97.16  ? 8   I   B "O4'" 1 
ATOM   419  C  "C3'" . I   B 2 7  ? 2.346   8.096   10.892  1.00 96.87  ? 8   I   B "C3'" 1 
ATOM   420  O  "O3'" . I   B 2 7  ? 2.406   6.929   11.698  1.00 88.98  ? 8   I   B "O3'" 1 
ATOM   421  C  "C2'" . I   B 2 7  ? 1.964   7.716   9.467   1.00 99.47  ? 8   I   B "C2'" 1 
ATOM   422  O  "O2'" . I   B 2 7  ? 2.536   6.512   8.998   1.00 100.43 ? 8   I   B "O2'" 1 
ATOM   423  C  "C1'" . I   B 2 7  ? 0.446   7.627   9.569   1.00 94.28  ? 8   I   B "C1'" 1 
ATOM   424  N  N9    . I   B 2 7  ? -0.225  7.844   8.291   1.00 92.00  ? 8   I   B N9    1 
ATOM   425  C  C8    . I   B 2 7  ? -0.012  8.911   7.465   1.00 96.98  ? 8   I   B C8    1 
ATOM   426  N  N7    . I   B 2 7  ? -0.580  8.705   6.308   1.00 92.65  ? 8   I   B N7    1 
ATOM   427  C  C5    . I   B 2 7  ? -1.169  7.483   6.318   1.00 92.56  ? 8   I   B C5    1 
ATOM   428  C  C6    . I   B 2 7  ? -1.910  6.739   5.370   1.00 89.99  ? 8   I   B C6    1 
ATOM   429  O  O6    . I   B 2 7  ? -2.112  7.180   4.257   1.00 93.61  ? 8   I   B O6    1 
ATOM   430  N  N1    . I   B 2 7  ? -2.368  5.521   5.713   1.00 89.82  ? 8   I   B N1    1 
ATOM   431  C  C2    . I   B 2 7  ? -2.112  5.026   6.957   1.00 92.28  ? 8   I   B C2    1 
ATOM   432  N  N3    . I   B 2 7  ? -1.423  5.703   7.851   1.00 92.77  ? 8   I   B N3    1 
ATOM   433  C  C4    . I   B 2 7  ? -0.937  6.919   7.580   1.00 91.72  ? 8   I   B C4    1 
ATOM   434  P  P     . A   B 2 8  ? 3.797   6.141   11.840  1.00 98.75  ? 9   A   B P     1 
ATOM   435  O  OP1   . A   B 2 8  ? 4.657   6.944   12.734  1.00 95.25  ? 9   A   B OP1   1 
ATOM   436  O  OP2   . A   B 2 8  ? 4.293   5.831   10.462  1.00 89.19  ? 9   A   B OP2   1 
ATOM   437  O  "O5'" . A   B 2 8  ? 3.358   4.809   12.569  1.00 88.30  ? 9   A   B "O5'" 1 
ATOM   438  C  "C5'" . A   B 2 8  ? 2.692   4.857   13.813  1.00 83.41  ? 9   A   B "C5'" 1 
ATOM   439  C  "C4'" . A   B 2 8  ? 1.883   3.617   14.026  1.00 87.39  ? 9   A   B "C4'" 1 
ATOM   440  O  "O4'" . A   B 2 8  ? 0.649   3.720   13.285  1.00 88.70  ? 9   A   B "O4'" 1 
ATOM   441  C  "C3'" . A   B 2 8  ? 2.520   2.334   13.523  1.00 86.13  ? 9   A   B "C3'" 1 
ATOM   442  O  "O3'" . A   B 2 8  ? 3.412   1.775   14.457  1.00 80.51  ? 9   A   B "O3'" 1 
ATOM   443  C  "C2'" . A   B 2 8  ? 1.329   1.447   13.226  1.00 89.14  ? 9   A   B "C2'" 1 
ATOM   444  O  "O2'" . A   B 2 8  ? 0.840   0.857   14.423  1.00 89.27  ? 9   A   B "O2'" 1 
ATOM   445  C  "C1'" . A   B 2 8  ? 0.306   2.469   12.742  1.00 90.07  ? 9   A   B "C1'" 1 
ATOM   446  N  N9    . A   B 2 8  ? 0.280   2.599   11.278  1.00 89.24  ? 9   A   B N9    1 
ATOM   447  C  C8    . A   B 2 8  ? 0.707   3.659   10.527  1.00 89.33  ? 9   A   B C8    1 
ATOM   448  N  N7    . A   B 2 8  ? 0.506   3.494   9.247   1.00 86.95  ? 9   A   B N7    1 
ATOM   449  C  C5    . A   B 2 8  ? -0.109  2.256   9.156   1.00 85.71  ? 9   A   B C5    1 
ATOM   450  C  C6    . A   B 2 8  ? -0.592  1.495   8.070   1.00 90.29  ? 9   A   B C6    1 
ATOM   451  N  N6    . A   B 2 8  ? -0.541  1.870   6.790   1.00 85.38  ? 9   A   B N6    1 
ATOM   452  N  N1    . A   B 2 8  ? -1.151  0.299   8.339   1.00 91.10  ? 9   A   B N1    1 
ATOM   453  C  C2    . A   B 2 8  ? -1.213  -0.091  9.618   1.00 90.31  ? 9   A   B C2    1 
ATOM   454  N  N3    . A   B 2 8  ? -0.799  0.531   10.717  1.00 88.55  ? 9   A   B N3    1 
ATOM   455  C  C4    . A   B 2 8  ? -0.258  1.708   10.407  1.00 84.87  ? 9   A   B C4    1 
ATOM   456  P  P     . A   B 2 9  ? 4.937   1.515   14.041  1.00 103.49 ? 10  A   B P     1 
ATOM   457  O  OP1   . A   B 2 9  ? 5.726   1.466   15.298  1.00 102.62 ? 10  A   B OP1   1 
ATOM   458  O  OP2   . A   B 2 9  ? 5.298   2.526   12.998  1.00 92.44  ? 10  A   B OP2   1 
ATOM   459  O  "O5'" . A   B 2 9  ? 4.873   0.073   13.387  1.00 88.96  ? 10  A   B "O5'" 1 
ATOM   460  C  "C5'" . A   B 2 9  ? 4.102   -0.948  13.981  1.00 79.34  ? 10  A   B "C5'" 1 
ATOM   461  C  "C4'" . A   B 2 9  ? 3.709   -1.976  12.968  1.00 78.55  ? 10  A   B "C4'" 1 
ATOM   462  O  "O4'" . A   B 2 9  ? 2.570   -1.503  12.223  1.00 83.63  ? 10  A   B "O4'" 1 
ATOM   463  C  "C3'" . A   B 2 9  ? 4.746   -2.282  11.906  1.00 76.03  ? 10  A   B "C3'" 1 
ATOM   464  O  "O3'" . A   B 2 9  ? 5.719   -3.199  12.351  1.00 78.14  ? 10  A   B "O3'" 1 
ATOM   465  C  "C2'" . A   B 2 9  ? 3.903   -2.805  10.762  1.00 79.54  ? 10  A   B "C2'" 1 
ATOM   466  O  "O2'" . A   B 2 9  ? 3.544   -4.158  10.979  1.00 79.02  ? 10  A   B "O2'" 1 
ATOM   467  C  "C1'" . A   B 2 9  ? 2.647   -1.946  10.897  1.00 82.47  ? 10  A   B "C1'" 1 
ATOM   468  N  N9    . A   B 2 9  ? 2.703   -0.772  10.026  1.00 87.57  ? 10  A   B N9    1 
ATOM   469  C  C8    . A   B 2 9  ? 3.041   0.532   10.293  1.00 86.46  ? 10  A   B C8    1 
ATOM   470  N  N7    . A   B 2 9  ? 2.977   1.294   9.223   1.00 85.83  ? 10  A   B N7    1 
ATOM   471  C  C5    . A   B 2 9  ? 2.575   0.419   8.215   1.00 85.37  ? 10  A   B C5    1 
ATOM   472  C  C6    . A   B 2 9  ? 2.317   0.571   6.840   1.00 86.14  ? 10  A   B C6    1 
ATOM   473  N  N6    . A   B 2 9  ? 2.425   1.729   6.181   1.00 86.68  ? 10  A   B N6    1 
ATOM   474  N  N1    . A   B 2 9  ? 1.929   -0.530  6.147   1.00 80.47  ? 10  A   B N1    1 
ATOM   475  C  C2    . A   B 2 9  ? 1.807   -1.704  6.787   1.00 80.15  ? 10  A   B C2    1 
ATOM   476  N  N3    . A   B 2 9  ? 2.021   -1.977  8.067   1.00 80.01  ? 10  A   B N3    1 
ATOM   477  C  C4    . A   B 2 9  ? 2.402   -0.858  8.708   1.00 85.20  ? 10  A   B C4    1 
ATOM   478  P  P     . G   B 2 10 ? 7.240   -3.069  11.864  1.00 86.93  ? 11  G   B P     1 
ATOM   479  O  OP1   . G   B 2 10 ? 8.038   -4.027  12.663  1.00 76.11  ? 11  G   B OP1   1 
ATOM   480  O  OP2   . G   B 2 10 ? 7.598   -1.623  11.903  1.00 83.13  ? 11  G   B OP2   1 
ATOM   481  O  "O5'" . G   B 2 10 ? 7.163   -3.566  10.363  1.00 85.14  ? 11  G   B "O5'" 1 
ATOM   482  C  "C5'" . G   B 2 10 ? 6.663   -4.853  10.055  1.00 78.87  ? 11  G   B "C5'" 1 
ATOM   483  C  "C4'" . G   B 2 10 ? 6.425   -4.982  8.585   1.00 77.15  ? 11  G   B "C4'" 1 
ATOM   484  O  "O4'" . G   B 2 10 ? 5.307   -4.141  8.218   1.00 82.92  ? 11  G   B "O4'" 1 
ATOM   485  C  "C3'" . G   B 2 10 ? 7.562   -4.490  7.707   1.00 73.23  ? 11  G   B "C3'" 1 
ATOM   486  O  "O3'" . G   B 2 10 ? 8.566   -5.457  7.501   1.00 73.28  ? 11  G   B "O3'" 1 
ATOM   487  C  "C2'" . G   B 2 10 ? 6.853   -4.085  6.436   1.00 73.15  ? 11  G   B "C2'" 1 
ATOM   488  O  "O2'" . G   B 2 10 ? 6.502   -5.236  5.687   1.00 73.66  ? 11  G   B "O2'" 1 
ATOM   489  C  "C1'" . G   B 2 10 ? 5.580   -3.482  7.003   1.00 78.74  ? 11  G   B "C1'" 1 
ATOM   490  N  N9    . G   B 2 10 ? 5.713   -2.041  7.279   1.00 78.28  ? 11  G   B N9    1 
ATOM   491  C  C8    . G   B 2 10 ? 5.904   -1.426  8.489   1.00 80.87  ? 11  G   B C8    1 
ATOM   492  N  N7    . G   B 2 10 ? 5.943   -0.119  8.398   1.00 83.87  ? 11  G   B N7    1 
ATOM   493  C  C5    . G   B 2 10 ? 5.747   0.145   7.048   1.00 83.17  ? 11  G   B C5    1 
ATOM   494  C  C6    . G   B 2 10 ? 5.681   1.373   6.328   1.00 82.00  ? 11  G   B C6    1 
ATOM   495  O  O6    . G   B 2 10 ? 5.788   2.535   6.743   1.00 88.80  ? 11  G   B O6    1 
ATOM   496  N  N1    . G   B 2 10 ? 5.468   1.156   4.977   1.00 76.23  ? 11  G   B N1    1 
ATOM   497  C  C2    . G   B 2 10 ? 5.330   -0.078  4.394   1.00 77.53  ? 11  G   B C2    1 
ATOM   498  N  N2    . G   B 2 10 ? 5.125   -0.105  3.072   1.00 77.74  ? 11  G   B N2    1 
ATOM   499  N  N3    . G   B 2 10 ? 5.387   -1.220  5.040   1.00 75.79  ? 11  G   B N3    1 
ATOM   500  C  C4    . G   B 2 10 ? 5.598   -1.036  6.353   1.00 79.78  ? 11  G   B C4    1 
ATOM   501  P  P     . G   B 2 11 ? 10.040  -4.984  7.081   1.00 81.90  ? 12  G   B P     1 
ATOM   502  O  OP1   . G   B 2 11 ? 10.914  -6.179  7.125   1.00 75.31  ? 12  G   B OP1   1 
ATOM   503  O  OP2   . G   B 2 11 ? 10.372  -3.804  7.933   1.00 69.23  ? 12  G   B OP2   1 
ATOM   504  O  "O5'" . G   B 2 11 ? 9.856   -4.530  5.571   1.00 78.59  ? 12  G   B "O5'" 1 
ATOM   505  C  "C5'" . G   B 2 11 ? 9.764   -5.494  4.542   1.00 75.71  ? 12  G   B "C5'" 1 
ATOM   506  C  "C4'" . G   B 2 11 ? 9.526   -4.847  3.212   1.00 75.39  ? 12  G   B "C4'" 1 
ATOM   507  O  "O4'" . G   B 2 11 ? 8.405   -3.948  3.308   1.00 76.89  ? 12  G   B "O4'" 1 
ATOM   508  C  "C3'" . G   B 2 11 ? 10.644  -3.967  2.701   1.00 78.96  ? 12  G   B "C3'" 1 
ATOM   509  O  "O3'" . G   B 2 11 ? 11.668  -4.705  2.091   1.00 84.86  ? 12  G   B "O3'" 1 
ATOM   510  C  "C2'" . G   B 2 11 ? 9.916   -3.052  1.741   1.00 79.78  ? 12  G   B "C2'" 1 
ATOM   511  O  "O2'" . G   B 2 11 ? 9.605   -3.743  0.543   1.00 78.69  ? 12  G   B "O2'" 1 
ATOM   512  C  "C1'" . G   B 2 11 ? 8.626   -2.824  2.498   1.00 73.59  ? 12  G   B "C1'" 1 
ATOM   513  N  N9    . G   B 2 11 ? 8.688   -1.640  3.361   1.00 71.67  ? 12  G   B N9    1 
ATOM   514  C  C8    . G   B 2 11 ? 8.758   -1.564  4.721   1.00 71.23  ? 12  G   B C8    1 
ATOM   515  N  N7    . G   B 2 11 ? 8.742   -0.327  5.134   1.00 76.46  ? 12  G   B N7    1 
ATOM   516  C  C5    . G   B 2 11 ? 8.641   0.440   3.974   1.00 74.28  ? 12  G   B C5    1 
ATOM   517  C  C6    . G   B 2 11 ? 8.581   1.841   3.739   1.00 75.04  ? 12  G   B C6    1 
ATOM   518  O  O6    . G   B 2 11 ? 8.601   2.786   4.529   1.00 77.92  ? 12  G   B O6    1 
ATOM   519  N  N1    . G   B 2 11 ? 8.495   2.149   2.392   1.00 75.21  ? 12  G   B N1    1 
ATOM   520  C  C2    . G   B 2 11 ? 8.470   1.241   1.374   1.00 78.38  ? 12  G   B C2    1 
ATOM   521  N  N2    . G   B 2 11 ? 8.386   1.738   0.128   1.00 77.06  ? 12  G   B N2    1 
ATOM   522  N  N3    . G   B 2 11 ? 8.516   -0.063  1.575   1.00 79.77  ? 12  G   B N3    1 
ATOM   523  C  C4    . G   B 2 11 ? 8.601   -0.374  2.881   1.00 74.36  ? 12  G   B C4    1 
ATOM   524  P  P     . G   B 2 12 ? 13.186  -4.242  2.241   1.00 84.25  ? 13  G   B P     1 
ATOM   525  O  OP1   . G   B 2 12 ? 14.007  -5.334  1.674   1.00 82.36  ? 13  G   B OP1   1 
ATOM   526  O  OP2   . G   B 2 12 ? 13.396  -3.844  3.661   1.00 74.81  ? 13  G   B OP2   1 
ATOM   527  O  "O5'" . G   B 2 12 ? 13.249  -2.956  1.297   1.00 79.23  ? 13  G   B "O5'" 1 
ATOM   528  C  "C5'" . G   B 2 12 ? 13.085  -3.079  -0.107  1.00 77.08  ? 13  G   B "C5'" 1 
ATOM   529  C  "C4'" . G   B 2 12 ? 12.781  -1.753  -0.749  1.00 76.97  ? 13  G   B "C4'" 1 
ATOM   530  O  "O4'" . G   B 2 12 ? 11.724  -1.087  -0.023  1.00 78.39  ? 13  G   B "O4'" 1 
ATOM   531  C  "C3'" . G   B 2 12 ? 13.910  -0.739  -0.756  1.00 77.23  ? 13  G   B "C3'" 1 
ATOM   532  O  "O3'" . G   B 2 12 ? 14.853  -0.977  -1.784  1.00 80.93  ? 13  G   B "O3'" 1 
ATOM   533  C  "C2'" . G   B 2 12 ? 13.167  0.589   -0.901  1.00 79.50  ? 13  G   B "C2'" 1 
ATOM   534  O  "O2'" . G   B 2 12 ? 12.818  0.834   -2.260  1.00 77.04  ? 13  G   B "O2'" 1 
ATOM   535  C  "C1'" . G   B 2 12 ? 11.884  0.311   -0.120  1.00 78.21  ? 13  G   B "C1'" 1 
ATOM   536  N  N9    . G   B 2 12 ? 11.919  0.886   1.233   1.00 74.07  ? 13  G   B N9    1 
ATOM   537  C  C8    . G   B 2 12 ? 11.972  0.263   2.457   1.00 76.82  ? 13  G   B C8    1 
ATOM   538  N  N7    . G   B 2 12 ? 11.962  1.113   3.459   1.00 77.05  ? 13  G   B N7    1 
ATOM   539  C  C5    . G   B 2 12 ? 11.889  2.362   2.846   1.00 74.62  ? 13  G   B C5    1 
ATOM   540  C  C6    . G   B 2 12 ? 11.851  3.675   3.387   1.00 74.35  ? 13  G   B C6    1 
ATOM   541  O  O6    . G   B 2 12 ? 11.869  4.032   4.563   1.00 75.91  ? 13  G   B O6    1 
ATOM   542  N  N1    . G   B 2 12 ? 11.778  4.644   2.400   1.00 74.86  ? 13  G   B N1    1 
ATOM   543  C  C2    . G   B 2 12 ? 11.747  4.386   1.052   1.00 76.37  ? 13  G   B C2    1 
ATOM   544  N  N2    . G   B 2 12 ? 11.683  5.456   0.248   1.00 74.22  ? 13  G   B N2    1 
ATOM   545  N  N3    . G   B 2 12 ? 11.787  3.173   0.528   1.00 75.46  ? 13  G   B N3    1 
ATOM   546  C  C4    . G   B 2 12 ? 11.857  2.225   1.479   1.00 73.20  ? 13  G   B C4    1 
ATOM   547  O  "O5'" . G   C 3 1  ? 17.104  6.923   -8.642  1.00 73.02  ? 15  G   C "O5'" 1 
ATOM   548  C  "C5'" . G   C 3 1  ? 17.337  8.110   -7.902  1.00 82.89  ? 15  G   C "C5'" 1 
ATOM   549  C  "C4'" . G   C 3 1  ? 16.859  9.325   -8.649  1.00 86.64  ? 15  G   C "C4'" 1 
ATOM   550  O  "O4'" . G   C 3 1  ? 17.735  9.567   -9.783  1.00 91.86  ? 15  G   C "O4'" 1 
ATOM   551  C  "C3'" . G   C 3 1  ? 15.456  9.233   -9.242  1.00 80.67  ? 15  G   C "C3'" 1 
ATOM   552  O  "O3'" . G   C 3 1  ? 14.458  9.624   -8.311  1.00 80.12  ? 15  G   C "O3'" 1 
ATOM   553  C  "C2'" . G   C 3 1  ? 15.539  10.152  -10.450 1.00 89.76  ? 15  G   C "C2'" 1 
ATOM   554  O  "O2'" . G   C 3 1  ? 15.391  11.506  -10.047 1.00 91.75  ? 15  G   C "O2'" 1 
ATOM   555  C  "C1'" . G   C 3 1  ? 16.984  9.946   -10.907 1.00 88.51  ? 15  G   C "C1'" 1 
ATOM   556  N  N9    . G   C 3 1  ? 17.114  8.891   -11.941 1.00 88.94  ? 15  G   C N9    1 
ATOM   557  C  C8    . G   C 3 1  ? 17.526  7.587   -11.781 1.00 88.44  ? 15  G   C C8    1 
ATOM   558  N  N7    . G   C 3 1  ? 17.554  6.885   -12.880 1.00 87.53  ? 15  G   C N7    1 
ATOM   559  C  C5    . G   C 3 1  ? 17.140  7.788   -13.852 1.00 96.67  ? 15  G   C C5    1 
ATOM   560  C  C6    . G   C 3 1  ? 16.969  7.623   -15.256 1.00 94.22  ? 15  G   C C6    1 
ATOM   561  O  O6    . G   C 3 1  ? 17.158  6.603   -15.933 1.00 93.94  ? 15  G   C O6    1 
ATOM   562  N  N1    . G   C 3 1  ? 16.537  8.802   -15.861 1.00 90.49  ? 15  G   C N1    1 
ATOM   563  C  C2    . G   C 3 1  ? 16.301  9.984   -15.203 1.00 90.64  ? 15  G   C C2    1 
ATOM   564  N  N2    . G   C 3 1  ? 15.887  11.023  -15.928 1.00 95.39  ? 15  G   C N2    1 
ATOM   565  N  N3    . G   C 3 1  ? 16.452  10.158  -13.910 1.00 95.38  ? 15  G   C N3    1 
ATOM   566  C  C4    . G   C 3 1  ? 16.875  9.028   -13.292 1.00 97.00  ? 15  G   C C4    1 
ATOM   567  P  P     . G   C 3 2  ? 12.901  9.237   -8.529  1.00 89.56  ? 16  G   C P     1 
ATOM   568  O  OP1   . G   C 3 2  ? 12.179  9.654   -7.295  1.00 88.07  ? 16  G   C OP1   1 
ATOM   569  O  OP2   . G   C 3 2  ? 12.847  7.820   -8.949  1.00 75.42  ? 16  G   C OP2   1 
ATOM   570  O  "O5'" . G   C 3 2  ? 12.455  10.158  -9.728  1.00 88.80  ? 16  G   C "O5'" 1 
ATOM   571  C  "C5'" . G   C 3 2  ? 12.312  11.555  -9.558  1.00 90.07  ? 16  G   C "C5'" 1 
ATOM   572  C  "C4'" . G   C 3 2  ? 11.765  12.159  -10.803 1.00 87.85  ? 16  G   C "C4'" 1 
ATOM   573  O  "O4'" . G   C 3 2  ? 12.792  12.133  -11.832 1.00 86.49  ? 16  G   C "O4'" 1 
ATOM   574  C  "C3'" . G   C 3 2  ? 10.609  11.389  -11.413 1.00 90.81  ? 16  G   C "C3'" 1 
ATOM   575  O  "O3'" . G   C 3 2  ? 9.360   11.703  -10.836 1.00 91.55  ? 16  G   C "O3'" 1 
ATOM   576  C  "C2'" . G   C 3 2  ? 10.713  11.734  -12.886 1.00 94.16  ? 16  G   C "C2'" 1 
ATOM   577  O  "O2'" . G   C 3 2  ? 10.220  13.048  -13.127 1.00 91.89  ? 16  G   C "O2'" 1 
ATOM   578  C  "C1'" . G   C 3 2  ? 12.229  11.738  -13.063 1.00 93.57  ? 16  G   C "C1'" 1 
ATOM   579  N  N9    . G   C 3 2  ? 12.742  10.395  -13.391 1.00 90.79  ? 16  G   C N9    1 
ATOM   580  C  C8    . G   C 3 2  ? 13.189  9.454   -12.501 1.00 90.70  ? 16  G   C C8    1 
ATOM   581  N  N7    . G   C 3 2  ? 13.588  8.349   -13.072 1.00 94.29  ? 16  G   C N7    1 
ATOM   582  C  C5    . G   C 3 2  ? 13.393  8.573   -14.429 1.00 95.90  ? 16  G   C C5    1 
ATOM   583  C  C6    . G   C 3 2  ? 13.651  7.732   -15.547 1.00 96.33  ? 16  G   C C6    1 
ATOM   584  O  O6    . G   C 3 2  ? 14.109  6.577   -15.551 1.00 97.43  ? 16  G   C O6    1 
ATOM   585  N  N1    . G   C 3 2  ? 13.312  8.363   -16.743 1.00 94.50  ? 16  G   C N1    1 
ATOM   586  C  C2    . G   C 3 2  ? 12.790  9.638   -16.844 1.00 95.45  ? 16  G   C C2    1 
ATOM   587  N  N2    . G   C 3 2  ? 12.516  10.093  -18.075 1.00 96.06  ? 16  G   C N2    1 
ATOM   588  N  N3    . G   C 3 2  ? 12.551  10.428  -15.810 1.00 93.48  ? 16  G   C N3    1 
ATOM   589  C  C4    . G   C 3 2  ? 12.873  9.836   -14.640 1.00 94.23  ? 16  G   C C4    1 
ATOM   590  P  P     . C   C 3 3  ? 8.148   10.660  -10.960 1.00 95.04  ? 17  C   C P     1 
ATOM   591  O  OP1   . C   C 3 3  ? 6.965   11.285  -10.322 1.00 88.18  ? 17  C   C OP1   1 
ATOM   592  O  OP2   . C   C 3 3  ? 8.647   9.362   -10.445 1.00 83.53  ? 17  C   C OP2   1 
ATOM   593  O  "O5'" . C   C 3 3  ? 7.922   10.557  -12.532 1.00 97.10  ? 17  C   C "O5'" 1 
ATOM   594  C  "C5'" . C   C 3 3  ? 6.997   11.400  -13.203 1.00 92.70  ? 17  C   C "C5'" 1 
ATOM   595  C  "C4'" . C   C 3 3  ? 6.931   11.059  -14.665 1.00 87.38  ? 17  C   C "C4'" 1 
ATOM   596  O  "O4'" . C   C 3 3  ? 8.281   10.878  -15.168 1.00 94.34  ? 17  C   C "O4'" 1 
ATOM   597  C  "C3'" . C   C 3 3  ? 6.257   9.741   -15.003 1.00 89.24  ? 17  C   C "C3'" 1 
ATOM   598  O  "O3'" . C   C 3 3  ? 4.849   9.803   -15.003 1.00 93.78  ? 17  C   C "O3'" 1 
ATOM   599  C  "C2'" . C   C 3 3  ? 6.857   9.398   -16.351 1.00 90.34  ? 17  C   C "C2'" 1 
ATOM   600  O  "O2'" . C   C 3 3  ? 6.290   10.205  -17.375 1.00 89.09  ? 17  C   C "O2'" 1 
ATOM   601  C  "C1'" . C   C 3 3  ? 8.300   9.840   -16.133 1.00 96.05  ? 17  C   C "C1'" 1 
ATOM   602  N  N1    . C   C 3 3  ? 9.144   8.731   -15.628 1.00 92.55  ? 17  C   C N1    1 
ATOM   603  C  C2    . C   C 3 3  ? 9.501   7.720   -16.529 1.00 93.59  ? 17  C   C C2    1 
ATOM   604  O  O2    . C   C 3 3  ? 9.102   7.783   -17.698 1.00 95.41  ? 17  C   C O2    1 
ATOM   605  N  N3    . C   C 3 3  ? 10.264  6.687   -16.123 1.00 95.17  ? 17  C   C N3    1 
ATOM   606  C  C4    . C   C 3 3  ? 10.671  6.646   -14.862 1.00 94.18  ? 17  C   C C4    1 
ATOM   607  N  N4    . C   C 3 3  ? 11.426  5.607   -14.512 1.00 98.66  ? 17  C   C N4    1 
ATOM   608  C  C5    . C   C 3 3  ? 10.336  7.662   -13.921 1.00 91.88  ? 17  C   C C5    1 
ATOM   609  C  C6    . C   C 3 3  ? 9.575   8.680   -14.335 1.00 90.75  ? 17  C   C C6    1 
ATOM   610  P  P     . A   C 3 4  ? 4.006   8.563   -14.423 1.00 100.30 ? 18  A   C P     1 
ATOM   611  O  OP1   . A   C 3 4  ? 2.600   9.022   -14.271 1.00 92.52  ? 18  A   C OP1   1 
ATOM   612  O  OP2   . A   C 3 4  ? 4.734   8.071   -13.223 1.00 95.11  ? 18  A   C OP2   1 
ATOM   613  O  "O5'" . A   C 3 4  ? 4.102   7.486   -15.590 1.00 92.91  ? 18  A   C "O5'" 1 
ATOM   614  C  "C5'" . A   C 3 4  ? 3.542   7.752   -16.863 1.00 91.62  ? 18  A   C "C5'" 1 
ATOM   615  C  "C4'" . A   C 3 4  ? 3.983   6.738   -17.879 1.00 90.68  ? 18  A   C "C4'" 1 
ATOM   616  O  "O4'" . A   C 3 4  ? 5.424   6.758   -18.007 1.00 89.93  ? 18  A   C "O4'" 1 
ATOM   617  C  "C3'" . A   C 3 4  ? 3.690   5.299   -17.540 1.00 95.44  ? 18  A   C "C3'" 1 
ATOM   618  O  "O3'" . A   C 3 4  ? 2.351   4.945   -17.761 1.00 97.58  ? 18  A   C "O3'" 1 
ATOM   619  C  "C2'" . A   C 3 4  ? 4.672   4.554   -18.423 1.00 95.80  ? 18  A   C "C2'" 1 
ATOM   620  O  "O2'" . A   C 3 4  ? 4.238   4.564   -19.774 1.00 97.87  ? 18  A   C "O2'" 1 
ATOM   621  C  "C1'" . A   C 3 4  ? 5.883   5.460   -18.310 1.00 88.92  ? 18  A   C "C1'" 1 
ATOM   622  N  N9    . A   C 3 4  ? 6.779   5.029   -17.244 1.00 89.36  ? 18  A   C N9    1 
ATOM   623  C  C8    . A   C 3 4  ? 7.052   5.603   -16.032 1.00 88.71  ? 18  A   C C8    1 
ATOM   624  N  N7    . A   C 3 4  ? 7.954   4.928   -15.362 1.00 91.73  ? 18  A   C N7    1 
ATOM   625  C  C5    . A   C 3 4  ? 8.271   3.855   -16.197 1.00 92.50  ? 18  A   C C5    1 
ATOM   626  C  C6    . A   C 3 4  ? 9.155   2.770   -16.085 1.00 92.83  ? 18  A   C C6    1 
ATOM   627  N  N6    . A   C 3 4  ? 9.931   2.560   -15.023 1.00 91.60  ? 18  A   C N6    1 
ATOM   628  N  N1    . A   C 3 4  ? 9.212   1.893   -17.111 1.00 90.24  ? 18  A   C N1    1 
ATOM   629  C  C2    . A   C 3 4  ? 8.432   2.097   -18.177 1.00 93.32  ? 18  A   C C2    1 
ATOM   630  N  N3    . A   C 3 4  ? 7.562   3.076   -18.408 1.00 92.53  ? 18  A   C N3    1 
ATOM   631  C  C4    . A   C 3 4  ? 7.545   3.917   -17.362 1.00 91.48  ? 18  A   C C4    1 
ATOM   632  P  P     . G   C 3 5  ? 1.640   3.910   -16.774 1.00 114.48 ? 19  G   C P     1 
ATOM   633  O  OP1   . G   C 3 5  ? 0.189   3.983   -17.055 1.00 99.28  ? 19  G   C OP1   1 
ATOM   634  O  OP2   . G   C 3 5  ? 2.126   4.210   -15.389 1.00 99.86  ? 19  G   C OP2   1 
ATOM   635  O  "O5'" . G   C 3 5  ? 2.228   2.510   -17.259 1.00 102.93 ? 19  G   C "O5'" 1 
ATOM   636  C  "C5'" . G   C 3 5  ? 2.114   2.100   -18.608 1.00 85.89  ? 19  G   C "C5'" 1 
ATOM   637  C  "C4'" . G   C 3 5  ? 2.971   0.901   -18.882 1.00 90.17  ? 19  G   C "C4'" 1 
ATOM   638  O  "O4'" . G   C 3 5  ? 4.365   1.254   -18.722 1.00 93.89  ? 19  G   C "O4'" 1 
ATOM   639  C  "C3'" . G   C 3 5  ? 2.810   -0.260  -17.924 1.00 97.53  ? 19  G   C "C3'" 1 
ATOM   640  O  "O3'" . G   C 3 5  ? 1.647   -1.027  -18.150 1.00 102.35 ? 19  G   C "O3'" 1 
ATOM   641  C  "C2'" . G   C 3 5  ? 4.108   -1.021  -18.122 1.00 95.01  ? 19  G   C "C2'" 1 
ATOM   642  O  "O2'" . G   C 3 5  ? 4.102   -1.739  -19.347 1.00 98.84  ? 19  G   C "O2'" 1 
ATOM   643  C  "C1'" . G   C 3 5  ? 5.083   0.133   -18.258 1.00 90.49  ? 19  G   C "C1'" 1 
ATOM   644  N  N9    . G   C 3 5  ? 5.688   0.462   -16.974 1.00 92.06  ? 19  G   C N9    1 
ATOM   645  C  C8    . G   C 3 5  ? 5.475   1.485   -16.083 1.00 93.20  ? 19  G   C C8    1 
ATOM   646  N  N7    . G   C 3 5  ? 6.272   1.372   -15.042 1.00 92.13  ? 19  G   C N7    1 
ATOM   647  C  C5    . G   C 3 5  ? 7.021   0.211   -15.281 1.00 91.32  ? 19  G   C C5    1 
ATOM   648  C  C6    . G   C 3 5  ? 8.043   -0.454  -14.542 1.00 93.95  ? 19  G   C C6    1 
ATOM   649  O  O6    . G   C 3 5  ? 8.543   -0.140  -13.442 1.00 88.10  ? 19  G   C O6    1 
ATOM   650  N  N1    . G   C 3 5  ? 8.484   -1.604  -15.222 1.00 94.19  ? 19  G   C N1    1 
ATOM   651  C  C2    . G   C 3 5  ? 8.020   -2.066  -16.435 1.00 89.24  ? 19  G   C C2    1 
ATOM   652  N  N2    . G   C 3 5  ? 8.556   -3.187  -16.942 1.00 89.55  ? 19  G   C N2    1 
ATOM   653  N  N3    . G   C 3 5  ? 7.083   -1.457  -17.113 1.00 87.91  ? 19  G   C N3    1 
ATOM   654  C  C4    . G   C 3 5  ? 6.651   -0.353  -16.476 1.00 91.02  ? 19  G   C C4    1 
ATOM   655  P  P     . A   C 3 6  ? 0.796   -1.558  -16.892 1.00 113.55 ? 20  A   C P     1 
ATOM   656  O  OP1   . A   C 3 6  ? -0.528  -1.991  -17.409 1.00 103.43 ? 20  A   C OP1   1 
ATOM   657  O  OP2   . A   C 3 6  ? 0.840   -0.490  -15.859 1.00 103.97 ? 20  A   C OP2   1 
ATOM   658  O  "O5'" . A   C 3 6  ? 1.644   -2.825  -16.401 1.00 98.34  ? 20  A   C "O5'" 1 
ATOM   659  C  "C5'" . A   C 3 6  ? 1.869   -3.933  -17.264 1.00 93.91  ? 20  A   C "C5'" 1 
ATOM   660  C  "C4'" . A   C 3 6  ? 3.055   -4.752  -16.826 1.00 91.80  ? 20  A   C "C4'" 1 
ATOM   661  O  "O4'" . A   C 3 6  ? 4.238   -3.914  -16.784 1.00 92.51  ? 20  A   C "O4'" 1 
ATOM   662  C  "C3'" . A   C 3 6  ? 2.981   -5.340  -15.428 1.00 94.20  ? 20  A   C "C3'" 1 
ATOM   663  O  "O3'" . A   C 3 6  ? 2.196   -6.513  -15.353 1.00 92.26  ? 20  A   C "O3'" 1 
ATOM   664  C  "C2'" . A   C 3 6  ? 4.448   -5.553  -15.087 1.00 94.21  ? 20  A   C "C2'" 1 
ATOM   665  O  "O2'" . A   C 3 6  ? 4.969   -6.680  -15.771 1.00 100.44 ? 20  A   C "O2'" 1 
ATOM   666  C  "C1'" . A   C 3 6  ? 5.060   -4.297  -15.695 1.00 94.02  ? 20  A   C "C1'" 1 
ATOM   667  N  N9    . A   C 3 6  ? 5.085   -3.192  -14.723 1.00 90.03  ? 20  A   C N9    1 
ATOM   668  C  C8    . A   C 3 6  ? 4.285   -2.071  -14.672 1.00 89.46  ? 20  A   C C8    1 
ATOM   669  N  N7    . A   C 3 6  ? 4.548   -1.280  -13.659 1.00 84.23  ? 20  A   C N7    1 
ATOM   670  C  C5    . A   C 3 6  ? 5.580   -1.942  -13.010 1.00 84.20  ? 20  A   C C5    1 
ATOM   671  C  C6    . A   C 3 6  ? 6.301   -1.624  -11.857 1.00 85.70  ? 20  A   C C6    1 
ATOM   672  N  N6    . A   C 3 6  ? 6.046   -0.508  -11.171 1.00 86.57  ? 20  A   C N6    1 
ATOM   673  N  N1    . A   C 3 6  ? 7.272   -2.488  -11.451 1.00 83.69  ? 20  A   C N1    1 
ATOM   674  C  C2    . A   C 3 6  ? 7.490   -3.603  -12.174 1.00 87.08  ? 20  A   C C2    1 
ATOM   675  N  N3    . A   C 3 6  ? 6.871   -4.014  -13.287 1.00 88.06  ? 20  A   C N3    1 
ATOM   676  C  C4    . A   C 3 6  ? 5.922   -3.123  -13.646 1.00 85.77  ? 20  A   C C4    1 
ATOM   677  P  P     . G   C 3 7  ? 1.147   -6.691  -14.149 1.00 100.47 ? 21  G   C P     1 
ATOM   678  O  OP1   . G   C 3 7  ? 0.367   -7.925  -14.414 1.00 93.82  ? 21  G   C OP1   1 
ATOM   679  O  OP2   . G   C 3 7  ? 0.420   -5.404  -14.003 1.00 92.38  ? 21  G   C OP2   1 
ATOM   680  O  "O5'" . G   C 3 7  ? 2.098   -6.921  -12.902 1.00 98.02  ? 21  G   C "O5'" 1 
ATOM   681  C  "C5'" . G   C 3 7  ? 3.058   -7.961  -12.909 1.00 93.79  ? 21  G   C "C5'" 1 
ATOM   682  C  "C4'" . G   C 3 7  ? 4.055   -7.773  -11.806 1.00 96.71  ? 21  G   C "C4'" 1 
ATOM   683  O  "O4'" . G   C 3 7  ? 4.757   -6.511  -11.995 1.00 96.19  ? 21  G   C "O4'" 1 
ATOM   684  C  "C3'" . G   C 3 7  ? 3.475   -7.652  -10.405 1.00 97.13  ? 21  G   C "C3'" 1 
ATOM   685  O  "O3'" . G   C 3 7  ? 3.139   -8.902  -9.830  1.00 95.96  ? 21  G   C "O3'" 1 
ATOM   686  C  "C2'" . G   C 3 7  ? 4.583   -6.915  -9.668  1.00 94.41  ? 21  G   C "C2'" 1 
ATOM   687  O  "O2'" . G   C 3 7  ? 5.675   -7.792  -9.410  1.00 92.73  ? 21  G   C "O2'" 1 
ATOM   688  C  "C1'" . G   C 3 7  ? 5.020   -5.917  -10.740 1.00 87.38  ? 21  G   C "C1'" 1 
ATOM   689  N  N9    . G   C 3 7  ? 4.283   -4.630  -10.651 1.00 84.75  ? 21  G   C N9    1 
ATOM   690  C  C8    . G   C 3 7  ? 3.195   -4.177  -11.385 1.00 87.21  ? 21  G   C C8    1 
ATOM   691  N  N7    . G   C 3 7  ? 2.790   -2.967  -11.061 1.00 82.36  ? 21  G   C N7    1 
ATOM   692  C  C5    . G   C 3 7  ? 3.677   -2.586  -10.045 1.00 85.42  ? 21  G   C C5    1 
ATOM   693  C  C6    . G   C 3 7  ? 3.778   -1.380  -9.272  1.00 85.24  ? 21  G   C C6    1 
ATOM   694  O  O6    . G   C 3 7  ? 3.058   -0.361  -9.330  1.00 90.15  ? 21  G   C O6    1 
ATOM   695  N  N1    . G   C 3 7  ? 4.829   -1.426  -8.341  1.00 76.23  ? 21  G   C N1    1 
ATOM   696  C  C2    . G   C 3 7  ? 5.688   -2.494  -8.176  1.00 79.36  ? 21  G   C C2    1 
ATOM   697  N  N2    . G   C 3 7  ? 6.652   -2.386  -7.241  1.00 71.45  ? 21  G   C N2    1 
ATOM   698  N  N3    . G   C 3 7  ? 5.606   -3.610  -8.888  1.00 83.95  ? 21  G   C N3    1 
ATOM   699  C  C4    . G   C 3 7  ? 4.596   -3.596  -9.792  1.00 83.48  ? 21  G   C C4    1 
ATOM   700  P  P     . A   C 3 8  ? 1.604   -9.272  -9.527  1.00 101.24 ? 22  A   C P     1 
ATOM   701  O  OP1   . A   C 3 8  ? 1.056   -9.904  -10.752 1.00 99.32  ? 22  A   C OP1   1 
ATOM   702  O  OP2   . A   C 3 8  ? 0.939   -8.048  -8.998  1.00 89.44  ? 22  A   C OP2   1 
ATOM   703  O  "O5'" . A   C 3 8  ? 1.744   -10.356 -8.376  1.00 97.65  ? 22  A   C "O5'" 1 
ATOM   704  C  "C5'" . A   C 3 8  ? 2.144   -9.981  -7.067  1.00 97.85  ? 22  A   C "C5'" 1 
ATOM   705  C  "C4'" . A   C 3 8  ? 3.497   -10.548 -6.715  1.00 98.07  ? 22  A   C "C4'" 1 
ATOM   706  O  "O4'" . A   C 3 8  ? 4.540   -9.643  -7.166  1.00 90.29  ? 22  A   C "O4'" 1 
ATOM   707  C  "C3'" . A   C 3 8  ? 3.768   -10.728 -5.227  1.00 91.10  ? 22  A   C "C3'" 1 
ATOM   708  O  "O3'" . A   C 3 8  ? 3.235   -11.930 -4.715  1.00 85.71  ? 22  A   C "O3'" 1 
ATOM   709  C  "C2'" . A   C 3 8  ? 5.287   -10.642 -5.137  1.00 91.71  ? 22  A   C "C2'" 1 
ATOM   710  O  "O2'" . A   C 3 8  ? 5.889   -11.876 -5.501  1.00 92.12  ? 22  A   C "O2'" 1 
ATOM   711  C  "C1'" . A   C 3 8  ? 5.593   -9.606  -6.221  1.00 91.49  ? 22  A   C "C1'" 1 
ATOM   712  N  N9    . A   C 3 8  ? 5.674   -8.238  -5.668  1.00 87.90  ? 22  A   C N9    1 
ATOM   713  C  C8    . A   C 3 8  ? 4.839   -7.176  -5.943  1.00 83.89  ? 22  A   C C8    1 
ATOM   714  N  N7    . A   C 3 8  ? 5.153   -6.073  -5.299  1.00 76.71  ? 22  A   C N7    1 
ATOM   715  C  C5    . A   C 3 8  ? 6.268   -6.430  -4.558  1.00 77.59  ? 22  A   C C5    1 
ATOM   716  C  C6    . A   C 3 8  ? 7.068   -5.700  -3.664  1.00 80.71  ? 22  A   C C6    1 
ATOM   717  N  N6    . A   C 3 8  ? 6.836   -4.417  -3.386  1.00 80.13  ? 22  A   C N6    1 
ATOM   718  N  N1    . A   C 3 8  ? 8.107   -6.331  -3.060  1.00 79.38  ? 22  A   C N1    1 
ATOM   719  C  C2    . A   C 3 8  ? 8.307   -7.623  -3.371  1.00 83.65  ? 22  A   C C2    1 
ATOM   720  N  N3    . A   C 3 8  ? 7.624   -8.422  -4.202  1.00 85.35  ? 22  A   C N3    1 
ATOM   721  C  C4    . A   C 3 8  ? 6.603   -7.757  -4.772  1.00 83.41  ? 22  A   C C4    1 
ATOM   722  P  P     . A   C 3 9  ? 2.449   -11.924 -3.315  1.00 101.69 ? 23  A   C P     1 
ATOM   723  O  OP1   . A   C 3 9  ? 1.820   -13.252 -3.163  1.00 103.31 ? 23  A   C OP1   1 
ATOM   724  O  OP2   . A   C 3 9  ? 1.585   -10.723 -3.301  1.00 95.75  ? 23  A   C OP2   1 
ATOM   725  O  "O5'" . A   C 3 9  ? 3.620   -11.760 -2.257  1.00 94.05  ? 23  A   C "O5'" 1 
ATOM   726  C  "C5'" . A   C 3 9  ? 4.799   -12.539 -2.354  1.00 90.57  ? 23  A   C "C5'" 1 
ATOM   727  C  "C4'" . A   C 3 9  ? 5.889   -11.967 -1.495  1.00 86.29  ? 23  A   C "C4'" 1 
ATOM   728  O  "O4'" . A   C 3 9  ? 6.369   -10.736 -2.086  1.00 86.12  ? 23  A   C "O4'" 1 
ATOM   729  C  "C3'" . A   C 3 9  ? 5.472   -11.573 -0.085  1.00 83.00  ? 23  A   C "C3'" 1 
ATOM   730  O  "O3'" . A   C 3 9  ? 5.492   -12.659 0.810   1.00 89.06  ? 23  A   C "O3'" 1 
ATOM   731  C  "C2'" . A   C 3 9  ? 6.460   -10.480 0.279   1.00 85.67  ? 23  A   C "C2'" 1 
ATOM   732  O  "O2'" . A   C 3 9  ? 7.691   -11.038 0.711   1.00 82.93  ? 23  A   C "O2'" 1 
ATOM   733  C  "C1'" . A   C 3 9  ? 6.674   -9.802  -1.073  1.00 87.45  ? 23  A   C "C1'" 1 
ATOM   734  N  N9    . A   C 3 9  ? 5.792   -8.637  -1.240  1.00 82.80  ? 23  A   C N9    1 
ATOM   735  C  C8    . A   C 3 9  ? 4.689   -8.522  -2.039  1.00 84.17  ? 23  A   C C8    1 
ATOM   736  N  N7    . A   C 3 9  ? 4.120   -7.344  -1.953  1.00 82.59  ? 23  A   C N7    1 
ATOM   737  C  C5    . A   C 3 9  ? 4.896   -6.649  -1.035  1.00 76.36  ? 23  A   C C5    1 
ATOM   738  C  C6    . A   C 3 9  ? 4.814   -5.348  -0.509  1.00 74.92  ? 23  A   C C6    1 
ATOM   739  N  N6    . A   C 3 9  ? 3.877   -4.448  -0.832  1.00 70.47  ? 23  A   C N6    1 
ATOM   740  N  N1    . A   C 3 9  ? 5.756   -4.991  0.384   1.00 78.35  ? 23  A   C N1    1 
ATOM   741  C  C2    . A   C 3 9  ? 6.703   -5.875  0.727   1.00 82.93  ? 23  A   C C2    1 
ATOM   742  N  N3    . A   C 3 9  ? 6.879   -7.124  0.305   1.00 85.25  ? 23  A   C N3    1 
ATOM   743  C  C4    . A   C 3 9  ? 5.932   -7.442  -0.592  1.00 79.76  ? 23  A   C C4    1 
ATOM   744  P  P     . A   C 3 10 ? 4.607   -12.618 2.147   1.00 96.61  ? 24  A   C P     1 
ATOM   745  O  OP1   . A   C 3 10 ? 4.944   -13.842 2.925   1.00 84.85  ? 24  A   C OP1   1 
ATOM   746  O  OP2   . A   C 3 10 ? 3.190   -12.383 1.738   1.00 81.48  ? 24  A   C OP2   1 
ATOM   747  O  "O5'" . A   C 3 10 ? 5.161   -11.345 2.894   1.00 85.42  ? 24  A   C "O5'" 1 
ATOM   748  C  "C5'" . A   C 3 10 ? 6.352   -11.411 3.643   1.00 81.52  ? 24  A   C "C5'" 1 
ATOM   749  C  "C4'" . A   C 3 10 ? 6.582   -10.120 4.355   1.00 82.60  ? 24  A   C "C4'" 1 
ATOM   750  O  "O4'" . A   C 3 10 ? 6.632   -9.043  3.384   1.00 84.36  ? 24  A   C "O4'" 1 
ATOM   751  C  "C3'" . A   C 3 10 ? 5.475   -9.709  5.298   1.00 75.67  ? 24  A   C "C3'" 1 
ATOM   752  O  "O3'" . A   C 3 10 ? 5.587   -10.320 6.548   1.00 75.42  ? 24  A   C "O3'" 1 
ATOM   753  C  "C2'" . A   C 3 10 ? 5.614   -8.201  5.346   1.00 79.51  ? 24  A   C "C2'" 1 
ATOM   754  O  "O2'" . A   C 3 10 ? 6.706   -7.829  6.181   1.00 78.64  ? 24  A   C "O2'" 1 
ATOM   755  C  "C1'" . A   C 3 10 ? 5.988   -7.904  3.899   1.00 78.66  ? 24  A   C "C1'" 1 
ATOM   756  N  N9    . A   C 3 10 ? 4.811   -7.643  3.068   1.00 75.38  ? 24  A   C N9    1 
ATOM   757  C  C8    . A   C 3 10 ? 4.230   -8.492  2.155   1.00 79.69  ? 24  A   C C8    1 
ATOM   758  N  N7    . A   C 3 10 ? 3.197   -7.967  1.537   1.00 77.56  ? 24  A   C N7    1 
ATOM   759  C  C5    . A   C 3 10 ? 3.111   -6.687  2.085   1.00 76.38  ? 24  A   C C5    1 
ATOM   760  C  C6    . A   C 3 10 ? 2.223   -5.615  1.855   1.00 74.55  ? 24  A   C C6    1 
ATOM   761  N  N6    . A   C 3 10 ? 1.205   -5.661  0.976   1.00 69.59  ? 24  A   C N6    1 
ATOM   762  N  N1    . A   C 3 10 ? 2.436   -4.485  2.577   1.00 71.33  ? 24  A   C N1    1 
ATOM   763  C  C2    . A   C 3 10 ? 3.460   -4.440  3.457   1.00 73.34  ? 24  A   C C2    1 
ATOM   764  N  N3    . A   C 3 10 ? 4.355   -5.377  3.766   1.00 71.06  ? 24  A   C N3    1 
ATOM   765  C  C4    . A   C 3 10 ? 4.112   -6.476  3.031   1.00 74.89  ? 24  A   C C4    1 
ATOM   766  P  P     . C   C 3 11 ? 4.272   -10.745 7.334   1.00 85.67  ? 25  C   C P     1 
ATOM   767  O  OP1   . C   C 3 11 ? 4.713   -11.437 8.573   1.00 72.47  ? 25  C   C OP1   1 
ATOM   768  O  OP2   . C   C 3 11 ? 3.407   -11.472 6.367   1.00 80.32  ? 25  C   C OP2   1 
ATOM   769  O  "O5'" . C   C 3 11 ? 3.622   -9.343  7.696   1.00 76.11  ? 25  C   C "O5'" 1 
ATOM   770  C  "C5'" . C   C 3 11 ? 4.320   -8.424  8.513   1.00 77.15  ? 25  C   C "C5'" 1 
ATOM   771  C  "C4'" . C   C 3 11 ? 3.659   -7.079  8.505   1.00 75.52  ? 25  C   C "C4'" 1 
ATOM   772  O  "O4'" . C   C 3 11 ? 3.659   -6.550  7.162   1.00 74.53  ? 25  C   C "O4'" 1 
ATOM   773  C  "C3'" . C   C 3 11 ? 2.199   -7.063  8.907   1.00 73.49  ? 25  C   C "C3'" 1 
ATOM   774  O  "O3'" . C   C 3 11 ? 2.028   -7.049  10.303  1.00 74.75  ? 25  C   C "O3'" 1 
ATOM   775  C  "C2'" . C   C 3 11 ? 1.685   -5.813  8.228   1.00 73.43  ? 25  C   C "C2'" 1 
ATOM   776  O  "O2'" . C   C 3 11 ? 2.085   -4.657  8.946   1.00 74.34  ? 25  C   C "O2'" 1 
ATOM   777  C  "C1'" . C   C 3 11 ? 2.463   -5.854  6.925   1.00 70.78  ? 25  C   C "C1'" 1 
ATOM   778  N  N1    . C   C 3 11 ? 1.733   -6.554  5.866   1.00 73.09  ? 25  C   C N1    1 
ATOM   779  C  C2    . C   C 3 11 ? 0.669   -5.880  5.245   1.00 75.16  ? 25  C   C C2    1 
ATOM   780  O  O2    . C   C 3 11 ? 0.376   -4.747  5.671   1.00 75.87  ? 25  C   C O2    1 
ATOM   781  N  N3    . C   C 3 11 ? -0.015  -6.463  4.223   1.00 69.68  ? 25  C   C N3    1 
ATOM   782  C  C4    . C   C 3 11 ? 0.353   -7.684  3.820   1.00 73.74  ? 25  C   C C4    1 
ATOM   783  N  N4    . C   C 3 11 ? -0.345  -8.239  2.819   1.00 70.74  ? 25  C   C N4    1 
ATOM   784  C  C5    . C   C 3 11 ? 1.452   -8.383  4.435   1.00 77.38  ? 25  C   C C5    1 
ATOM   785  C  C6    . C   C 3 11 ? 2.121   -7.795  5.446   1.00 73.46  ? 25  C   C C6    1 
ATOM   786  P  P     . A   C 3 12 ? 0.623   -7.458  10.958  1.00 85.28  ? 26  A   C P     1 
ATOM   787  O  OP1   . A   C 3 12 ? 0.791   -7.301  12.419  1.00 72.86  ? 26  A   C OP1   1 
ATOM   788  O  OP2   . A   C 3 12 ? 0.240   -8.789  10.410  1.00 74.88  ? 26  A   C OP2   1 
ATOM   789  O  "O5'" . A   C 3 12 ? -0.377  -6.353  10.404  1.00 75.37  ? 26  A   C "O5'" 1 
ATOM   790  C  "C5'" . A   C 3 12 ? -0.487  -5.094  11.037  1.00 74.16  ? 26  A   C "C5'" 1 
ATOM   791  C  "C4'" . A   C 3 12 ? -1.580  -4.286  10.411  1.00 71.59  ? 26  A   C "C4'" 1 
ATOM   792  O  "O4'" . A   C 3 12 ? -1.383  -4.249  8.985   1.00 73.13  ? 26  A   C "O4'" 1 
ATOM   793  C  "C3'" . A   C 3 12 ? -2.958  -4.862  10.554  1.00 75.50  ? 26  A   C "C3'" 1 
ATOM   794  O  "O3'" . A   C 3 12 ? -3.538  -4.570  11.791  1.00 85.54  ? 26  A   C "O3'" 1 
ATOM   795  C  "C2'" . A   C 3 12 ? -3.702  -4.281  9.362   1.00 76.46  ? 26  A   C "C2'" 1 
ATOM   796  O  "O2'" . A   C 3 12 ? -4.030  -2.918  9.580   1.00 82.27  ? 26  A   C "O2'" 1 
ATOM   797  C  "C1'" . A   C 3 12 ? -2.619  -4.332  8.319   1.00 69.92  ? 26  A   C "C1'" 1 
ATOM   798  N  N9    . A   C 3 12 ? -2.632  -5.578  7.554   1.00 70.32  ? 26  A   C N9    1 
ATOM   799  C  C8    . A   C 3 12 ? -1.762  -6.647  7.654   1.00 68.80  ? 26  A   C C8    1 
ATOM   800  N  N7    . A   C 3 12 ? -2.011  -7.580  6.758   1.00 66.39  ? 26  A   C N7    1 
ATOM   801  C  C5    . A   C 3 12 ? -3.086  -7.064  6.040   1.00 64.38  ? 26  A   C C5    1 
ATOM   802  C  C6    . A   C 3 12 ? -3.810  -7.563  4.956   1.00 68.78  ? 26  A   C C6    1 
ATOM   803  N  N6    . A   C 3 12 ? -3.524  -8.749  4.418   1.00 71.29  ? 26  A   C N6    1 
ATOM   804  N  N1    . A   C 3 12 ? -4.825  -6.803  4.463   1.00 71.21  ? 26  A   C N1    1 
ATOM   805  C  C2    . A   C 3 12 ? -5.085  -5.613  5.043   1.00 74.52  ? 26  A   C C2    1 
ATOM   806  N  N3    . A   C 3 12 ? -4.469  -5.022  6.079   1.00 72.11  ? 26  A   C N3    1 
ATOM   807  C  C4    . A   C 3 12 ? -3.474  -5.823  6.514   1.00 68.34  ? 26  A   C C4    1 
ATOM   808  P  P     . C   C 3 13 ? -4.530  -5.629  12.448  1.00 85.78  ? 27  C   C P     1 
ATOM   809  O  OP1   . C   C 3 13 ? -4.972  -5.047  13.743  1.00 70.17  ? 27  C   C OP1   1 
ATOM   810  O  OP2   . C   C 3 13 ? -3.829  -6.945  12.445  1.00 72.09  ? 27  C   C OP2   1 
ATOM   811  O  "O5'" . C   C 3 13 ? -5.735  -5.655  11.403  1.00 66.75  ? 27  C   C "O5'" 1 
ATOM   812  C  "C5'" . C   C 3 13 ? -6.566  -4.526  11.224  1.00 67.95  ? 27  C   C "C5'" 1 
ATOM   813  C  "C4'" . C   C 3 13 ? -7.503  -4.727  10.066  1.00 74.75  ? 27  C   C "C4'" 1 
ATOM   814  O  "O4'" . C   C 3 13 ? -6.741  -5.031  8.879   1.00 83.55  ? 27  C   C "O4'" 1 
ATOM   815  C  "C3'" . C   C 3 13 ? -8.463  -5.896  10.177  1.00 76.21  ? 27  C   C "C3'" 1 
ATOM   816  O  "O3'" . C   C 3 13 ? -9.592  -5.606  10.981  1.00 84.78  ? 27  C   C "O3'" 1 
ATOM   817  C  "C2'" . C   C 3 13 ? -8.809  -6.167  8.720   1.00 77.05  ? 27  C   C "C2'" 1 
ATOM   818  O  "O2'" . C   C 3 13 ? -9.741  -5.210  8.243   1.00 82.29  ? 27  C   C "O2'" 1 
ATOM   819  C  "C1'" . C   C 3 13 ? -7.475  -5.896  8.044   1.00 74.15  ? 27  C   C "C1'" 1 
ATOM   820  N  N1    . C   C 3 13 ? -6.690  -7.124  7.835   1.00 73.38  ? 27  C   C N1    1 
ATOM   821  C  C2    . C   C 3 13 ? -6.986  -7.915  6.715   1.00 72.28  ? 27  C   C C2    1 
ATOM   822  O  O2    . C   C 3 13 ? -7.911  -7.555  5.975   1.00 71.14  ? 27  C   C O2    1 
ATOM   823  N  N3    . C   C 3 13 ? -6.272  -9.046  6.478   1.00 68.83  ? 27  C   C N3    1 
ATOM   824  C  C4    . C   C 3 13 ? -5.280  -9.369  7.322   1.00 69.34  ? 27  C   C C4    1 
ATOM   825  N  N4    . C   C 3 13 ? -4.582  -10.486 7.076   1.00 68.74  ? 27  C   C N4    1 
ATOM   826  C  C5    . C   C 3 13 ? -4.957  -8.567  8.466   1.00 66.55  ? 27  C   C C5    1 
ATOM   827  C  C6    . C   C 3 13 ? -5.674  -7.456  8.692   1.00 68.36  ? 27  C   C C6    1 
ATOM   828  P  P     . A   C 3 14 ? -10.297 -6.763  11.852  1.00 87.85  ? 28  A   C P     1 
ATOM   829  O  OP1   . A   C 3 14 ? -11.208 -6.079  12.803  1.00 83.63  ? 28  A   C OP1   1 
ATOM   830  O  OP2   . A   C 3 14 ? -9.218  -7.634  12.397  1.00 71.66  ? 28  A   C OP2   1 
ATOM   831  O  "O5'" . A   C 3 14 ? -11.143 -7.556  10.759  1.00 72.01  ? 28  A   C "O5'" 1 
ATOM   832  C  "C5'" . A   C 3 14 ? -12.166 -6.901  10.034  1.00 71.71  ? 28  A   C "C5'" 1 
ATOM   833  C  "C4'" . A   C 3 14 ? -12.655 -7.746  8.893   1.00 79.88  ? 28  A   C "C4'" 1 
ATOM   834  O  "O4'" . A   C 3 14 ? -11.608 -7.881  7.902   1.00 79.98  ? 28  A   C "O4'" 1 
ATOM   835  C  "C3'" . A   C 3 14 ? -13.021 -9.182  9.236   1.00 83.08  ? 28  A   C "C3'" 1 
ATOM   836  O  "O3'" . A   C 3 14 ? -14.308 -9.302  9.802   1.00 85.93  ? 28  A   C "O3'" 1 
ATOM   837  C  "C2'" . A   C 3 14 ? -12.884 -9.875  7.891   1.00 84.27  ? 28  A   C "C2'" 1 
ATOM   838  O  "O2'" . A   C 3 14 ? -13.984 -9.559  7.052   1.00 80.42  ? 28  A   C "O2'" 1 
ATOM   839  C  "C1'" . A   C 3 14 ? -11.647 -9.176  7.340   1.00 81.05  ? 28  A   C "C1'" 1 
ATOM   840  N  N9    . A   C 3 14 ? -10.409 -9.883  7.719   1.00 78.22  ? 28  A   C N9    1 
ATOM   841  C  C8    . A   C 3 14 ? -9.581  -9.634  8.789   1.00 75.34  ? 28  A   C C8    1 
ATOM   842  N  N7    . A   C 3 14 ? -8.551  -10.449 8.841   1.00 72.91  ? 28  A   C N7    1 
ATOM   843  C  C5    . A   C 3 14 ? -8.726  -11.287 7.739   1.00 71.78  ? 28  A   C C5    1 
ATOM   844  C  C6    . A   C 3 14 ? -7.978  -12.368 7.228   1.00 74.74  ? 28  A   C C6    1 
ATOM   845  N  N6    . A   C 3 14 ? -6.851  -12.825 7.785   1.00 71.40  ? 28  A   C N6    1 
ATOM   846  N  N1    . A   C 3 14 ? -8.434  -12.975 6.104   1.00 77.18  ? 28  A   C N1    1 
ATOM   847  C  C2    . A   C 3 14 ? -9.562  -12.528 5.532   1.00 75.96  ? 28  A   C C2    1 
ATOM   848  N  N3    . A   C 3 14 ? -10.349 -11.526 5.921   1.00 77.75  ? 28  A   C N3    1 
ATOM   849  C  C4    . A   C 3 14 ? -9.867  -10.945 7.040   1.00 74.67  ? 28  A   C C4    1 
ATOM   850  P  P     . C   C 3 15 ? -14.583 -10.362 10.976  1.00 97.29  ? 29  C   C P     1 
ATOM   851  O  OP1   . C   C 3 15 ? -15.956 -10.099 11.471  1.00 96.44  ? 29  C   C OP1   1 
ATOM   852  O  OP2   . C   C 3 15 ? -13.448 -10.276 11.941  1.00 74.68  ? 29  C   C OP2   1 
ATOM   853  O  "O5'" . C   C 3 15 ? -14.541 -11.757 10.199  1.00 88.03  ? 29  C   C "O5'" 1 
ATOM   854  C  "C5'" . C   C 3 15 ? -15.672 -12.214 9.471   1.00 82.43  ? 29  C   C "C5'" 1 
ATOM   855  C  "C4'" . C   C 3 15 ? -15.314 -13.276 8.455   1.00 83.55  ? 29  C   C "C4'" 1 
ATOM   856  O  "O4'" . C   C 3 15 ? -14.131 -12.874 7.708   1.00 88.87  ? 29  C   C "O4'" 1 
ATOM   857  C  "C3'" . C   C 3 15 ? -14.949 -14.655 8.999   1.00 79.44  ? 29  C   C "C3'" 1 
ATOM   858  O  "O3'" . C   C 3 15 ? -16.075 -15.430 9.369   1.00 77.36  ? 29  C   C "O3'" 1 
ATOM   859  C  "C2'" . C   C 3 15 ? -14.156 -15.239 7.839   1.00 85.60  ? 29  C   C "C2'" 1 
ATOM   860  O  "O2'" . C   C 3 15 ? -15.015 -15.606 6.772   1.00 80.64  ? 29  C   C "O2'" 1 
ATOM   861  C  "C1'" . C   C 3 15 ? -13.348 -14.015 7.406   1.00 86.47  ? 29  C   C "C1'" 1 
ATOM   862  N  N1    . C   C 3 15 ? -12.079 -13.934 8.163   1.00 81.17  ? 29  C   C N1    1 
ATOM   863  C  C2    . C   C 3 15 ? -11.035 -14.781 7.772   1.00 81.52  ? 29  C   C C2    1 
ATOM   864  O  O2    . C   C 3 15 ? -11.190 -15.505 6.769   1.00 82.17  ? 29  C   C O2    1 
ATOM   865  N  N3    . C   C 3 15 ? -9.876  -14.774 8.473   1.00 78.91  ? 29  C   C N3    1 
ATOM   866  C  C4    . C   C 3 15 ? -9.759  -13.977 9.533   1.00 80.65  ? 29  C   C C4    1 
ATOM   867  N  N4    . C   C 3 15 ? -8.605  -14.003 10.207  1.00 78.63  ? 29  C   C N4    1 
ATOM   868  C  C5    . C   C 3 15 ? -10.820 -13.120 9.962   1.00 82.92  ? 29  C   C C5    1 
ATOM   869  C  C6    . C   C 3 15 ? -11.956 -13.135 9.262   1.00 79.64  ? 29  C   C C6    1 
ATOM   870  P  P     . G   C 3 16 ? -16.046 -16.357 10.691  1.00 87.80  ? 30  G   C P     1 
ATOM   871  O  OP1   . G   C 3 16 ? -17.448 -16.682 11.009  1.00 91.01  ? 30  G   C OP1   1 
ATOM   872  O  OP2   . G   C 3 16 ? -15.231 -15.662 11.726  1.00 80.10  ? 30  G   C OP2   1 
ATOM   873  O  "O5'" . G   C 3 16 ? -15.290 -17.663 10.180  1.00 83.06  ? 30  G   C "O5'" 1 
ATOM   874  C  "C5'" . G   C 3 16 ? -15.729 -18.329 9.006   1.00 83.64  ? 30  G   C "C5'" 1 
ATOM   875  C  "C4'" . G   C 3 16 ? -14.679 -19.264 8.452   1.00 87.27  ? 30  G   C "C4'" 1 
ATOM   876  O  "O4'" . G   C 3 16 ? -13.548 -18.500 7.951   1.00 88.95  ? 30  G   C "O4'" 1 
ATOM   877  C  "C3'" . G   C 3 16 ? -14.041 -20.243 9.431   1.00 87.96  ? 30  G   C "C3'" 1 
ATOM   878  O  "O3'" . G   C 3 16 ? -14.857 -21.361 9.742   1.00 84.42  ? 30  G   C "O3'" 1 
ATOM   879  C  "C2'" . G   C 3 16 ? -12.763 -20.607 8.692   1.00 90.63  ? 30  G   C "C2'" 1 
ATOM   880  O  "O2'" . G   C 3 16 ? -13.053 -21.425 7.566   1.00 87.49  ? 30  G   C "O2'" 1 
ATOM   881  C  "C1'" . G   C 3 16 ? -12.349 -19.228 8.179   1.00 93.16  ? 30  G   C "C1'" 1 
ATOM   882  N  N9    . G   C 3 16 ? -11.531 -18.511 9.185   1.00 89.81  ? 30  G   C N9    1 
ATOM   883  C  C8    . G   C 3 16 ? -11.888 -17.464 10.010  1.00 87.82  ? 30  G   C C8    1 
ATOM   884  N  N7    . G   C 3 16 ? -10.935 -17.085 10.827  1.00 85.19  ? 30  G   C N7    1 
ATOM   885  C  C5    . G   C 3 16 ? -9.880  -17.944 10.528  1.00 89.50  ? 30  G   C C5    1 
ATOM   886  C  C6    . G   C 3 16 ? -8.572  -18.027 11.080  1.00 85.86  ? 30  G   C C6    1 
ATOM   887  O  O6    . G   C 3 16 ? -8.077  -17.329 11.966  1.00 82.61  ? 30  G   C O6    1 
ATOM   888  N  N1    . G   C 3 16 ? -7.824  -19.047 10.499  1.00 87.36  ? 30  G   C N1    1 
ATOM   889  C  C2    . G   C 3 16 ? -8.276  -19.881 9.500   1.00 90.02  ? 30  G   C C2    1 
ATOM   890  N  N2    . G   C 3 16 ? -7.418  -20.817 9.054   1.00 88.12  ? 30  G   C N2    1 
ATOM   891  N  N3    . G   C 3 16 ? -9.490  -19.808 8.972   1.00 89.16  ? 30  G   C N3    1 
ATOM   892  C  C4    . G   C 3 16 ? -10.235 -18.828 9.527   1.00 88.94  ? 30  G   C C4    1 
ATOM   893  P  P     . A   C 3 17 ? -15.028 -21.851 11.272  1.00 95.46  ? 31  A   C P     1 
ATOM   894  O  OP1   . A   C 3 17 ? -16.173 -22.789 11.276  1.00 101.02 ? 31  A   C OP1   1 
ATOM   895  O  OP2   . A   C 3 17 ? -15.094 -20.635 12.130  1.00 80.15  ? 31  A   C OP2   1 
ATOM   896  O  "O5'" . A   C 3 17 ? -13.671 -22.645 11.577  1.00 88.54  ? 31  A   C "O5'" 1 
ATOM   897  C  "C5'" . A   C 3 17 ? -13.248 -23.723 10.749  1.00 90.30  ? 31  A   C "C5'" 1 
ATOM   898  C  "C4'" . A   C 3 17 ? -11.792 -24.063 10.964  1.00 86.12  ? 31  A   C "C4'" 1 
ATOM   899  O  "O4'" . A   C 3 17 ? -10.960 -22.931 10.616  1.00 92.67  ? 31  A   C "O4'" 1 
ATOM   900  C  "C3'" . A   C 3 17 ? -11.375 -24.392 12.388  1.00 82.55  ? 31  A   C "C3'" 1 
ATOM   901  O  "O3'" . A   C 3 17 ? -11.699 -25.708 12.762  1.00 92.47  ? 31  A   C "O3'" 1 
ATOM   902  C  "C2'" . A   C 3 17 ? -9.880  -24.130 12.363  1.00 87.66  ? 31  A   C "C2'" 1 
ATOM   903  O  "O2'" . A   C 3 17 ? -9.183  -25.201 11.742  1.00 89.21  ? 31  A   C "O2'" 1 
ATOM   904  C  "C1'" . A   C 3 17 ? -9.811  -22.911 11.450  1.00 93.33  ? 31  A   C "C1'" 1 
ATOM   905  N  N9    . A   C 3 17 ? -9.817  -21.673 12.237  1.00 90.71  ? 31  A   C N9    1 
ATOM   906  C  C8    . A   C 3 17 ? -10.865 -20.856 12.573  1.00 92.72  ? 31  A   C C8    1 
ATOM   907  N  N7    . A   C 3 17 ? -10.515 -19.843 13.329  1.00 89.74  ? 31  A   C N7    1 
ATOM   908  C  C5    . A   C 3 17 ? -9.150  -20.028 13.505  1.00 90.57  ? 31  A   C C5    1 
ATOM   909  C  C6    . A   C 3 17 ? -8.184  -19.300 14.211  1.00 90.87  ? 31  A   C C6    1 
ATOM   910  N  N6    . A   C 3 17 ? -8.463  -18.188 14.896  1.00 92.12  ? 31  A   C N6    1 
ATOM   911  N  N1    . A   C 3 17 ? -6.917  -19.762 14.187  1.00 91.37  ? 31  A   C N1    1 
ATOM   912  C  C2    . A   C 3 17 ? -6.651  -20.877 13.498  1.00 90.75  ? 31  A   C C2    1 
ATOM   913  N  N3    . A   C 3 17 ? -7.470  -21.648 12.793  1.00 91.84  ? 31  A   C N3    1 
ATOM   914  C  C4    . A   C 3 17 ? -8.714  -21.155 12.842  1.00 89.74  ? 31  A   C C4    1 
ATOM   915  O  "O5'" . U   D 4 1  ? 0.402   -16.098 15.727  1.00 79.19  ? 31  U   D "O5'" 1 
ATOM   916  C  "C5'" . U   D 4 1  ? 1.416   -17.000 16.147  1.00 85.93  ? 31  U   D "C5'" 1 
ATOM   917  C  "C4'" . U   D 4 1  ? 1.193   -18.381 15.591  1.00 89.52  ? 31  U   D "C4'" 1 
ATOM   918  O  "O4'" . U   D 4 1  ? 0.163   -19.046 16.364  1.00 89.03  ? 31  U   D "O4'" 1 
ATOM   919  C  "C3'" . U   D 4 1  ? 0.706   -18.445 14.144  1.00 81.78  ? 31  U   D "C3'" 1 
ATOM   920  O  "O3'" . U   D 4 1  ? 1.769   -18.439 13.208  1.00 75.60  ? 31  U   D "O3'" 1 
ATOM   921  C  "C2'" . U   D 4 1  ? -0.114  -19.725 14.115  1.00 83.75  ? 31  U   D "C2'" 1 
ATOM   922  O  "O2'" . U   D 4 1  ? 0.729   -20.861 13.999  1.00 87.73  ? 31  U   D "O2'" 1 
ATOM   923  C  "C1'" . U   D 4 1  ? -0.728  -19.722 15.512  1.00 92.19  ? 31  U   D "C1'" 1 
ATOM   924  N  N1    . U   D 4 1  ? -2.026  -19.003 15.540  1.00 97.34  ? 31  U   D N1    1 
ATOM   925  C  C2    . U   D 4 1  ? -3.127  -19.535 14.875  1.00 93.64  ? 31  U   D C2    1 
ATOM   926  O  O2    . U   D 4 1  ? -3.095  -20.595 14.257  1.00 89.01  ? 31  U   D O2    1 
ATOM   927  N  N3    . U   D 4 1  ? -4.266  -18.762 14.955  1.00 92.03  ? 31  U   D N3    1 
ATOM   928  C  C4    . U   D 4 1  ? -4.420  -17.558 15.620  1.00 92.35  ? 31  U   D C4    1 
ATOM   929  O  O4    . U   D 4 1  ? -5.501  -16.971 15.608  1.00 87.30  ? 31  U   D O4    1 
ATOM   930  C  C5    . U   D 4 1  ? -3.246  -17.094 16.288  1.00 93.13  ? 31  U   D C5    1 
ATOM   931  C  C6    . U   D 4 1  ? -2.124  -17.810 16.220  1.00 93.20  ? 31  U   D C6    1 
ATOM   932  P  P     . C   D 4 2  ? 1.596   -17.734 11.772  1.00 87.27  ? 32  C   D P     1 
ATOM   933  O  OP1   . C   D 4 2  ? 2.962   -17.510 11.237  1.00 97.68  ? 32  C   D OP1   1 
ATOM   934  O  OP2   . C   D 4 2  ? 0.697   -16.562 11.962  1.00 80.62  ? 32  C   D OP2   1 
ATOM   935  O  "O5'" . C   D 4 2  ? 0.867   -18.845 10.900  1.00 84.70  ? 32  C   D "O5'" 1 
ATOM   936  C  "C5'" . C   D 4 2  ? 1.316   -20.193 10.920  1.00 86.89  ? 32  C   D "C5'" 1 
ATOM   937  C  "C4'" . C   D 4 2  ? 0.271   -21.124 10.364  1.00 88.47  ? 32  C   D "C4'" 1 
ATOM   938  O  "O4'" . C   D 4 2  ? -0.780  -21.341 11.350  1.00 86.63  ? 32  C   D "O4'" 1 
ATOM   939  C  "C3'" . C   D 4 2  ? -0.465  -20.621 9.136   1.00 82.24  ? 32  C   D "C3'" 1 
ATOM   940  O  "O3'" . C   D 4 2  ? 0.247   -20.856 7.942   1.00 77.93  ? 32  C   D "O3'" 1 
ATOM   941  C  "C2'" . C   D 4 2  ? -1.787  -21.363 9.213   1.00 80.88  ? 32  C   D "C2'" 1 
ATOM   942  O  "O2'" . C   D 4 2  ? -1.622  -22.708 8.811   1.00 87.70  ? 32  C   D "O2'" 1 
ATOM   943  C  "C1'" . C   D 4 2  ? -2.039  -21.350 10.712  1.00 83.67  ? 32  C   D "C1'" 1 
ATOM   944  N  N1    . C   D 4 2  ? -2.784  -20.147 11.132  1.00 86.04  ? 32  C   D N1    1 
ATOM   945  C  C2    . C   D 4 2  ? -4.142  -20.021 10.818  1.00 89.79  ? 32  C   D C2    1 
ATOM   946  O  O2    . C   D 4 2  ? -4.683  -20.931 10.180  1.00 94.18  ? 32  C   D O2    1 
ATOM   947  N  N3    . C   D 4 2  ? -4.837  -18.924 11.207  1.00 87.57  ? 32  C   D N3    1 
ATOM   948  C  C4    . C   D 4 2  ? -4.216  -17.969 11.898  1.00 89.46  ? 32  C   D C4    1 
ATOM   949  N  N4    . C   D 4 2  ? -4.914  -16.897 12.277  1.00 90.12  ? 32  C   D N4    1 
ATOM   950  C  C5    . C   D 4 2  ? -2.836  -18.070 12.235  1.00 88.83  ? 32  C   D C5    1 
ATOM   951  C  C6    . C   D 4 2  ? -2.169  -19.161 11.839  1.00 86.23  ? 32  C   D C6    1 
ATOM   952  P  P     . G   D 4 3  ? -0.166  -20.085 6.597   1.00 87.30  ? 33  G   D P     1 
ATOM   953  O  OP1   . G   D 4 3  ? 0.751   -20.546 5.539   1.00 79.34  ? 33  G   D OP1   1 
ATOM   954  O  OP2   . G   D 4 3  ? -0.231  -18.634 6.929   1.00 78.97  ? 33  G   D OP2   1 
ATOM   955  O  "O5'" . G   D 4 3  ? -1.628  -20.626 6.304   1.00 96.01  ? 33  G   D "O5'" 1 
ATOM   956  C  "C5'" . G   D 4 3  ? -1.843  -21.843 5.604   1.00 94.17  ? 33  G   D "C5'" 1 
ATOM   957  C  "C4'" . G   D 4 3  ? -3.268  -21.935 5.126   1.00 89.85  ? 33  G   D "C4'" 1 
ATOM   958  O  "O4'" . G   D 4 3  ? -4.154  -21.731 6.250   1.00 87.55  ? 33  G   D "O4'" 1 
ATOM   959  C  "C3'" . G   D 4 3  ? -3.672  -20.880 4.112   1.00 86.12  ? 33  G   D "C3'" 1 
ATOM   960  O  "O3'" . G   D 4 3  ? -3.431  -21.294 2.788   1.00 84.68  ? 33  G   D "O3'" 1 
ATOM   961  C  "C2'" . G   D 4 3  ? -5.142  -20.630 4.403   1.00 82.38  ? 33  G   D "C2'" 1 
ATOM   962  O  "O2'" . G   D 4 3  ? -5.947  -21.594 3.744   1.00 88.83  ? 33  G   D "O2'" 1 
ATOM   963  C  "C1'" . G   D 4 3  ? -5.218  -20.888 5.895   1.00 83.77  ? 33  G   D "C1'" 1 
ATOM   964  N  N9    . G   D 4 3  ? -5.123  -19.660 6.704   1.00 84.41  ? 33  G   D N9    1 
ATOM   965  C  C8    . G   D 4 3  ? -4.053  -19.294 7.482   1.00 85.41  ? 33  G   D C8    1 
ATOM   966  N  N7    . G   D 4 3  ? -4.248  -18.195 8.157   1.00 85.76  ? 33  G   D N7    1 
ATOM   967  C  C5    . G   D 4 3  ? -5.543  -17.832 7.830   1.00 85.71  ? 33  G   D C5    1 
ATOM   968  C  C6    . G   D 4 3  ? -6.307  -16.725 8.268   1.00 87.10  ? 33  G   D C6    1 
ATOM   969  O  O6    . G   D 4 3  ? -5.941  -15.836 9.049   1.00 88.85  ? 33  G   D O6    1 
ATOM   970  N  N1    . G   D 4 3  ? -7.587  -16.723 7.702   1.00 83.02  ? 33  G   D N1    1 
ATOM   971  C  C2    . G   D 4 3  ? -8.057  -17.676 6.824   1.00 86.83  ? 33  G   D C2    1 
ATOM   972  N  N2    . G   D 4 3  ? -9.309  -17.535 6.360   1.00 88.80  ? 33  G   D N2    1 
ATOM   973  N  N3    . G   D 4 3  ? -7.347  -18.713 6.413   1.00 89.19  ? 33  G   D N3    1 
ATOM   974  C  C4    . G   D 4 3  ? -6.107  -18.730 6.949   1.00 87.68  ? 33  G   D C4    1 
ATOM   975  P  P     . U   D 4 4  ? -3.453  -20.221 1.600   1.00 94.36  ? 34  U   D P     1 
ATOM   976  O  OP1   . U   D 4 4  ? -3.301  -20.977 0.326   1.00 91.86  ? 34  U   D OP1   1 
ATOM   977  O  OP2   . U   D 4 4  ? -2.451  -19.179 1.944   1.00 96.13  ? 34  U   D OP2   1 
ATOM   978  O  "O5'" . U   D 4 4  ? -4.920  -19.609 1.687   1.00 89.51  ? 34  U   D "O5'" 1 
ATOM   979  C  "C5'" . U   D 4 4  ? -5.986  -20.180 0.946   1.00 89.59  ? 34  U   D "C5'" 1 
ATOM   980  C  "C4'" . U   D 4 4  ? -7.244  -19.364 1.066   1.00 88.85  ? 34  U   D "C4'" 1 
ATOM   981  O  "O4'" . U   D 4 4  ? -7.518  -19.090 2.459   1.00 89.21  ? 34  U   D "O4'" 1 
ATOM   982  C  "C3'" . U   D 4 4  ? -7.208  -17.993 0.430   1.00 85.65  ? 34  U   D "C3'" 1 
ATOM   983  O  "O3'" . U   D 4 4  ? -7.431  -18.031 -0.959  1.00 86.76  ? 34  U   D "O3'" 1 
ATOM   984  C  "C2'" . U   D 4 4  ? -8.291  -17.249 1.186   1.00 84.69  ? 34  U   D "C2'" 1 
ATOM   985  O  "O2'" . U   D 4 4  ? -9.566  -17.609 0.692   1.00 90.43  ? 34  U   D "O2'" 1 
ATOM   986  C  "C1'" . U   D 4 4  ? -8.143  -17.834 2.582   1.00 86.26  ? 34  U   D "C1'" 1 
ATOM   987  N  N1    . U   D 4 4  ? -7.324  -16.985 3.451   1.00 87.41  ? 34  U   D N1    1 
ATOM   988  C  C2    . U   D 4 4  ? -7.912  -15.822 3.894   1.00 87.71  ? 34  U   D C2    1 
ATOM   989  O  O2    . U   D 4 4  ? -9.043  -15.496 3.564   1.00 88.39  ? 34  U   D O2    1 
ATOM   990  N  N3    . U   D 4 4  ? -7.129  -15.058 4.722   1.00 84.30  ? 34  U   D N3    1 
ATOM   991  C  C4    . U   D 4 4  ? -5.847  -15.349 5.141   1.00 84.88  ? 34  U   D C4    1 
ATOM   992  O  O4    . U   D 4 4  ? -5.265  -14.564 5.894   1.00 85.93  ? 34  U   D O4    1 
ATOM   993  C  C5    . U   D 4 4  ? -5.317  -16.581 4.639   1.00 86.67  ? 34  U   D C5    1 
ATOM   994  C  C6    . U   D 4 4  ? -6.057  -17.345 3.829   1.00 88.45  ? 34  U   D C6    1 
ATOM   995  P  P     . G   D 4 5  ? -6.864  -16.851 -1.879  1.00 100.24 ? 35  G   D P     1 
ATOM   996  O  OP1   . G   D 4 5  ? -7.043  -17.274 -3.294  1.00 91.59  ? 35  G   D OP1   1 
ATOM   997  O  OP2   . G   D 4 5  ? -5.497  -16.540 -1.386  1.00 81.26  ? 35  G   D OP2   1 
ATOM   998  O  "O5'" . G   D 4 5  ? -7.840  -15.638 -1.544  1.00 90.92  ? 35  G   D "O5'" 1 
ATOM   999  C  "C5'" . G   D 4 5  ? -9.244  -15.763 -1.678  1.00 81.21  ? 35  G   D "C5'" 1 
ATOM   1000 C  "C4'" . G   D 4 5  ? -9.949  -14.567 -1.096  1.00 80.47  ? 35  G   D "C4'" 1 
ATOM   1001 O  "O4'" . G   D 4 5  ? -9.730  -14.521 0.336   1.00 79.89  ? 35  G   D "O4'" 1 
ATOM   1002 C  "C3'" . G   D 4 5  ? -9.471  -13.215 -1.592  1.00 79.81  ? 35  G   D "C3'" 1 
ATOM   1003 O  "O3'" . G   D 4 5  ? -10.062 -12.853 -2.825  1.00 80.01  ? 35  G   D "O3'" 1 
ATOM   1004 C  "C2'" . G   D 4 5  ? -9.822  -12.276 -0.434  1.00 82.43  ? 35  G   D "C2'" 1 
ATOM   1005 O  "O2'" . G   D 4 5  ? -11.186 -11.879 -0.488  1.00 73.36  ? 35  G   D "O2'" 1 
ATOM   1006 C  "C1'" . G   D 4 5  ? -9.638  -13.186 0.775   1.00 77.01  ? 35  G   D "C1'" 1 
ATOM   1007 N  N9    . G   D 4 5  ? -8.333  -13.009 1.452   1.00 83.22  ? 35  G   D N9    1 
ATOM   1008 C  C8    . G   D 4 5  ? -7.244  -13.842 1.308   1.00 83.73  ? 35  G   D C8    1 
ATOM   1009 N  N7    . G   D 4 5  ? -6.231  -13.507 2.066   1.00 82.90  ? 35  G   D N7    1 
ATOM   1010 C  C5    . G   D 4 5  ? -6.678  -12.399 2.774   1.00 77.86  ? 35  G   D C5    1 
ATOM   1011 C  C6    . G   D 4 5  ? -6.011  -11.607 3.752   1.00 79.04  ? 35  G   D C6    1 
ATOM   1012 O  O6    . G   D 4 5  ? -4.856  -11.732 4.190   1.00 84.54  ? 35  G   D O6    1 
ATOM   1013 N  N1    . G   D 4 5  ? -6.815  -10.575 4.227   1.00 73.53  ? 35  G   D N1    1 
ATOM   1014 C  C2    . G   D 4 5  ? -8.095  -10.338 3.800   1.00 74.96  ? 35  G   D C2    1 
ATOM   1015 N  N2    . G   D 4 5  ? -8.699  -9.289  4.366   1.00 73.53  ? 35  G   D N2    1 
ATOM   1016 N  N3    . G   D 4 5  ? -8.734  -11.068 2.896   1.00 77.14  ? 35  G   D N3    1 
ATOM   1017 C  C4    . G   D 4 5  ? -7.976  -12.081 2.420   1.00 78.84  ? 35  G   D C4    1 
ATOM   1018 P  P     . G   D 4 6  ? -9.211  -12.076 -3.947  1.00 94.89  ? 36  G   D P     1 
ATOM   1019 O  OP1   . G   D 4 6  ? -9.642  -12.604 -5.264  1.00 95.37  ? 36  G   D OP1   1 
ATOM   1020 O  OP2   . G   D 4 6  ? -7.778  -12.178 -3.573  1.00 83.82  ? 36  G   D OP2   1 
ATOM   1021 O  "O5'" . G   D 4 6  ? -9.717  -10.582 -3.777  1.00 87.36  ? 36  G   D "O5'" 1 
ATOM   1022 C  "C5'" . G   D 4 6  ? -11.093 -10.310 -3.550  1.00 79.00  ? 36  G   D "C5'" 1 
ATOM   1023 C  "C4'" . G   D 4 6  ? -11.282 -9.017  -2.808  1.00 83.21  ? 36  G   D "C4'" 1 
ATOM   1024 O  "O4'" . G   D 4 6  ? -10.539 -9.070  -1.561  1.00 85.35  ? 36  G   D "O4'" 1 
ATOM   1025 C  "C3'" . G   D 4 6  ? -10.782 -7.781  -3.533  1.00 84.81  ? 36  G   D "C3'" 1 
ATOM   1026 O  "O3'" . G   D 4 6  ? -11.533 -6.662  -3.092  1.00 86.13  ? 36  G   D "O3'" 1 
ATOM   1027 C  "C2'" . G   D 4 6  ? -9.362  -7.652  -3.011  1.00 85.65  ? 36  G   D "C2'" 1 
ATOM   1028 O  "O2'" . G   D 4 6  ? -8.810  -6.358  -3.146  1.00 85.42  ? 36  G   D "O2'" 1 
ATOM   1029 C  "C1'" . G   D 4 6  ? -9.559  -8.048  -1.547  1.00 75.01  ? 36  G   D "C1'" 1 
ATOM   1030 N  N9    . G   D 4 6  ? -8.353  -8.576  -0.898  1.00 72.70  ? 36  G   D N9    1 
ATOM   1031 C  C8    . G   D 4 6  ? -7.499  -9.556  -1.366  1.00 79.53  ? 36  G   D C8    1 
ATOM   1032 N  N7    . G   D 4 6  ? -6.492  -9.814  -0.564  1.00 75.53  ? 36  G   D N7    1 
ATOM   1033 C  C5    . G   D 4 6  ? -6.693  -8.954  0.514   1.00 74.43  ? 36  G   D C5    1 
ATOM   1034 C  C6    . G   D 4 6  ? -5.926  -8.762  1.702   1.00 75.88  ? 36  G   D C6    1 
ATOM   1035 O  O6    . G   D 4 6  ? -4.877  -9.338  2.053   1.00 73.56  ? 36  G   D O6    1 
ATOM   1036 N  N1    . G   D 4 6  ? -6.487  -7.781  2.521   1.00 73.46  ? 36  G   D N1    1 
ATOM   1037 C  C2    . G   D 4 6  ? -7.634  -7.078  2.239   1.00 78.82  ? 36  G   D C2    1 
ATOM   1038 N  N2    . G   D 4 6  ? -8.029  -6.174  3.148   1.00 82.33  ? 36  G   D N2    1 
ATOM   1039 N  N3    . G   D 4 6  ? -8.350  -7.245  1.137   1.00 78.46  ? 36  G   D N3    1 
ATOM   1040 C  C4    . G   D 4 6  ? -7.831  -8.189  0.321   1.00 75.79  ? 36  G   D C4    1 
ATOM   1041 P  P     . U   D 4 7  ? -12.212 -5.695  -4.160  1.00 95.35  ? 37  U   D P     1 
ATOM   1042 O  OP1   . U   D 4 7  ? -13.362 -5.036  -3.483  1.00 84.88  ? 37  U   D OP1   1 
ATOM   1043 O  OP2   . U   D 4 7  ? -12.451 -6.503  -5.383  1.00 89.88  ? 37  U   D OP2   1 
ATOM   1044 O  "O5'" . U   D 4 7  ? -11.081 -4.628  -4.440  1.00 93.97  ? 37  U   D "O5'" 1 
ATOM   1045 C  "C5'" . U   D 4 7  ? -11.429 -3.291  -4.764  1.00 95.29  ? 37  U   D "C5'" 1 
ATOM   1046 C  "C4'" . U   D 4 7  ? -10.699 -2.306  -3.897  1.00 92.90  ? 37  U   D "C4'" 1 
ATOM   1047 O  "O4'" . U   D 4 7  ? -11.190 -2.411  -2.533  1.00 89.25  ? 37  U   D "O4'" 1 
ATOM   1048 C  "C3'" . U   D 4 7  ? -9.184  -2.498  -3.832  1.00 88.84  ? 37  U   D "C3'" 1 
ATOM   1049 O  "O3'" . U   D 4 7  ? -8.549  -1.230  -3.856  1.00 91.65  ? 37  U   D "O3'" 1 
ATOM   1050 C  "C2'" . U   D 4 7  ? -8.969  -3.146  -2.471  1.00 85.97  ? 37  U   D "C2'" 1 
ATOM   1051 O  "O2'" . U   D 4 7  ? -7.709  -2.882  -1.887  1.00 84.61  ? 37  U   D "O2'" 1 
ATOM   1052 C  "C1'" . U   D 4 7  ? -10.102 -2.541  -1.650  1.00 87.15  ? 37  U   D "C1'" 1 
ATOM   1053 N  N1    . U   D 4 7  ? -10.511 -3.386  -0.514  1.00 92.55  ? 37  U   D N1    1 
ATOM   1054 C  C2    . U   D 4 7  ? -10.188 -2.915  0.753   1.00 93.70  ? 37  U   D C2    1 
ATOM   1055 O  O2    . U   D 4 7  ? -9.645  -1.836  0.932   1.00 95.81  ? 37  U   D O2    1 
ATOM   1056 N  N3    . U   D 4 7  ? -10.529 -3.741  1.798   1.00 94.16  ? 37  U   D N3    1 
ATOM   1057 C  C4    . U   D 4 7  ? -11.145 -4.978  1.690   1.00 100.36 ? 37  U   D C4    1 
ATOM   1058 O  O4    . U   D 4 7  ? -11.398 -5.618  2.724   1.00 107.12 ? 37  U   D O4    1 
ATOM   1059 C  C5    . U   D 4 7  ? -11.430 -5.396  0.337   1.00 90.88  ? 37  U   D C5    1 
ATOM   1060 C  C6    . U   D 4 7  ? -11.107 -4.614  -0.702  1.00 87.61  ? 37  U   D C6    1 
ATOM   1061 P  P     . A   D 4 8  ? -7.359  -0.949  -4.883  1.00 87.41  ? 38  A   D P     1 
ATOM   1062 O  OP1   . A   D 4 8  ? -6.571  0.181   -4.322  1.00 88.25  ? 38  A   D OP1   1 
ATOM   1063 O  OP2   . A   D 4 8  ? -7.958  -0.809  -6.221  1.00 86.29  ? 38  A   D OP2   1 
ATOM   1064 O  "O5'" . A   D 4 8  ? -6.508  -2.288  -4.818  1.00 88.78  ? 38  A   D "O5'" 1 
ATOM   1065 C  "C5'" . A   D 4 8  ? -5.446  -2.417  -3.882  1.00 84.45  ? 38  A   D "C5'" 1 
ATOM   1066 C  "C4'" . A   D 4 8  ? -4.652  -3.678  -4.101  1.00 82.54  ? 38  A   D "C4'" 1 
ATOM   1067 O  "O4'" . A   D 4 8  ? -3.363  -3.519  -3.456  1.00 76.85  ? 38  A   D "O4'" 1 
ATOM   1068 C  "C3'" . A   D 4 8  ? -5.261  -4.946  -3.503  1.00 82.16  ? 38  A   D "C3'" 1 
ATOM   1069 O  "O3'" . A   D 4 8  ? -4.803  -6.088  -4.235  1.00 81.30  ? 38  A   D "O3'" 1 
ATOM   1070 C  "C2'" . A   D 4 8  ? -4.631  -4.967  -2.123  1.00 82.56  ? 38  A   D "C2'" 1 
ATOM   1071 O  "O2'" . A   D 4 8  ? -4.640  -6.236  -1.494  1.00 84.13  ? 38  A   D "O2'" 1 
ATOM   1072 C  "C1'" . A   D 4 8  ? -3.210  -4.494  -2.451  1.00 74.96  ? 38  A   D "C1'" 1 
ATOM   1073 N  N9    . A   D 4 8  ? -2.505  -3.871  -1.331  1.00 74.57  ? 38  A   D N9    1 
ATOM   1074 C  C8    . A   D 4 8  ? -1.359  -4.289  -0.689  1.00 73.08  ? 38  A   D C8    1 
ATOM   1075 N  N7    . A   D 4 8  ? -0.977  -3.493  0.288   1.00 68.58  ? 38  A   D N7    1 
ATOM   1076 C  C5    . A   D 4 8  ? -1.935  -2.482  0.280   1.00 72.67  ? 38  A   D C5    1 
ATOM   1077 C  C6    . A   D 4 8  ? -2.103  -1.329  1.071   1.00 77.12  ? 38  A   D C6    1 
ATOM   1078 N  N6    . A   D 4 8  ? -1.283  -0.979  2.071   1.00 76.21  ? 38  A   D N6    1 
ATOM   1079 N  N1    . A   D 4 8  ? -3.161  -0.535  0.795   1.00 80.13  ? 38  A   D N1    1 
ATOM   1080 C  C2    . A   D 4 8  ? -3.985  -0.882  -0.210  1.00 81.16  ? 38  A   D C2    1 
ATOM   1081 N  N3    . A   D 4 8  ? -3.935  -1.933  -1.029  1.00 78.13  ? 38  A   D N3    1 
ATOM   1082 C  C4    . A   D 4 8  ? -2.875  -2.701  -0.717  1.00 75.78  ? 38  A   D C4    1 
ATOM   1083 P  P     . C   D 4 9  ? -5.649  -6.668  -5.474  1.00 91.37  ? 39  C   D P     1 
ATOM   1084 O  OP1   . C   D 4 9  ? -7.087  -6.645  -5.083  1.00 83.93  ? 39  C   D OP1   1 
ATOM   1085 O  OP2   . C   D 4 9  ? -5.029  -7.965  -5.857  1.00 87.53  ? 39  C   D OP2   1 
ATOM   1086 O  "O5'" . C   D 4 9  ? -5.386  -5.588  -6.605  1.00 91.30  ? 39  C   D "O5'" 1 
ATOM   1087 C  "C5'" . C   D 4 9  ? -4.507  -5.859  -7.695  1.00 94.33  ? 39  C   D "C5'" 1 
ATOM   1088 C  "C4'" . C   D 4 9  ? -4.719  -4.876  -8.817  1.00 93.19  ? 39  C   D "C4'" 1 
ATOM   1089 O  "O4'" . C   D 4 9  ? -6.070  -5.057  -9.342  1.00 94.42  ? 39  C   D "O4'" 1 
ATOM   1090 C  "C3'" . C   D 4 9  ? -4.624  -3.408  -8.402  1.00 91.24  ? 39  C   D "C3'" 1 
ATOM   1091 O  "O3'" . C   D 4 9  ? -4.173  -2.626  -9.506  1.00 82.14  ? 39  C   D "O3'" 1 
ATOM   1092 C  "C2'" . C   D 4 9  ? -6.081  -3.065  -8.098  1.00 92.11  ? 39  C   D "C2'" 1 
ATOM   1093 O  "O2'" . C   D 4 9  ? -6.389  -1.687  -8.154  1.00 92.22  ? 39  C   D "O2'" 1 
ATOM   1094 C  "C1'" . C   D 4 9  ? -6.808  -3.858  -9.182  1.00 91.51  ? 39  C   D "C1'" 1 
ATOM   1095 N  N1    . C   D 4 9  ? -8.191  -4.208  -8.829  1.00 93.99  ? 39  C   D N1    1 
ATOM   1096 C  C2    . C   D 4 9  ? -9.247  -4.030  -9.742  1.00 96.01  ? 39  C   D C2    1 
ATOM   1097 O  O2    . C   D 4 9  ? -9.039  -3.601  -10.889 1.00 88.26  ? 39  C   D O2    1 
ATOM   1098 N  N3    . C   D 4 9  ? -10.497 -4.344  -9.347  1.00 99.01  ? 39  C   D N3    1 
ATOM   1099 C  C4    . C   D 4 9  ? -10.713 -4.802  -8.116  1.00 96.25  ? 39  C   D C4    1 
ATOM   1100 N  N4    . C   D 4 9  ? -11.962 -5.104  -7.766  1.00 104.96 ? 39  C   D N4    1 
ATOM   1101 C  C5    . C   D 4 9  ? -9.664  -4.982  -7.177  1.00 99.56  ? 39  C   D C5    1 
ATOM   1102 C  C6    . C   D 4 9  ? -8.426  -4.666  -7.571  1.00 97.13  ? 39  C   D C6    1 
ATOM   1103 P  P     . A   D 4 10 ? -2.635  -2.177  -9.619  1.00 99.79  ? 40  A   D P     1 
ATOM   1104 O  OP1   . A   D 4 10 ? -2.562  -1.161  -10.705 1.00 99.39  ? 40  A   D OP1   1 
ATOM   1105 O  OP2   . A   D 4 10 ? -1.816  -3.422  -9.748  1.00 89.25  ? 40  A   D OP2   1 
ATOM   1106 O  "O5'" . A   D 4 10 ? -2.357  -1.484  -8.205  1.00 90.14  ? 40  A   D "O5'" 1 
ATOM   1107 C  "C5'" . A   D 4 10 ? -3.162  -0.401  -7.742  1.00 84.17  ? 40  A   D "C5'" 1 
ATOM   1108 C  "C4'" . A   D 4 10 ? -2.749  0.032   -6.356  1.00 79.14  ? 40  A   D "C4'" 1 
ATOM   1109 O  "O4'" . A   D 4 10 ? -2.908  -1.077  -5.441  1.00 87.70  ? 40  A   D "O4'" 1 
ATOM   1110 C  "C3'" . A   D 4 10 ? -1.297  0.454   -6.206  1.00 74.92  ? 40  A   D "C3'" 1 
ATOM   1111 O  "O3'" . A   D 4 10 ? -1.111  1.821   -6.484  1.00 81.40  ? 40  A   D "O3'" 1 
ATOM   1112 C  "C2'" . A   D 4 10 ? -0.949  0.082   -4.771  1.00 75.52  ? 40  A   D "C2'" 1 
ATOM   1113 O  "O2'" . A   D 4 10 ? -1.348  1.107   -3.873  1.00 73.51  ? 40  A   D "O2'" 1 
ATOM   1114 C  "C1'" . A   D 4 10 ? -1.831  -1.134  -4.536  1.00 78.93  ? 40  A   D "C1'" 1 
ATOM   1115 N  N9    . A   D 4 10 ? -1.115  -2.402  -4.753  1.00 72.25  ? 40  A   D N9    1 
ATOM   1116 C  C8    . A   D 4 10 ? -1.351  -3.331  -5.736  1.00 74.69  ? 40  A   D C8    1 
ATOM   1117 N  N7    . A   D 4 10 ? -0.586  -4.394  -5.673  1.00 69.41  ? 40  A   D N7    1 
ATOM   1118 C  C5    . A   D 4 10 ? 0.200   -4.144  -4.556  1.00 70.74  ? 40  A   D C5    1 
ATOM   1119 C  C6    . A   D 4 10 ? 1.223   -4.896  -3.949  1.00 72.02  ? 40  A   D C6    1 
ATOM   1120 N  N6    . A   D 4 10 ? 1.639   -6.086  -4.410  1.00 71.70  ? 40  A   D N6    1 
ATOM   1121 N  N1    . A   D 4 10 ? 1.801   -4.367  -2.838  1.00 68.77  ? 40  A   D N1    1 
ATOM   1122 C  C2    . A   D 4 10 ? 1.372   -3.167  -2.398  1.00 70.42  ? 40  A   D C2    1 
ATOM   1123 N  N3    . A   D 4 10 ? 0.421   -2.363  -2.888  1.00 69.90  ? 40  A   D N3    1 
ATOM   1124 C  C4    . A   D 4 10 ? -0.126  -2.925  -3.977  1.00 71.41  ? 40  A   D C4    1 
ATOM   1125 P  P     . U   D 4 11 ? 0.137   2.301   -7.369  1.00 85.91  ? 41  U   D P     1 
ATOM   1126 O  OP1   . U   D 4 11 ? 0.034   3.776   -7.483  1.00 78.83  ? 41  U   D OP1   1 
ATOM   1127 O  OP2   . U   D 4 11 ? 0.155   1.465   -8.610  1.00 71.13  ? 41  U   D OP2   1 
ATOM   1128 O  "O5'" . U   D 4 11 ? 1.370   1.923   -6.458  1.00 77.96  ? 41  U   D "O5'" 1 
ATOM   1129 C  "C5'" . U   D 4 11 ? 1.555   2.547   -5.203  1.00 76.01  ? 41  U   D "C5'" 1 
ATOM   1130 C  "C4'" . U   D 4 11 ? 2.748   1.980   -4.511  1.00 73.67  ? 41  U   D "C4'" 1 
ATOM   1131 O  "O4'" . U   D 4 11 ? 2.580   0.541   -4.418  1.00 74.12  ? 41  U   D "O4'" 1 
ATOM   1132 C  "C3'" . U   D 4 11 ? 4.075   2.203   -5.238  1.00 75.77  ? 41  U   D "C3'" 1 
ATOM   1133 O  "O3'" . U   D 4 11 ? 5.109   2.396   -4.283  1.00 77.74  ? 41  U   D "O3'" 1 
ATOM   1134 C  "C2'" . U   D 4 11 ? 4.292   0.875   -5.951  1.00 73.73  ? 41  U   D "C2'" 1 
ATOM   1135 O  "O2'" . U   D 4 11 ? 5.638   0.574   -6.243  1.00 74.19  ? 41  U   D "O2'" 1 
ATOM   1136 C  "C1'" . U   D 4 11 ? 3.717   -0.096  -4.940  1.00 75.06  ? 41  U   D "C1'" 1 
ATOM   1137 N  N1    . U   D 4 11 ? 3.327   -1.379  -5.525  1.00 73.61  ? 41  U   D N1    1 
ATOM   1138 C  C2    . U   D 4 11 ? 4.101   -2.464  -5.149  1.00 74.79  ? 41  U   D C2    1 
ATOM   1139 O  O2    . U   D 4 11 ? 5.009   -2.399  -4.329  1.00 69.55  ? 41  U   D O2    1 
ATOM   1140 N  N3    . U   D 4 11 ? 3.756   -3.645  -5.741  1.00 72.55  ? 41  U   D N3    1 
ATOM   1141 C  C4    . U   D 4 11 ? 2.761   -3.838  -6.665  1.00 73.56  ? 41  U   D C4    1 
ATOM   1142 O  O4    . U   D 4 11 ? 2.592   -4.975  -7.109  1.00 80.84  ? 41  U   D O4    1 
ATOM   1143 C  C5    . U   D 4 11 ? 2.021   -2.658  -7.010  1.00 76.57  ? 41  U   D C5    1 
ATOM   1144 C  C6    . U   D 4 11 ? 2.323   -1.484  -6.447  1.00 74.58  ? 41  U   D C6    1 
ATOM   1145 P  P     . U   D 4 12 ? 6.425   3.228   -4.666  1.00 77.33  ? 42  U   D P     1 
ATOM   1146 O  OP1   . U   D 4 12 ? 6.067   4.673   -4.574  1.00 71.22  ? 42  U   D OP1   1 
ATOM   1147 O  OP2   . U   D 4 12 ? 6.922   2.694   -5.953  1.00 75.18  ? 42  U   D OP2   1 
ATOM   1148 O  "O5'" . U   D 4 12 ? 7.428   2.839   -3.494  1.00 79.40  ? 42  U   D "O5'" 1 
ATOM   1149 C  "C5'" . U   D 4 12 ? 8.831   2.850   -3.690  1.00 76.89  ? 42  U   D "C5'" 1 
ATOM   1150 C  "C4'" . U   D 4 12 ? 9.416   1.463   -3.605  1.00 80.71  ? 42  U   D "C4'" 1 
ATOM   1151 O  "O4'" . U   D 4 12 ? 8.914   0.787   -2.415  1.00 80.45  ? 42  U   D "O4'" 1 
ATOM   1152 C  "C3'" . U   D 4 12 ? 9.081   0.540   -4.773  1.00 75.90  ? 42  U   D "C3'" 1 
ATOM   1153 O  "O3'" . U   D 4 12 ? 10.144  -0.378  -4.939  1.00 82.13  ? 42  U   D "O3'" 1 
ATOM   1154 C  "C2'" . U   D 4 12 ? 7.896   -0.232  -4.248  1.00 73.72  ? 42  U   D "C2'" 1 
ATOM   1155 O  "O2'" . U   D 4 12 ? 7.690   -1.459  -4.904  1.00 77.29  ? 42  U   D "O2'" 1 
ATOM   1156 C  "C1'" . U   D 4 12 ? 8.326   -0.439  -2.802  1.00 75.67  ? 42  U   D "C1'" 1 
ATOM   1157 N  N1    . U   D 4 12 ? 7.222   -0.738  -1.888  1.00 79.92  ? 42  U   D N1    1 
ATOM   1158 C  C2    . U   D 4 12 ? 7.260   -1.921  -1.157  1.00 82.22  ? 42  U   D C2    1 
ATOM   1159 O  O2    . U   D 4 12 ? 8.157   -2.743  -1.216  1.00 83.29  ? 42  U   D O2    1 
ATOM   1160 N  N3    . U   D 4 12 ? 6.187   -2.123  -0.330  1.00 79.65  ? 42  U   D N3    1 
ATOM   1161 C  C4    . U   D 4 12 ? 5.101   -1.281  -0.176  1.00 82.54  ? 42  U   D C4    1 
ATOM   1162 O  O4    . U   D 4 12 ? 4.195   -1.608  0.598   1.00 80.94  ? 42  U   D O4    1 
ATOM   1163 C  C5    . U   D 4 12 ? 5.141   -0.078  -0.967  1.00 78.49  ? 42  U   D C5    1 
ATOM   1164 C  C6    . U   D 4 12 ? 6.172   0.141   -1.780  1.00 78.55  ? 42  U   D C6    1 
ATOM   1165 P  P     . A   D 4 13 ? 11.088  -0.282  -6.207  1.00 84.14  ? 43  A   D P     1 
ATOM   1166 O  OP1   . A   D 4 13 ? 11.750  1.046   -6.147  1.00 80.67  ? 43  A   D OP1   1 
ATOM   1167 O  OP2   . A   D 4 13 ? 10.254  -0.625  -7.395  1.00 74.59  ? 43  A   D OP2   1 
ATOM   1168 O  "O5'" . A   D 4 13 ? 12.154  -1.428  -5.934  1.00 75.74  ? 43  A   D "O5'" 1 
ATOM   1169 C  "C5'" . A   D 4 13 ? 13.003  -1.370  -4.802  1.00 75.41  ? 43  A   D "C5'" 1 
ATOM   1170 C  "C4'" . A   D 4 13 ? 13.221  -2.740  -4.244  1.00 83.06  ? 43  A   D "C4'" 1 
ATOM   1171 O  "O4'" . A   D 4 13 ? 11.954  -3.278  -3.803  1.00 87.84  ? 43  A   D "O4'" 1 
ATOM   1172 C  "C3'" . A   D 4 13 ? 13.740  -3.761  -5.237  1.00 86.10  ? 43  A   D "C3'" 1 
ATOM   1173 O  "O3'" . A   D 4 13 ? 15.137  -3.736  -5.335  1.00 86.55  ? 43  A   D "O3'" 1 
ATOM   1174 C  "C2'" . A   D 4 13 ? 13.198  -5.079  -4.709  1.00 88.96  ? 43  A   D "C2'" 1 
ATOM   1175 O  "O2'" . A   D 4 13 ? 14.011  -5.563  -3.647  1.00 82.21  ? 43  A   D "O2'" 1 
ATOM   1176 C  "C1'" . A   D 4 13 ? 11.860  -4.643  -4.131  1.00 82.34  ? 43  A   D "C1'" 1 
ATOM   1177 N  N9    . A   D 4 13 ? 10.752  -4.809  -5.083  1.00 82.42  ? 43  A   D N9    1 
ATOM   1178 C  C8    . A   D 4 13 ? 9.843   -3.840  -5.452  1.00 82.00  ? 43  A   D C8    1 
ATOM   1179 N  N7    . A   D 4 13 ? 8.925   -4.266  -6.294  1.00 82.22  ? 43  A   D N7    1 
ATOM   1180 C  C5    . A   D 4 13 ? 9.252   -5.607  -6.477  1.00 85.29  ? 43  A   D C5    1 
ATOM   1181 C  C6    . A   D 4 13 ? 8.658   -6.617  -7.254  1.00 83.72  ? 43  A   D C6    1 
ATOM   1182 N  N6    . A   D 4 13 ? 7.586   -6.400  -8.013  1.00 84.14  ? 43  A   D N6    1 
ATOM   1183 N  N1    . A   D 4 13 ? 9.211   -7.853  -7.219  1.00 85.75  ? 43  A   D N1    1 
ATOM   1184 C  C2    . A   D 4 13 ? 10.300  -8.042  -6.447  1.00 89.67  ? 43  A   D C2    1 
ATOM   1185 N  N3    . A   D 4 13 ? 10.961  -7.176  -5.668  1.00 85.02  ? 43  A   D N3    1 
ATOM   1186 C  C4    . A   D 4 13 ? 10.372  -5.962  -5.729  1.00 87.21  ? 43  A   D C4    1 
ATOM   1187 P  P     . C   D 4 14 ? 15.833  -3.581  -6.759  1.00 97.25  ? 44  C   D P     1 
ATOM   1188 O  OP1   . C   D 4 14 ? 17.277  -3.835  -6.543  1.00 89.08  ? 44  C   D OP1   1 
ATOM   1189 O  OP2   . C   D 4 14 ? 15.407  -2.267  -7.324  1.00 78.00  ? 44  C   D OP2   1 
ATOM   1190 O  "O5'" . C   D 4 14 ? 15.186  -4.772  -7.603  1.00 88.90  ? 44  C   D "O5'" 1 
ATOM   1191 C  "C5'" . C   D 4 14 ? 15.664  -6.105  -7.469  1.00 90.63  ? 44  C   D "C5'" 1 
ATOM   1192 C  "C4'" . C   D 4 14 ? 14.996  -7.029  -8.455  1.00 93.92  ? 44  C   D "C4'" 1 
ATOM   1193 O  "O4'" . C   D 4 14 ? 13.615  -7.244  -8.059  1.00 96.24  ? 44  C   D "O4'" 1 
ATOM   1194 C  "C3'" . C   D 4 14 ? 14.905  -6.513  -9.885  1.00 94.46  ? 44  C   D "C3'" 1 
ATOM   1195 O  "O3'" . C   D 4 14 ? 16.068  -6.766  -10.637 1.00 98.37  ? 44  C   D "O3'" 1 
ATOM   1196 C  "C2'" . C   D 4 14 ? 13.679  -7.216  -10.427 1.00 96.55  ? 44  C   D "C2'" 1 
ATOM   1197 O  "O2'" . C   D 4 14 ? 13.990  -8.560  -10.768 1.00 101.98 ? 44  C   D "O2'" 1 
ATOM   1198 C  "C1'" . C   D 4 14 ? 12.778  -7.216  -9.195  1.00 94.53  ? 44  C   D "C1'" 1 
ATOM   1199 N  N1    . C   D 4 14 ? 11.959  -5.988  -9.129  1.00 89.75  ? 44  C   D N1    1 
ATOM   1200 C  C2    . C   D 4 14 ? 10.864  -5.875  -9.984  1.00 93.92  ? 44  C   D C2    1 
ATOM   1201 O  O2    . C   D 4 14 ? 10.622  -6.820  -10.756 1.00 100.80 ? 44  C   D O2    1 
ATOM   1202 N  N3    . C   D 4 14 ? 10.105  -4.749  -9.947  1.00 90.18  ? 44  C   D N3    1 
ATOM   1203 C  C4    . C   D 4 14 ? 10.412  -3.760  -9.104  1.00 85.17  ? 44  C   D C4    1 
ATOM   1204 N  N4    . C   D 4 14 ? 9.630   -2.673  -9.113  1.00 80.27  ? 44  C   D N4    1 
ATOM   1205 C  C5    . C   D 4 14 ? 11.532  -3.849  -8.216  1.00 87.33  ? 44  C   D C5    1 
ATOM   1206 C  C6    . C   D 4 14 ? 12.273  -4.968  -8.267  1.00 90.28  ? 44  C   D C6    1 
ATOM   1207 P  P     . C   D 4 15 ? 16.592  -5.679  -11.695 1.00 102.06 ? 45  C   D P     1 
ATOM   1208 O  OP1   . C   D 4 15 ? 17.991  -6.041  -12.015 1.00 97.21  ? 45  C   D OP1   1 
ATOM   1209 O  OP2   . C   D 4 15 ? 16.318  -4.339  -11.121 1.00 100.37 ? 45  C   D OP2   1 
ATOM   1210 O  "O5'" . C   D 4 15 ? 15.650  -5.921  -12.957 1.00 89.09  ? 45  C   D "O5'" 1 
ATOM   1211 C  "C5'" . C   D 4 15 ? 15.500  -7.212  -13.511 1.00 95.83  ? 45  C   D "C5'" 1 
ATOM   1212 C  "C4'" . C   D 4 15 ? 14.420  -7.234  -14.551 1.00 100.14 ? 45  C   D "C4'" 1 
ATOM   1213 O  "O4'" . C   D 4 15 ? 13.128  -7.065  -13.915 1.00 100.09 ? 45  C   D "O4'" 1 
ATOM   1214 C  "C3'" . C   D 4 15 ? 14.468  -6.117  -15.579 1.00 106.28 ? 45  C   D "C3'" 1 
ATOM   1215 O  "O3'" . C   D 4 15 ? 15.406  -6.349  -16.615 1.00 112.01 ? 45  C   D "O3'" 1 
ATOM   1216 C  "C2'" . C   D 4 15 ? 13.021  -6.037  -16.058 1.00 104.95 ? 45  C   D "C2'" 1 
ATOM   1217 O  "O2'" . C   D 4 15 ? 12.725  -7.067  -16.991 1.00 102.09 ? 45  C   D "O2'" 1 
ATOM   1218 C  "C1'" . C   D 4 15 ? 12.268  -6.325  -14.762 1.00 104.86 ? 45  C   D "C1'" 1 
ATOM   1219 N  N1    . C   D 4 15 ? 11.900  -5.083  -14.079 1.00 105.79 ? 45  C   D N1    1 
ATOM   1220 C  C2    . C   D 4 15 ? 10.810  -4.381  -14.605 1.00 100.06 ? 45  C   D C2    1 
ATOM   1221 O  O2    . C   D 4 15 ? 10.222  -4.859  -15.593 1.00 99.19  ? 45  C   D O2    1 
ATOM   1222 N  N3    . C   D 4 15 ? 10.443  -3.215  -14.013 1.00 96.04  ? 45  C   D N3    1 
ATOM   1223 C  C4    . C   D 4 15 ? 11.134  -2.764  -12.949 1.00 98.41  ? 45  C   D C4    1 
ATOM   1224 N  N4    . C   D 4 15 ? 10.744  -1.613  -12.388 1.00 90.18  ? 45  C   D N4    1 
ATOM   1225 C  C5    . C   D 4 15 ? 12.261  -3.470  -12.407 1.00 97.32  ? 45  C   D C5    1 
ATOM   1226 C  C6    . C   D 4 15 ? 12.616  -4.620  -13.003 1.00 100.92 ? 45  C   D C6    1 
ATOM   1227 P  P     . U   D 4 16 ? 15.966  -5.119  -17.485 1.00 118.33 ? 46  U   D P     1 
ATOM   1228 O  OP1   . U   D 4 16 ? 16.932  -5.683  -18.459 1.00 120.99 ? 46  U   D OP1   1 
ATOM   1229 O  OP2   . U   D 4 16 ? 16.444  -4.083  -16.527 1.00 101.25 ? 46  U   D OP2   1 
ATOM   1230 O  "O5'" . U   D 4 16 ? 14.664  -4.602  -18.255 1.00 100.74 ? 46  U   D "O5'" 1 
ATOM   1231 C  "C5'" . U   D 4 16 ? 14.107  -5.360  -19.317 1.00 100.46 ? 46  U   D "C5'" 1 
ATOM   1232 C  "C4'" . U   D 4 16 ? 13.016  -4.608  -20.041 1.00 104.64 ? 46  U   D "C4'" 1 
ATOM   1233 O  "O4'" . U   D 4 16 ? 11.902  -4.363  -19.143 1.00 106.45 ? 46  U   D "O4'" 1 
ATOM   1234 C  "C3'" . U   D 4 16 ? 13.371  -3.221  -20.561 1.00 105.54 ? 46  U   D "C3'" 1 
ATOM   1235 O  "O3'" . U   D 4 16 ? 14.099  -3.245  -21.770 1.00 110.21 ? 46  U   D "O3'" 1 
ATOM   1236 C  "C2'" . U   D 4 16 ? 12.006  -2.570  -20.692 1.00 105.57 ? 46  U   D "C2'" 1 
ATOM   1237 O  "O2'" . U   D 4 16 ? 11.322  -3.060  -21.837 1.00 103.86 ? 46  U   D "O2'" 1 
ATOM   1238 C  "C1'" . U   D 4 16 ? 11.314  -3.111  -19.443 1.00 105.36 ? 46  U   D "C1'" 1 
ATOM   1239 N  N1    . U   D 4 16 ? 11.525  -2.220  -18.294 1.00 103.11 ? 46  U   D N1    1 
ATOM   1240 C  C2    . U   D 4 16 ? 10.734  -1.090  -18.191 1.00 100.72 ? 46  U   D C2    1 
ATOM   1241 O  O2    . U   D 4 16 ? 9.857   -0.814  -19.002 1.00 100.19 ? 46  U   D O2    1 
ATOM   1242 N  N3    . U   D 4 16 ? 11.016  -0.306  -17.095 1.00 99.27  ? 46  U   D N3    1 
ATOM   1243 C  C4    . U   D 4 16 ? 11.987  -0.534  -16.127 1.00 102.27 ? 46  U   D C4    1 
ATOM   1244 O  O4    . U   D 4 16 ? 12.132  0.259   -15.189 1.00 93.88  ? 46  U   D O4    1 
ATOM   1245 C  C5    . U   D 4 16 ? 12.762  -1.725  -16.325 1.00 104.68 ? 46  U   D C5    1 
ATOM   1246 C  C6    . U   D 4 16 ? 12.512  -2.505  -17.381 1.00 104.65 ? 46  U   D C6    1 
ATOM   1247 P  P     . G   D 4 17 ? 15.110  -2.047  -22.124 1.00 112.62 ? 47  G   D P     1 
ATOM   1248 O  OP1   . G   D 4 17 ? 15.841  -2.452  -23.347 1.00 121.72 ? 47  G   D OP1   1 
ATOM   1249 O  OP2   . G   D 4 17 ? 15.889  -1.748  -20.895 1.00 100.51 ? 47  G   D OP2   1 
ATOM   1250 O  "O5'" . G   D 4 17 ? 14.129  -0.840  -22.458 1.00 96.19  ? 47  G   D "O5'" 1 
ATOM   1251 C  "C5'" . G   D 4 17 ? 13.415  -0.806  -23.680 1.00 97.37  ? 47  G   D "C5'" 1 
ATOM   1252 C  "C4'" . G   D 4 17 ? 12.386  0.294   -23.693 1.00 101.83 ? 47  G   D "C4'" 1 
ATOM   1253 O  "O4'" . G   D 4 17 ? 11.561  0.213   -22.497 1.00 106.65 ? 47  G   D "O4'" 1 
ATOM   1254 C  "C3'" . G   D 4 17 ? 12.919  1.722   -23.681 1.00 97.73  ? 47  G   D "C3'" 1 
ATOM   1255 O  "O3'" . G   D 4 17 ? 13.346  2.169   -24.962 1.00 92.97  ? 47  G   D "O3'" 1 
ATOM   1256 C  "C2'" . G   D 4 17 ? 11.730  2.498   -23.119 1.00 103.48 ? 47  G   D "C2'" 1 
ATOM   1257 O  "O2'" . G   D 4 17 ? 10.724  2.668   -24.107 1.00 96.41  ? 47  G   D "O2'" 1 
ATOM   1258 C  "C1'" . G   D 4 17 ? 11.204  1.513   -22.068 1.00 105.02 ? 47  G   D "C1'" 1 
ATOM   1259 N  N9    . G   D 4 17 ? 11.807  1.755   -20.736 1.00 102.49 ? 47  G   D N9    1 
ATOM   1260 C  C8    . G   D 4 17 ? 12.781  0.999   -20.113 1.00 103.85 ? 47  G   D C8    1 
ATOM   1261 N  N7    . G   D 4 17 ? 13.145  1.458   -18.943 1.00 100.86 ? 47  G   D N7    1 
ATOM   1262 C  C5    . G   D 4 17 ? 12.365  2.599   -18.776 1.00 101.79 ? 47  G   D C5    1 
ATOM   1263 C  C6    . G   D 4 17 ? 12.319  3.523   -17.689 1.00 100.81 ? 47  G   D C6    1 
ATOM   1264 O  O6    . G   D 4 17 ? 12.991  3.509   -16.639 1.00 97.56  ? 47  G   D O6    1 
ATOM   1265 N  N1    . G   D 4 17 ? 11.383  4.534   -17.926 1.00 94.21  ? 47  G   D N1    1 
ATOM   1266 C  C2    . G   D 4 17 ? 10.611  4.635   -19.063 1.00 93.62  ? 47  G   D C2    1 
ATOM   1267 N  N2    . G   D 4 17 ? 9.777   5.678   -19.114 1.00 93.73  ? 47  G   D N2    1 
ATOM   1268 N  N3    . G   D 4 17 ? 10.644  3.787   -20.079 1.00 91.63  ? 47  G   D N3    1 
ATOM   1269 C  C4    . G   D 4 17 ? 11.535  2.795   -19.871 1.00 97.26  ? 47  G   D C4    1 
ATOM   1270 P  P     . C   D 4 18 ? 14.524  3.273   -25.114 1.00 108.50 ? 48  C   D P     1 
ATOM   1271 O  OP1   . C   D 4 18 ? 14.852  3.359   -26.552 1.00 113.70 ? 48  C   D OP1   1 
ATOM   1272 O  OP2   . C   D 4 18 ? 15.612  2.920   -24.164 1.00 92.47  ? 48  C   D OP2   1 
ATOM   1273 O  "O5'" . C   D 4 18 ? 13.808  4.616   -24.652 1.00 105.30 ? 48  C   D "O5'" 1 
ATOM   1274 C  "C5'" . C   D 4 18 ? 12.692  5.128   -25.369 1.00 96.95  ? 48  C   D "C5'" 1 
ATOM   1275 C  "C4'" . C   D 4 18 ? 12.195  6.415   -24.766 1.00 99.25  ? 48  C   D "C4'" 1 
ATOM   1276 O  "O4'" . C   D 4 18 ? 11.510  6.133   -23.512 1.00 104.84 ? 48  C   D "O4'" 1 
ATOM   1277 C  "C3'" . C   D 4 18 ? 13.268  7.420   -24.371 1.00 101.31 ? 48  C   D "C3'" 1 
ATOM   1278 O  "O3'" . C   D 4 18 ? 13.758  8.180   -25.453 1.00 92.59  ? 48  C   D "O3'" 1 
ATOM   1279 C  "C2'" . C   D 4 18 ? 12.564  8.241   -23.302 1.00 104.02 ? 48  C   D "C2'" 1 
ATOM   1280 O  "O2'" . C   D 4 18 ? 11.603  9.115   -23.881 1.00 95.63  ? 48  C   D "O2'" 1 
ATOM   1281 C  "C1'" . C   D 4 18 ? 11.824  7.134   -22.558 1.00 106.43 ? 48  C   D "C1'" 1 
ATOM   1282 N  N1    . C   D 4 18 ? 12.686  6.532   -21.510 1.00 100.36 ? 48  C   D N1    1 
ATOM   1283 C  C2    . C   D 4 18 ? 12.861  7.216   -20.298 1.00 101.84 ? 48  C   D C2    1 
ATOM   1284 O  O2    . C   D 4 18 ? 12.253  8.287   -20.137 1.00 103.07 ? 48  C   D O2    1 
ATOM   1285 N  N3    . C   D 4 18 ? 13.674  6.700   -19.336 1.00 98.75  ? 48  C   D N3    1 
ATOM   1286 C  C4    . C   D 4 18 ? 14.303  5.542   -19.559 1.00 99.05  ? 48  C   D C4    1 
ATOM   1287 N  N4    . C   D 4 18 ? 15.088  5.047   -18.600 1.00 95.45  ? 48  C   D N4    1 
ATOM   1288 C  C5    . C   D 4 18 ? 14.148  4.832   -20.790 1.00 102.09 ? 48  C   D C5    1 
ATOM   1289 C  C6    . C   D 4 18 ? 13.348  5.356   -21.730 1.00 98.79  ? 48  C   D C6    1 
ATOM   1290 P  P     . C   D 4 19 ? 15.338  8.448   -25.592 1.00 104.06 ? 49  C   D P     1 
ATOM   1291 O  OP1   . C   D 4 19 ? 15.612  8.647   -27.028 1.00 106.59 ? 49  C   D OP1   1 
ATOM   1292 O  OP2   . C   D 4 19 ? 16.042  7.349   -24.872 1.00 101.76 ? 49  C   D OP2   1 
ATOM   1293 O  "O5'" . C   D 4 19 ? 15.530  9.820   -24.809 1.00 96.96  ? 49  C   D "O5'" 1 
ATOM   1294 C  "C5'" . C   D 4 19 ? 14.488  10.786  -24.783 1.00 95.36  ? 49  C   D "C5'" 1 
ATOM   1295 C  "C4'" . C   D 4 19 ? 14.539  11.618  -23.530 1.00 95.32  ? 49  C   D "C4'" 1 
ATOM   1296 O  "O4'" . C   D 4 19 ? 13.999  10.861  -22.413 1.00 101.08 ? 49  C   D "O4'" 1 
ATOM   1297 C  "C3'" . C   D 4 19 ? 15.924  12.018  -23.055 1.00 90.66  ? 49  C   D "C3'" 1 
ATOM   1298 O  "O3'" . C   D 4 19 ? 16.456  13.115  -23.768 1.00 92.49  ? 49  C   D "O3'" 1 
ATOM   1299 C  "C2'" . C   D 4 19 ? 15.686  12.306  -21.585 1.00 92.90  ? 49  C   D "C2'" 1 
ATOM   1300 O  "O2'" . C   D 4 19 ? 15.014  13.545  -21.423 1.00 91.63  ? 49  C   D "O2'" 1 
ATOM   1301 C  "C1'" . C   D 4 19 ? 14.708  11.187  -21.230 1.00 99.08  ? 49  C   D "C1'" 1 
ATOM   1302 N  N1    . C   D 4 19 ? 15.416  9.973   -20.740 1.00 100.66 ? 49  C   D N1    1 
ATOM   1303 C  C2    . C   D 4 19 ? 16.009  10.017  -19.468 1.00 98.54  ? 49  C   D C2    1 
ATOM   1304 O  O2    . C   D 4 19 ? 15.908  11.054  -18.795 1.00 98.08  ? 49  C   D O2    1 
ATOM   1305 N  N3    . C   D 4 19 ? 16.682  8.944   -18.989 1.00 95.52  ? 49  C   D N3    1 
ATOM   1306 C  C4    . C   D 4 19 ? 16.775  7.841   -19.725 1.00 97.19  ? 49  C   D C4    1 
ATOM   1307 N  N4    . C   D 4 19 ? 17.447  6.809   -19.209 1.00 95.99  ? 49  C   D N4    1 
ATOM   1308 C  C5    . C   D 4 19 ? 16.185  7.755   -21.023 1.00 99.73  ? 49  C   D C5    1 
ATOM   1309 C  C6    . C   D 4 19 ? 15.527  8.831   -21.488 1.00 101.07 ? 49  C   D C6    1 
HETATM 1310 S  S     . SO4 E 5 .  ? 9.353   7.490   8.551   0.69 110.41 ? 101 SO4 A S     1 
HETATM 1311 O  O1    . SO4 E 5 .  ? 8.353   7.187   7.517   0.69 95.47  ? 101 SO4 A O1    1 
HETATM 1312 O  O2    . SO4 E 5 .  ? 10.017  8.767   8.230   0.69 86.69  ? 101 SO4 A O2    1 
HETATM 1313 O  O3    . SO4 E 5 .  ? 10.346  6.415   8.612   0.69 92.49  ? 101 SO4 A O3    1 
HETATM 1314 O  O4    . SO4 E 5 .  ? 8.692   7.555   9.862   0.69 96.69  ? 101 SO4 A O4    1 
HETATM 1315 MG MG    . MG  F 6 .  ? 10.519  2.005   8.158   1.00 113.81 ? 101 MG  B MG    1 
HETATM 1316 O  O     . HOH G 7 .  ? 11.771  1.902   9.892   1.00 91.63  ? 201 HOH A O     1 
HETATM 1317 O  O     . HOH G 7 .  ? 11.344  3.883   7.729   1.00 92.25  ? 202 HOH A O     1 
HETATM 1318 O  O     . HOH H 7 .  ? 8.985   2.970   9.281   1.00 98.73  ? 201 HOH B O     1 
HETATM 1319 O  O     . HOH H 7 .  ? 9.656   0.057   8.614   1.00 93.57  ? 202 HOH B O     1 
HETATM 1320 O  O     . HOH H 7 .  ? 9.328   2.108   6.532   1.00 87.40  ? 203 HOH B O     1 
HETATM 1321 O  O     . HOH H 7 .  ? 12.069  1.053   6.942   1.00 88.28  ? 204 HOH B O     1 
# 
